data_9BIH
#
_entry.id   9BIH
#
_cell.length_a   1.00
_cell.length_b   1.00
_cell.length_c   1.00
_cell.angle_alpha   90.00
_cell.angle_beta   90.00
_cell.angle_gamma   90.00
#
_symmetry.space_group_name_H-M   'P 1'
#
loop_
_entity.id
_entity.type
_entity.pdbx_description
1 polymer 'Uridylate-specific endoribonuclease nsp15'
2 polymer 'RNA (35-mer)'
3 polymer 'RNA (34-mer)'
#
loop_
_entity_poly.entity_id
_entity_poly.type
_entity_poly.pdbx_seq_one_letter_code
_entity_poly.pdbx_strand_id
1 'polypeptide(L)'
;SLEMSLENVAFNVVNKGHFDGQQGEVPVSIINNTVYTKVDGVDVELFENKTTLPVNVAFELWAKRNIKPVPEVKILNNLG
VDIAANTVIWDYKRDAPAHISTIGVCSMTDIAKKPTETICAPLTVFFDGRVDGQVDLFRNARNGVLITEGSVKGLQPSVG
PKQASLNGVTLIGEAVKTQFNYYKKVDGVVQQLPETYFTQSRNLQEFKPRSQMEIDFLELAMDEFIERYKLEGYAFEAIV
YGDFSHSQLGGLHLLIGLAKRFKESPFELEDFIPMDSTVKNYFITDAQTGSSKCVCSVIDLLLDDFVEIIKSQDLSVVSK
VVKVTIDYTEISFMLWCKDGHVETFYPKLQ
;
A,B,C,D,E,F
2 'polyribonucleotide' UUUAGAUUUCAUCUAAACGAACAAACUAAAAUGUC G
3 'polyribonucleotide' GACAUUUUAGUUUGUUCGUUUGAUGAAAUCUAAA H
#
# COMPACT_ATOMS: atom_id res chain seq x y z
CA LEU A 2 -20.04 -14.03 -23.32
C LEU A 2 -19.80 -12.87 -22.36
N GLU A 3 -19.27 -13.20 -21.19
CA GLU A 3 -18.99 -12.21 -20.15
C GLU A 3 -17.50 -12.24 -19.84
N MET A 4 -16.91 -11.06 -19.65
CA MET A 4 -15.51 -10.92 -19.28
C MET A 4 -15.45 -10.05 -18.03
N SER A 5 -15.43 -10.69 -16.86
CA SER A 5 -15.47 -9.92 -15.62
C SER A 5 -14.75 -10.66 -14.51
N LEU A 6 -14.35 -9.88 -13.51
CA LEU A 6 -13.58 -10.40 -12.39
C LEU A 6 -14.38 -11.41 -11.58
N GLU A 7 -15.70 -11.27 -11.57
CA GLU A 7 -16.53 -12.20 -10.83
C GLU A 7 -16.74 -13.49 -11.59
N ASN A 8 -16.84 -13.43 -12.91
CA ASN A 8 -16.93 -14.64 -13.70
C ASN A 8 -15.62 -15.40 -13.69
N VAL A 9 -14.50 -14.68 -13.81
CA VAL A 9 -13.19 -15.31 -13.76
C VAL A 9 -12.99 -16.01 -12.44
N ALA A 10 -13.38 -15.36 -11.34
CA ALA A 10 -13.23 -15.99 -10.04
C ALA A 10 -14.20 -17.13 -9.84
N PHE A 11 -15.37 -17.07 -10.45
CA PHE A 11 -16.28 -18.21 -10.44
C PHE A 11 -15.64 -19.41 -11.09
N ASN A 12 -15.01 -19.21 -12.24
CA ASN A 12 -14.33 -20.31 -12.91
C ASN A 12 -13.16 -20.82 -12.08
N VAL A 13 -12.41 -19.92 -11.46
CA VAL A 13 -11.29 -20.35 -10.64
C VAL A 13 -11.78 -21.21 -9.48
N VAL A 14 -12.84 -20.77 -8.80
CA VAL A 14 -13.33 -21.49 -7.64
C VAL A 14 -13.90 -22.85 -8.05
N ASN A 15 -14.68 -22.89 -9.12
CA ASN A 15 -15.32 -24.14 -9.50
C ASN A 15 -14.36 -25.10 -10.17
N LYS A 16 -13.46 -24.60 -11.02
CA LYS A 16 -12.71 -25.45 -11.93
C LYS A 16 -11.20 -25.26 -11.85
N GLY A 17 -10.71 -24.38 -11.00
CA GLY A 17 -9.27 -24.24 -10.83
C GLY A 17 -8.62 -23.24 -11.75
N HIS A 18 -9.10 -23.16 -12.98
CA HIS A 18 -8.60 -22.21 -13.96
C HIS A 18 -9.80 -21.58 -14.63
N PHE A 19 -9.56 -20.89 -15.75
CA PHE A 19 -10.63 -20.29 -16.53
C PHE A 19 -11.03 -21.26 -17.63
N ASP A 20 -12.18 -21.90 -17.46
CA ASP A 20 -12.75 -22.80 -18.44
C ASP A 20 -13.81 -22.15 -19.31
N GLY A 21 -14.19 -20.91 -19.01
CA GLY A 21 -15.22 -20.25 -19.77
C GLY A 21 -16.64 -20.54 -19.33
N GLN A 22 -16.84 -21.03 -18.11
CA GLN A 22 -18.18 -21.28 -17.61
C GLN A 22 -18.88 -19.95 -17.31
N GLN A 23 -20.18 -20.05 -17.05
CA GLN A 23 -21.02 -18.89 -16.79
C GLN A 23 -21.41 -18.84 -15.33
N GLY A 24 -21.24 -17.69 -14.71
CA GLY A 24 -21.58 -17.54 -13.31
C GLY A 24 -20.72 -16.47 -12.69
N GLU A 25 -20.98 -16.22 -11.40
CA GLU A 25 -20.30 -15.17 -10.67
C GLU A 25 -20.18 -15.54 -9.21
N VAL A 26 -19.20 -14.94 -8.54
CA VAL A 26 -19.04 -15.07 -7.10
C VAL A 26 -18.68 -13.72 -6.51
N PRO A 27 -18.97 -13.51 -5.22
CA PRO A 27 -18.51 -12.30 -4.55
C PRO A 27 -16.99 -12.25 -4.47
N VAL A 28 -16.41 -11.12 -4.88
CA VAL A 28 -14.97 -10.95 -4.97
C VAL A 28 -14.57 -9.66 -4.27
N SER A 29 -13.56 -9.73 -3.42
CA SER A 29 -13.03 -8.57 -2.74
C SER A 29 -11.56 -8.42 -3.09
N ILE A 30 -11.12 -7.19 -3.32
CA ILE A 30 -9.74 -6.90 -3.68
C ILE A 30 -9.15 -6.00 -2.61
N ILE A 31 -8.20 -6.53 -1.85
CA ILE A 31 -7.47 -5.78 -0.85
C ILE A 31 -5.99 -6.01 -1.10
N ASN A 32 -5.20 -4.96 -1.00
CA ASN A 32 -3.75 -5.00 -1.25
C ASN A 32 -3.56 -5.48 -2.69
N ASN A 33 -2.63 -6.39 -2.94
CA ASN A 33 -2.48 -7.07 -4.21
C ASN A 33 -3.07 -8.47 -4.15
N THR A 34 -4.21 -8.63 -3.51
CA THR A 34 -4.76 -9.95 -3.28
C THR A 34 -6.22 -9.94 -3.67
N VAL A 35 -6.66 -11.03 -4.28
CA VAL A 35 -8.06 -11.23 -4.63
C VAL A 35 -8.63 -12.22 -3.64
N TYR A 36 -9.64 -11.80 -2.90
CA TYR A 36 -10.31 -12.63 -1.92
C TYR A 36 -11.69 -12.98 -2.41
N THR A 37 -12.15 -14.19 -2.13
CA THR A 37 -13.51 -14.58 -2.39
C THR A 37 -14.16 -15.04 -1.10
N LYS A 38 -15.45 -14.76 -0.98
CA LYS A 38 -16.20 -15.07 0.23
C LYS A 38 -16.85 -16.42 0.08
N VAL A 39 -16.40 -17.39 0.88
CA VAL A 39 -16.99 -18.72 0.92
C VAL A 39 -17.50 -18.94 2.33
N ASP A 40 -18.81 -19.15 2.46
CA ASP A 40 -19.46 -19.44 3.74
C ASP A 40 -19.21 -18.33 4.76
N GLY A 41 -19.36 -17.08 4.33
CA GLY A 41 -19.31 -15.96 5.24
C GLY A 41 -17.93 -15.45 5.57
N VAL A 42 -16.88 -16.11 5.09
CA VAL A 42 -15.51 -15.68 5.35
C VAL A 42 -14.77 -15.56 4.05
N ASP A 43 -13.76 -14.69 4.02
CA ASP A 43 -13.01 -14.42 2.81
C ASP A 43 -11.83 -15.37 2.70
N VAL A 44 -11.60 -15.86 1.48
CA VAL A 44 -10.56 -16.84 1.17
C VAL A 44 -9.66 -16.24 0.11
N GLU A 45 -8.36 -16.29 0.34
CA GLU A 45 -7.41 -15.70 -0.59
C GLU A 45 -7.30 -16.54 -1.86
N LEU A 46 -7.68 -15.96 -2.99
CA LEU A 46 -7.66 -16.67 -4.27
C LEU A 46 -6.34 -16.51 -5.00
N PHE A 47 -5.75 -15.32 -4.99
CA PHE A 47 -4.59 -15.07 -5.82
C PHE A 47 -3.87 -13.83 -5.30
N GLU A 48 -2.61 -13.99 -4.94
CA GLU A 48 -1.78 -12.90 -4.50
C GLU A 48 -0.93 -12.42 -5.66
N ASN A 49 -1.05 -11.15 -5.99
CA ASN A 49 -0.41 -10.60 -7.18
C ASN A 49 1.07 -10.39 -6.91
N LYS A 50 1.91 -11.06 -7.68
CA LYS A 50 3.35 -10.92 -7.59
C LYS A 50 3.94 -10.16 -8.75
N THR A 51 3.11 -9.63 -9.64
CA THR A 51 3.59 -9.00 -10.85
C THR A 51 3.62 -7.50 -10.68
N THR A 52 3.88 -6.81 -11.79
CA THR A 52 3.85 -5.37 -11.86
C THR A 52 2.58 -4.84 -12.51
N LEU A 53 1.62 -5.71 -12.74
CA LEU A 53 0.32 -5.43 -13.33
C LEU A 53 -0.71 -5.18 -12.24
N PRO A 54 -1.83 -4.55 -12.57
CA PRO A 54 -2.92 -4.42 -11.61
C PRO A 54 -3.46 -5.78 -11.19
N VAL A 55 -4.04 -5.82 -10.00
CA VAL A 55 -4.41 -7.09 -9.38
C VAL A 55 -5.42 -7.84 -10.24
N ASN A 56 -6.45 -7.14 -10.72
CA ASN A 56 -7.48 -7.84 -11.47
C ASN A 56 -6.97 -8.26 -12.84
N VAL A 57 -6.06 -7.48 -13.43
CA VAL A 57 -5.46 -7.87 -14.69
C VAL A 57 -4.61 -9.12 -14.53
N ALA A 58 -3.78 -9.15 -13.49
CA ALA A 58 -2.92 -10.30 -13.26
C ALA A 58 -3.73 -11.51 -12.87
N PHE A 59 -4.83 -11.32 -12.15
CA PHE A 59 -5.70 -12.44 -11.81
C PHE A 59 -6.40 -12.99 -13.05
N GLU A 60 -6.78 -12.12 -13.98
CA GLU A 60 -7.40 -12.59 -15.21
C GLU A 60 -6.39 -13.32 -16.07
N LEU A 61 -5.16 -12.84 -16.13
CA LEU A 61 -4.13 -13.54 -16.90
C LEU A 61 -3.79 -14.87 -16.27
N TRP A 62 -3.60 -14.90 -14.95
CA TRP A 62 -3.25 -16.13 -14.26
C TRP A 62 -4.34 -17.18 -14.41
N ALA A 63 -5.60 -16.77 -14.34
CA ALA A 63 -6.69 -17.71 -14.52
C ALA A 63 -6.68 -18.29 -15.91
N LYS A 64 -6.39 -17.48 -16.91
CA LYS A 64 -6.42 -17.90 -18.30
C LYS A 64 -5.09 -18.42 -18.79
N ARG A 65 -4.22 -18.86 -17.88
CA ARG A 65 -2.93 -19.40 -18.28
C ARG A 65 -3.11 -20.71 -19.03
N ASN A 66 -2.04 -21.15 -19.66
CA ASN A 66 -2.05 -22.38 -20.43
C ASN A 66 -1.78 -23.57 -19.51
N ILE A 67 -2.66 -24.56 -19.53
CA ILE A 67 -2.51 -25.74 -18.68
C ILE A 67 -1.95 -26.94 -19.41
N LYS A 68 -1.84 -26.88 -20.73
CA LYS A 68 -1.23 -27.95 -21.49
C LYS A 68 0.29 -27.85 -21.38
N PRO A 69 1.01 -28.90 -21.78
CA PRO A 69 2.47 -28.78 -21.83
C PRO A 69 2.90 -27.73 -22.84
N VAL A 70 3.73 -26.79 -22.38
CA VAL A 70 4.20 -25.70 -23.22
C VAL A 70 5.73 -25.68 -23.15
N PRO A 71 6.39 -25.10 -24.15
CA PRO A 71 7.84 -24.98 -24.07
C PRO A 71 8.25 -24.15 -22.87
N GLU A 72 9.43 -24.43 -22.36
CA GLU A 72 9.96 -23.63 -21.27
C GLU A 72 10.22 -22.22 -21.75
N VAL A 73 10.16 -21.28 -20.83
CA VAL A 73 10.19 -19.87 -21.22
C VAL A 73 11.53 -19.49 -21.78
N LYS A 74 12.60 -20.16 -21.36
CA LYS A 74 13.91 -19.84 -21.92
C LYS A 74 13.97 -20.17 -23.40
N ILE A 75 13.30 -21.24 -23.84
CA ILE A 75 13.30 -21.58 -25.26
C ILE A 75 12.59 -20.49 -26.04
N LEU A 76 11.49 -19.96 -25.52
CA LEU A 76 10.76 -18.92 -26.22
C LEU A 76 11.53 -17.61 -26.24
N ASN A 77 12.21 -17.28 -25.14
CA ASN A 77 13.05 -16.09 -25.15
C ASN A 77 14.17 -16.21 -26.16
N ASN A 78 14.81 -17.38 -26.22
CA ASN A 78 15.93 -17.55 -27.13
C ASN A 78 15.48 -17.54 -28.59
N LEU A 79 14.33 -18.12 -28.89
CA LEU A 79 13.79 -18.02 -30.24
C LEU A 79 13.22 -16.65 -30.55
N GLY A 80 13.11 -15.78 -29.55
CA GLY A 80 12.72 -14.41 -29.78
C GLY A 80 11.25 -14.11 -29.71
N VAL A 81 10.45 -14.99 -29.09
CA VAL A 81 9.01 -14.80 -29.07
C VAL A 81 8.67 -13.55 -28.28
N ASP A 82 7.85 -12.69 -28.87
CA ASP A 82 7.42 -11.45 -28.26
C ASP A 82 6.02 -11.52 -27.67
N ILE A 83 5.16 -12.38 -28.20
CA ILE A 83 3.76 -12.42 -27.81
C ILE A 83 3.23 -13.81 -28.15
N ALA A 84 2.11 -14.17 -27.56
CA ALA A 84 1.49 -15.47 -27.81
C ALA A 84 0.10 -15.28 -28.38
N ALA A 85 -0.24 -16.12 -29.35
CA ALA A 85 -1.51 -16.03 -30.06
C ALA A 85 -2.60 -16.71 -29.24
N ASN A 86 -3.53 -15.92 -28.73
CA ASN A 86 -4.75 -16.40 -28.08
C ASN A 86 -4.47 -17.28 -26.86
N THR A 87 -3.41 -16.98 -26.12
CA THR A 87 -3.10 -17.76 -24.93
C THR A 87 -2.16 -16.95 -24.04
N VAL A 88 -2.07 -17.36 -22.79
CA VAL A 88 -1.17 -16.76 -21.82
C VAL A 88 -0.17 -17.83 -21.42
N ILE A 89 1.10 -17.52 -21.55
CA ILE A 89 2.17 -18.39 -21.09
C ILE A 89 2.64 -17.83 -19.76
N TRP A 90 2.56 -18.65 -18.72
CA TRP A 90 2.86 -18.21 -17.37
C TRP A 90 4.29 -18.55 -17.05
N ASP A 91 5.00 -17.64 -16.39
CA ASP A 91 6.38 -17.84 -15.98
C ASP A 91 6.37 -18.16 -14.50
N TYR A 92 6.46 -19.44 -14.17
CA TYR A 92 6.42 -19.82 -12.76
C TYR A 92 7.73 -19.53 -12.04
N LYS A 93 8.80 -19.23 -12.78
CA LYS A 93 10.05 -18.86 -12.14
C LYS A 93 9.97 -17.49 -11.50
N ARG A 94 9.04 -16.65 -11.95
CA ARG A 94 8.88 -15.33 -11.36
C ARG A 94 7.42 -14.96 -11.12
N ASP A 95 6.49 -15.90 -11.30
CA ASP A 95 5.07 -15.71 -10.96
C ASP A 95 4.49 -14.49 -11.66
N ALA A 96 4.65 -14.44 -12.97
CA ALA A 96 4.20 -13.33 -13.77
C ALA A 96 4.04 -13.82 -15.19
N PRO A 97 3.24 -13.14 -16.00
CA PRO A 97 3.12 -13.58 -17.40
C PRO A 97 4.44 -13.50 -18.11
N ALA A 98 4.68 -14.46 -19.00
CA ALA A 98 5.94 -14.49 -19.70
C ALA A 98 6.08 -13.36 -20.71
N HIS A 99 4.98 -12.79 -21.17
CA HIS A 99 5.00 -11.78 -22.20
C HIS A 99 4.18 -10.57 -21.80
N ILE A 100 4.60 -9.41 -22.28
CA ILE A 100 4.07 -8.15 -21.79
C ILE A 100 2.62 -7.94 -22.23
N SER A 101 2.31 -8.25 -23.48
CA SER A 101 0.98 -8.02 -24.03
C SER A 101 0.37 -9.33 -24.51
N THR A 102 -0.92 -9.31 -24.78
CA THR A 102 -1.66 -10.50 -25.18
C THR A 102 -2.45 -10.22 -26.45
N ILE A 103 -2.79 -11.29 -27.14
CA ILE A 103 -3.61 -11.25 -28.35
C ILE A 103 -4.92 -11.95 -28.02
N GLY A 104 -6.00 -11.19 -27.95
CA GLY A 104 -7.32 -11.78 -27.75
C GLY A 104 -7.48 -12.55 -26.44
N VAL A 105 -6.95 -12.02 -25.36
CA VAL A 105 -7.11 -12.66 -24.07
C VAL A 105 -7.77 -11.72 -23.08
N CYS A 106 -7.09 -10.63 -22.74
CA CYS A 106 -7.53 -9.70 -21.73
C CYS A 106 -7.72 -8.35 -22.37
N SER A 107 -8.89 -7.74 -22.19
CA SER A 107 -9.14 -6.45 -22.81
C SER A 107 -8.17 -5.38 -22.31
N MET A 108 -7.66 -5.52 -21.10
CA MET A 108 -6.74 -4.52 -20.57
C MET A 108 -5.35 -4.63 -21.16
N THR A 109 -4.93 -5.82 -21.58
CA THR A 109 -3.61 -6.02 -22.13
C THR A 109 -3.61 -6.37 -23.61
N ASP A 110 -4.77 -6.55 -24.21
CA ASP A 110 -4.83 -6.89 -25.62
C ASP A 110 -4.25 -5.77 -26.47
N ILE A 111 -3.38 -6.12 -27.41
CA ILE A 111 -3.05 -5.21 -28.49
C ILE A 111 -3.87 -5.53 -29.73
N ALA A 112 -4.39 -6.75 -29.85
CA ALA A 112 -5.26 -7.12 -30.96
C ALA A 112 -6.10 -8.30 -30.48
N LYS A 113 -7.21 -8.53 -31.18
CA LYS A 113 -8.03 -9.69 -30.88
C LYS A 113 -7.68 -10.90 -31.73
N LYS A 114 -6.91 -10.71 -32.80
CA LYS A 114 -6.41 -11.79 -33.63
C LYS A 114 -4.98 -11.50 -34.02
N PRO A 115 -4.17 -12.53 -34.25
CA PRO A 115 -2.77 -12.30 -34.61
C PRO A 115 -2.57 -11.82 -36.03
N THR A 116 -3.64 -11.74 -36.82
CA THR A 116 -3.54 -11.33 -38.21
C THR A 116 -3.63 -9.82 -38.39
N GLU A 117 -3.85 -9.07 -37.32
CA GLU A 117 -3.95 -7.63 -37.44
C GLU A 117 -2.56 -7.02 -37.65
N THR A 118 -2.55 -5.79 -38.20
CA THR A 118 -1.30 -5.20 -38.65
C THR A 118 -0.38 -4.80 -37.51
N ILE A 119 -0.88 -4.79 -36.27
CA ILE A 119 -0.01 -4.49 -35.15
C ILE A 119 0.81 -5.70 -34.76
N CYS A 120 0.41 -6.89 -35.19
CA CYS A 120 1.14 -8.10 -34.90
C CYS A 120 2.14 -8.45 -35.97
N ALA A 121 2.23 -7.68 -37.05
CA ALA A 121 3.18 -7.98 -38.11
C ALA A 121 4.63 -7.87 -37.66
N PRO A 122 5.09 -6.80 -36.99
CA PRO A 122 6.49 -6.80 -36.56
C PRO A 122 6.73 -7.45 -35.21
N LEU A 123 6.14 -8.60 -34.94
CA LEU A 123 6.34 -9.30 -33.67
C LEU A 123 6.36 -10.79 -33.95
N THR A 124 7.25 -11.52 -33.27
CA THR A 124 7.29 -12.96 -33.42
C THR A 124 6.21 -13.55 -32.53
N VAL A 125 5.02 -13.71 -33.10
CA VAL A 125 3.91 -14.31 -32.40
C VAL A 125 4.14 -15.79 -32.25
N PHE A 126 4.03 -16.31 -31.04
CA PHE A 126 4.15 -17.74 -30.83
C PHE A 126 2.82 -18.40 -31.16
N PHE A 127 2.84 -19.35 -32.10
CA PHE A 127 1.66 -20.10 -32.50
C PHE A 127 1.78 -21.53 -32.03
N ASP A 128 0.76 -22.00 -31.32
CA ASP A 128 0.69 -23.41 -31.01
C ASP A 128 0.28 -24.19 -32.26
N GLY A 129 0.34 -25.51 -32.17
CA GLY A 129 -0.06 -26.34 -33.28
C GLY A 129 -1.13 -27.32 -32.86
N ARG A 130 -1.27 -27.47 -31.55
CA ARG A 130 -2.27 -28.35 -30.96
C ARG A 130 -3.63 -27.68 -30.84
N VAL A 131 -3.74 -26.43 -31.27
CA VAL A 131 -5.01 -25.73 -31.35
C VAL A 131 -5.34 -25.56 -32.82
N ASP A 132 -6.51 -26.01 -33.22
CA ASP A 132 -6.85 -26.09 -34.64
C ASP A 132 -6.91 -24.70 -35.26
N GLY A 133 -6.38 -24.59 -36.48
CA GLY A 133 -6.34 -23.34 -37.19
C GLY A 133 -5.15 -22.47 -36.89
N GLN A 134 -4.29 -22.88 -35.95
CA GLN A 134 -3.13 -22.08 -35.61
C GLN A 134 -1.95 -22.30 -36.54
N VAL A 135 -1.92 -23.40 -37.29
CA VAL A 135 -0.85 -23.61 -38.24
C VAL A 135 -1.01 -22.68 -39.43
N ASP A 136 -2.25 -22.53 -39.92
CA ASP A 136 -2.48 -21.67 -41.08
C ASP A 136 -2.31 -20.21 -40.72
N LEU A 137 -2.53 -19.84 -39.46
CA LEU A 137 -2.17 -18.50 -39.01
C LEU A 137 -0.66 -18.32 -39.03
N PHE A 138 0.10 -19.37 -38.71
CA PHE A 138 1.54 -19.28 -38.81
C PHE A 138 1.98 -19.10 -40.24
N ARG A 139 1.35 -19.82 -41.17
CA ARG A 139 1.73 -19.69 -42.57
C ARG A 139 1.41 -18.29 -43.09
N ASN A 140 0.30 -17.71 -42.68
CA ASN A 140 -0.01 -16.35 -43.10
C ASN A 140 0.77 -15.30 -42.32
N ALA A 141 1.41 -15.68 -41.23
CA ALA A 141 2.11 -14.71 -40.40
C ALA A 141 3.38 -14.23 -41.08
N ARG A 142 3.90 -13.11 -40.59
CA ARG A 142 5.17 -12.59 -41.09
C ARG A 142 6.33 -13.03 -40.21
N ASN A 143 6.26 -12.76 -38.92
CA ASN A 143 7.23 -13.23 -37.94
C ASN A 143 6.52 -14.06 -36.90
N GLY A 144 7.01 -15.27 -36.67
CA GLY A 144 6.35 -16.14 -35.71
C GLY A 144 7.11 -17.42 -35.48
N VAL A 145 6.74 -18.11 -34.41
CA VAL A 145 7.32 -19.40 -34.02
C VAL A 145 6.18 -20.38 -33.84
N LEU A 146 6.33 -21.57 -34.39
CA LEU A 146 5.29 -22.58 -34.35
C LEU A 146 5.85 -23.87 -33.75
N ILE A 147 5.06 -24.50 -32.89
CA ILE A 147 5.40 -25.81 -32.37
C ILE A 147 4.33 -26.80 -32.81
N THR A 148 4.73 -28.04 -32.97
CA THR A 148 3.82 -29.07 -33.46
C THR A 148 4.23 -30.41 -32.89
N GLU A 149 3.26 -31.19 -32.43
CA GLU A 149 3.55 -32.54 -31.97
C GLU A 149 3.98 -33.43 -33.13
N GLY A 150 3.39 -33.21 -34.30
CA GLY A 150 3.69 -34.05 -35.44
C GLY A 150 4.48 -33.37 -36.53
N SER A 151 3.95 -33.37 -37.75
CA SER A 151 4.62 -32.80 -38.90
C SER A 151 3.71 -31.82 -39.61
N VAL A 152 4.31 -30.81 -40.23
CA VAL A 152 3.61 -29.81 -41.01
C VAL A 152 4.08 -29.92 -42.45
N LYS A 153 3.15 -30.14 -43.37
CA LYS A 153 3.52 -30.37 -44.75
C LYS A 153 4.12 -29.11 -45.37
N GLY A 154 5.22 -29.29 -46.08
CA GLY A 154 5.92 -28.18 -46.69
C GLY A 154 6.89 -27.45 -45.80
N LEU A 155 7.11 -27.93 -44.57
CA LEU A 155 8.02 -27.28 -43.64
C LEU A 155 8.98 -28.31 -43.06
N GLN A 156 10.21 -27.85 -42.80
CA GLN A 156 11.24 -28.73 -42.27
C GLN A 156 11.29 -28.61 -40.75
N PRO A 157 10.96 -29.66 -40.01
CA PRO A 157 10.92 -29.53 -38.55
C PRO A 157 12.30 -29.44 -37.96
N SER A 158 12.38 -28.79 -36.81
CA SER A 158 13.58 -28.77 -35.98
C SER A 158 13.22 -29.37 -34.64
N VAL A 159 13.76 -30.54 -34.35
CA VAL A 159 13.39 -31.25 -33.13
C VAL A 159 13.93 -30.51 -31.92
N GLY A 160 13.04 -30.19 -30.98
CA GLY A 160 13.42 -29.43 -29.81
C GLY A 160 13.69 -30.29 -28.59
N PRO A 161 13.68 -29.67 -27.43
CA PRO A 161 14.04 -30.38 -26.20
C PRO A 161 13.00 -31.40 -25.82
N LYS A 162 13.44 -32.42 -25.10
CA LYS A 162 12.54 -33.50 -24.73
C LYS A 162 11.54 -33.09 -23.67
N GLN A 163 11.88 -32.08 -22.87
CA GLN A 163 11.06 -31.71 -21.73
C GLN A 163 10.20 -30.50 -22.06
N ALA A 164 9.08 -30.38 -21.34
CA ALA A 164 8.23 -29.22 -21.48
C ALA A 164 7.63 -28.90 -20.12
N SER A 165 7.21 -27.65 -19.96
CA SER A 165 6.69 -27.18 -18.69
C SER A 165 5.19 -27.41 -18.64
N LEU A 166 4.75 -28.28 -17.76
CA LEU A 166 3.33 -28.55 -17.53
C LEU A 166 2.96 -27.98 -16.17
N ASN A 167 2.27 -26.86 -16.16
CA ASN A 167 1.85 -26.19 -14.93
C ASN A 167 3.02 -25.87 -14.02
N GLY A 168 4.12 -25.43 -14.61
CA GLY A 168 5.31 -25.12 -13.85
C GLY A 168 6.16 -26.31 -13.49
N VAL A 169 5.80 -27.50 -13.96
CA VAL A 169 6.55 -28.71 -13.71
C VAL A 169 7.16 -29.11 -15.04
N THR A 170 8.48 -29.05 -15.14
CA THR A 170 9.14 -29.52 -16.34
C THR A 170 9.24 -31.03 -16.30
N LEU A 171 8.85 -31.67 -17.38
CA LEU A 171 8.82 -33.13 -17.39
C LEU A 171 8.96 -33.65 -18.81
N ILE A 172 9.61 -34.81 -18.92
CA ILE A 172 9.62 -35.56 -20.16
C ILE A 172 8.36 -36.42 -20.15
N GLY A 173 7.39 -36.06 -20.97
CA GLY A 173 6.07 -36.62 -20.83
C GLY A 173 5.99 -38.07 -21.28
N GLU A 174 5.11 -38.80 -20.61
CA GLU A 174 4.78 -40.18 -20.98
C GLU A 174 3.32 -40.33 -21.36
N ALA A 175 2.40 -39.87 -20.51
CA ALA A 175 0.98 -39.89 -20.85
C ALA A 175 0.62 -38.77 -21.82
N VAL A 176 1.35 -37.68 -21.79
CA VAL A 176 1.13 -36.56 -22.71
C VAL A 176 2.44 -36.25 -23.41
N LYS A 177 2.37 -36.01 -24.71
CA LYS A 177 3.57 -35.78 -25.49
C LYS A 177 4.14 -34.39 -25.19
N THR A 178 5.45 -34.32 -24.92
CA THR A 178 6.11 -33.07 -24.61
C THR A 178 7.28 -32.76 -25.54
N GLN A 179 7.39 -33.43 -26.67
CA GLN A 179 8.43 -33.11 -27.64
C GLN A 179 7.78 -32.46 -28.85
N PHE A 180 8.19 -31.24 -29.15
CA PHE A 180 7.59 -30.45 -30.22
C PHE A 180 8.60 -30.25 -31.33
N ASN A 181 8.09 -29.90 -32.51
CA ASN A 181 8.91 -29.51 -33.65
C ASN A 181 8.78 -28.01 -33.83
N TYR A 182 9.89 -27.30 -33.82
CA TYR A 182 9.88 -25.85 -33.86
C TYR A 182 10.09 -25.36 -35.27
N TYR A 183 9.25 -24.41 -35.68
CA TYR A 183 9.34 -23.77 -36.98
C TYR A 183 9.39 -22.27 -36.76
N LYS A 184 10.43 -21.62 -37.26
CA LYS A 184 10.56 -20.18 -37.09
C LYS A 184 10.43 -19.51 -38.45
N LYS A 185 9.84 -18.33 -38.43
CA LYS A 185 9.53 -17.58 -39.65
C LYS A 185 9.88 -16.12 -39.39
N VAL A 186 10.69 -15.53 -40.24
CA VAL A 186 11.12 -14.15 -40.08
C VAL A 186 10.90 -13.45 -41.41
N ASP A 187 10.16 -12.34 -41.38
CA ASP A 187 9.88 -11.53 -42.57
C ASP A 187 9.21 -12.37 -43.66
N GLY A 188 8.39 -13.32 -43.25
CA GLY A 188 7.68 -14.16 -44.18
C GLY A 188 8.49 -15.27 -44.79
N VAL A 189 9.72 -15.48 -44.33
CA VAL A 189 10.60 -16.51 -44.88
C VAL A 189 10.90 -17.51 -43.77
N VAL A 190 10.70 -18.79 -44.06
CA VAL A 190 10.96 -19.84 -43.10
C VAL A 190 12.46 -19.99 -42.89
N GLN A 191 12.90 -19.94 -41.64
CA GLN A 191 14.30 -20.05 -41.30
C GLN A 191 14.58 -21.41 -40.68
N GLN A 192 15.68 -22.03 -41.08
CA GLN A 192 16.09 -23.28 -40.47
C GLN A 192 16.86 -22.99 -39.19
N LEU A 193 16.44 -23.61 -38.10
CA LEU A 193 17.07 -23.34 -36.83
C LEU A 193 18.40 -24.07 -36.73
N PRO A 194 19.40 -23.49 -36.09
CA PRO A 194 20.70 -24.16 -35.98
C PRO A 194 20.62 -25.38 -35.08
N GLU A 195 21.54 -26.31 -35.31
CA GLU A 195 21.61 -27.50 -34.47
C GLU A 195 22.16 -27.14 -33.11
N THR A 196 21.43 -27.48 -32.06
CA THR A 196 21.76 -27.02 -30.71
C THR A 196 21.75 -28.19 -29.74
N TYR A 197 22.45 -27.98 -28.62
CA TYR A 197 22.29 -28.78 -27.44
C TYR A 197 21.23 -28.14 -26.56
N PHE A 198 20.54 -28.96 -25.79
CA PHE A 198 19.46 -28.48 -24.95
C PHE A 198 19.78 -28.73 -23.48
N THR A 199 19.70 -27.68 -22.68
CA THR A 199 19.88 -27.84 -21.25
C THR A 199 18.75 -28.66 -20.66
N GLN A 200 19.09 -29.50 -19.69
CA GLN A 200 18.18 -30.55 -19.25
C GLN A 200 17.13 -30.07 -18.27
N SER A 201 17.21 -28.83 -17.78
CA SER A 201 16.19 -28.22 -16.94
C SER A 201 15.93 -29.03 -15.67
N ARG A 202 17.00 -29.30 -14.94
CA ARG A 202 16.91 -30.00 -13.68
C ARG A 202 17.19 -29.04 -12.55
N ASN A 203 17.10 -29.54 -11.32
CA ASN A 203 17.33 -28.74 -10.13
C ASN A 203 18.13 -29.55 -9.13
N LEU A 204 18.65 -28.86 -8.11
CA LEU A 204 19.57 -29.48 -7.17
C LEU A 204 18.90 -30.56 -6.33
N GLN A 205 17.76 -30.23 -5.73
CA GLN A 205 17.13 -31.15 -4.80
C GLN A 205 16.66 -32.42 -5.50
N GLU A 206 15.92 -32.26 -6.60
CA GLU A 206 15.46 -33.40 -7.38
C GLU A 206 16.34 -33.61 -8.60
N PHE A 207 17.57 -34.06 -8.38
CA PHE A 207 18.50 -34.31 -9.47
C PHE A 207 18.54 -35.81 -9.76
N LYS A 208 18.25 -36.17 -11.01
CA LYS A 208 18.25 -37.55 -11.42
C LYS A 208 19.10 -37.69 -12.69
N PRO A 209 20.12 -38.54 -12.67
CA PRO A 209 20.98 -38.68 -13.85
C PRO A 209 20.22 -39.24 -15.04
N ARG A 210 20.57 -38.73 -16.23
CA ARG A 210 19.90 -39.10 -17.46
C ARG A 210 20.83 -39.81 -18.44
N SER A 211 21.98 -40.29 -17.98
CA SER A 211 22.91 -41.00 -18.84
C SER A 211 23.84 -41.82 -17.96
N GLN A 212 24.56 -42.75 -18.59
CA GLN A 212 25.49 -43.58 -17.84
C GLN A 212 26.65 -42.76 -17.30
N MET A 213 27.10 -41.77 -18.09
CA MET A 213 28.17 -40.90 -17.62
C MET A 213 27.77 -40.15 -16.37
N GLU A 214 26.51 -39.71 -16.29
CA GLU A 214 26.07 -38.98 -15.11
C GLU A 214 25.95 -39.90 -13.90
N ILE A 215 25.54 -41.14 -14.11
CA ILE A 215 25.52 -42.11 -13.02
C ILE A 215 26.93 -42.35 -12.51
N ASP A 216 27.89 -42.49 -13.41
CA ASP A 216 29.28 -42.64 -13.00
C ASP A 216 29.76 -41.41 -12.25
N PHE A 217 29.39 -40.22 -12.72
CA PHE A 217 29.80 -38.99 -12.05
C PHE A 217 29.27 -38.93 -10.64
N LEU A 218 28.01 -39.30 -10.44
CA LEU A 218 27.44 -39.25 -9.10
C LEU A 218 27.91 -40.40 -8.23
N GLU A 219 28.45 -41.46 -8.82
CA GLU A 219 28.89 -42.63 -8.07
C GLU A 219 30.39 -42.65 -7.82
N LEU A 220 31.19 -42.50 -8.86
CA LEU A 220 32.63 -42.67 -8.74
C LEU A 220 33.26 -41.45 -8.07
N ALA A 221 34.52 -41.61 -7.69
CA ALA A 221 35.32 -40.51 -7.19
C ALA A 221 35.81 -39.66 -8.36
N MET A 222 36.45 -38.53 -8.04
CA MET A 222 36.91 -37.62 -9.08
C MET A 222 37.97 -38.29 -9.96
N ASP A 223 39.00 -38.85 -9.34
CA ASP A 223 40.09 -39.44 -10.11
C ASP A 223 39.63 -40.66 -10.89
N GLU A 224 38.78 -41.49 -10.28
CA GLU A 224 38.28 -42.67 -10.98
C GLU A 224 37.47 -42.28 -12.22
N PHE A 225 36.60 -41.28 -12.08
CA PHE A 225 35.81 -40.82 -13.21
C PHE A 225 36.69 -40.26 -14.31
N ILE A 226 37.66 -39.44 -13.95
CA ILE A 226 38.54 -38.84 -14.95
C ILE A 226 39.34 -39.91 -15.67
N GLU A 227 39.85 -40.89 -14.94
CA GLU A 227 40.60 -41.97 -15.57
C GLU A 227 39.70 -42.80 -16.48
N ARG A 228 38.48 -43.11 -16.04
CA ARG A 228 37.60 -43.96 -16.83
C ARG A 228 37.22 -43.28 -18.14
N TYR A 229 36.92 -41.99 -18.09
CA TYR A 229 36.43 -41.30 -19.29
C TYR A 229 37.50 -40.48 -19.99
N LYS A 230 38.77 -40.68 -19.66
CA LYS A 230 39.90 -40.11 -20.40
C LYS A 230 39.84 -38.58 -20.44
N LEU A 231 39.39 -37.97 -19.35
CA LEU A 231 39.19 -36.53 -19.30
C LEU A 231 40.40 -35.81 -18.73
N GLU A 232 41.57 -36.42 -18.78
CA GLU A 232 42.77 -35.78 -18.24
C GLU A 232 43.20 -34.62 -19.12
N GLY A 233 43.63 -33.54 -18.48
CA GLY A 233 44.02 -32.34 -19.19
C GLY A 233 42.89 -31.42 -19.58
N TYR A 234 41.66 -31.74 -19.18
CA TYR A 234 40.51 -30.89 -19.48
C TYR A 234 39.97 -30.17 -18.26
N ALA A 235 40.74 -30.12 -17.18
CA ALA A 235 40.42 -29.35 -15.98
C ALA A 235 39.07 -29.76 -15.39
N PHE A 236 38.75 -31.04 -15.49
CA PHE A 236 37.51 -31.52 -14.90
C PHE A 236 37.54 -31.47 -13.39
N GLU A 237 38.73 -31.38 -12.79
CA GLU A 237 38.81 -31.24 -11.35
C GLU A 237 38.24 -29.90 -10.89
N ALA A 238 38.36 -28.88 -11.73
CA ALA A 238 37.90 -27.54 -11.38
C ALA A 238 36.61 -27.14 -12.07
N ILE A 239 36.48 -27.41 -13.37
CA ILE A 239 35.33 -26.93 -14.13
C ILE A 239 34.03 -27.51 -13.57
N VAL A 240 34.01 -28.81 -13.30
CA VAL A 240 32.80 -29.51 -12.93
C VAL A 240 32.74 -29.77 -11.43
N TYR A 241 33.81 -30.31 -10.86
CA TYR A 241 33.78 -30.68 -9.45
C TYR A 241 33.80 -29.47 -8.53
N GLY A 242 34.57 -28.44 -8.86
CA GLY A 242 34.73 -27.31 -7.98
C GLY A 242 35.99 -27.42 -7.15
N ASP A 243 36.46 -26.26 -6.68
CA ASP A 243 37.70 -26.14 -5.92
C ASP A 243 37.40 -25.36 -4.65
N PHE A 244 37.08 -26.06 -3.58
CA PHE A 244 36.76 -25.43 -2.31
C PHE A 244 37.98 -25.36 -1.41
N SER A 245 39.01 -24.66 -1.90
CA SER A 245 40.26 -24.57 -1.18
C SER A 245 40.64 -23.15 -0.78
N HIS A 246 40.30 -22.16 -1.57
CA HIS A 246 40.64 -20.78 -1.30
C HIS A 246 39.39 -20.00 -0.90
N SER A 247 39.57 -18.72 -0.63
CA SER A 247 38.45 -17.91 -0.17
C SER A 247 37.40 -17.72 -1.26
N GLN A 248 37.82 -17.72 -2.52
CA GLN A 248 36.92 -17.58 -3.64
C GLN A 248 36.80 -18.93 -4.34
N LEU A 249 35.56 -19.36 -4.56
CA LEU A 249 35.29 -20.68 -5.12
C LEU A 249 35.78 -20.76 -6.55
N GLY A 250 36.37 -21.90 -6.91
CA GLY A 250 36.92 -22.10 -8.23
C GLY A 250 36.11 -23.13 -9.00
N GLY A 251 35.66 -22.73 -10.18
CA GLY A 251 34.99 -23.67 -11.06
C GLY A 251 33.54 -23.86 -10.67
N LEU A 252 33.07 -25.11 -10.78
CA LEU A 252 31.71 -25.53 -10.42
C LEU A 252 30.68 -24.84 -11.31
N HIS A 253 30.82 -25.07 -12.62
CA HIS A 253 30.00 -24.40 -13.63
C HIS A 253 28.96 -25.33 -14.25
N LEU A 254 28.81 -26.54 -13.74
CA LEU A 254 27.81 -27.45 -14.24
C LEU A 254 26.90 -27.85 -13.09
N LEU A 255 25.61 -27.96 -13.38
CA LEU A 255 24.66 -28.26 -12.33
C LEU A 255 24.89 -29.63 -11.72
N ILE A 256 25.44 -30.59 -12.47
CA ILE A 256 25.66 -31.91 -11.91
C ILE A 256 26.74 -31.85 -10.83
N GLY A 257 27.74 -30.98 -10.99
CA GLY A 257 28.75 -30.83 -9.96
C GLY A 257 28.19 -30.23 -8.68
N LEU A 258 27.33 -29.21 -8.82
CA LEU A 258 26.62 -28.68 -7.67
C LEU A 258 25.76 -29.75 -7.02
N ALA A 259 25.15 -30.62 -7.82
CA ALA A 259 24.34 -31.70 -7.26
C ALA A 259 25.19 -32.66 -6.43
N LYS A 260 26.37 -33.02 -6.94
CA LYS A 260 27.25 -33.91 -6.20
C LYS A 260 27.69 -33.26 -4.90
N ARG A 261 28.05 -31.98 -4.95
CA ARG A 261 28.47 -31.27 -3.75
C ARG A 261 27.31 -31.17 -2.75
N PHE A 262 26.10 -30.90 -3.25
CA PHE A 262 24.94 -30.77 -2.40
C PHE A 262 24.63 -32.08 -1.68
N LYS A 263 24.74 -33.19 -2.40
CA LYS A 263 24.55 -34.48 -1.75
C LYS A 263 25.62 -34.72 -0.70
N GLU A 264 26.87 -34.35 -1.00
CA GLU A 264 27.93 -34.49 -0.01
C GLU A 264 27.73 -33.51 1.14
N SER A 265 27.53 -32.24 0.83
CA SER A 265 27.43 -31.20 1.86
C SER A 265 26.66 -29.99 1.34
N PRO A 266 25.50 -29.70 1.93
CA PRO A 266 24.65 -28.63 1.38
C PRO A 266 25.27 -27.24 1.51
N PHE A 267 24.93 -26.39 0.56
CA PHE A 267 25.41 -25.01 0.51
C PHE A 267 24.22 -24.11 0.20
N GLU A 268 24.51 -22.86 -0.13
CA GLU A 268 23.47 -21.87 -0.41
C GLU A 268 23.67 -21.29 -1.80
N LEU A 269 22.61 -21.28 -2.60
CA LEU A 269 22.56 -20.59 -3.88
C LEU A 269 21.62 -19.41 -3.74
N GLU A 270 22.09 -18.21 -4.06
CA GLU A 270 21.25 -17.03 -4.08
C GLU A 270 21.04 -16.63 -5.54
N ASP A 271 19.83 -16.84 -6.03
CA ASP A 271 19.46 -16.46 -7.39
C ASP A 271 19.18 -14.98 -7.39
N PHE A 272 20.21 -14.18 -7.68
CA PHE A 272 20.01 -12.74 -7.57
C PHE A 272 19.34 -12.14 -8.79
N ILE A 273 19.12 -12.93 -9.84
CA ILE A 273 18.25 -12.51 -10.94
C ILE A 273 17.22 -13.62 -11.12
N PRO A 274 16.16 -13.64 -10.35
CA PRO A 274 15.25 -14.79 -10.37
C PRO A 274 14.37 -14.85 -11.61
N MET A 275 14.91 -15.39 -12.69
CA MET A 275 14.13 -15.62 -13.90
C MET A 275 14.57 -16.94 -14.51
N ASP A 276 14.18 -17.16 -15.76
CA ASP A 276 14.52 -18.38 -16.46
C ASP A 276 15.42 -18.06 -17.64
N SER A 277 16.58 -18.72 -17.70
CA SER A 277 17.53 -18.50 -18.78
C SER A 277 18.37 -19.75 -18.95
N THR A 278 19.07 -19.81 -20.08
CA THR A 278 19.97 -20.93 -20.33
C THR A 278 21.11 -20.96 -19.31
N VAL A 279 21.73 -19.82 -19.05
CA VAL A 279 22.84 -19.72 -18.11
C VAL A 279 22.35 -18.94 -16.89
N LYS A 280 22.51 -19.53 -15.71
CA LYS A 280 22.07 -18.93 -14.46
C LYS A 280 23.29 -18.44 -13.69
N ASN A 281 23.16 -17.29 -13.05
CA ASN A 281 24.20 -16.73 -12.19
C ASN A 281 23.77 -16.86 -10.75
N TYR A 282 24.63 -17.43 -9.92
CA TYR A 282 24.31 -17.72 -8.54
C TYR A 282 25.35 -17.10 -7.62
N PHE A 283 24.94 -16.90 -6.37
CA PHE A 283 25.82 -16.40 -5.31
C PHE A 283 26.04 -17.59 -4.38
N ILE A 284 26.99 -18.43 -4.74
CA ILE A 284 27.21 -19.68 -4.02
C ILE A 284 28.07 -19.42 -2.80
N THR A 285 27.68 -20.01 -1.67
CA THR A 285 28.46 -19.92 -0.44
C THR A 285 28.58 -21.33 0.09
N ASP A 286 29.80 -21.86 0.13
CA ASP A 286 30.00 -23.21 0.64
C ASP A 286 29.86 -23.20 2.15
N ALA A 287 28.82 -23.87 2.65
CA ALA A 287 28.58 -23.91 4.08
C ALA A 287 29.58 -24.76 4.83
N GLN A 288 30.41 -25.54 4.13
CA GLN A 288 31.37 -26.40 4.80
C GLN A 288 32.73 -25.72 4.92
N THR A 289 33.34 -25.38 3.78
CA THR A 289 34.66 -24.79 3.79
C THR A 289 34.64 -23.27 3.90
N GLY A 290 33.47 -22.64 3.76
CA GLY A 290 33.43 -21.20 3.75
C GLY A 290 33.83 -20.57 2.44
N SER A 291 33.88 -21.34 1.36
CA SER A 291 34.26 -20.84 0.06
C SER A 291 33.03 -20.21 -0.60
N SER A 292 33.22 -19.06 -1.23
CA SER A 292 32.11 -18.34 -1.83
C SER A 292 32.50 -17.83 -3.20
N LYS A 293 31.49 -17.39 -3.95
CA LYS A 293 31.68 -16.71 -5.22
C LYS A 293 30.45 -15.86 -5.50
N CYS A 294 30.68 -14.60 -5.88
CA CYS A 294 29.57 -13.69 -6.06
C CYS A 294 28.78 -14.01 -7.33
N VAL A 295 29.49 -14.28 -8.42
CA VAL A 295 28.87 -14.69 -9.67
C VAL A 295 29.47 -16.03 -10.07
N CYS A 296 28.63 -17.05 -10.17
CA CYS A 296 29.09 -18.39 -10.54
C CYS A 296 28.18 -18.89 -11.65
N SER A 297 28.61 -18.71 -12.90
CA SER A 297 27.79 -19.07 -14.03
C SER A 297 27.62 -20.58 -14.10
N VAL A 298 26.37 -21.02 -14.07
CA VAL A 298 26.01 -22.42 -14.03
C VAL A 298 25.11 -22.71 -15.22
N ILE A 299 25.41 -23.77 -15.95
CA ILE A 299 24.61 -24.21 -17.06
C ILE A 299 24.30 -25.69 -16.85
N ASP A 300 23.06 -26.08 -17.13
CA ASP A 300 22.62 -27.45 -16.87
C ASP A 300 22.62 -28.28 -18.16
N LEU A 301 23.80 -28.43 -18.73
CA LEU A 301 23.94 -29.28 -19.88
C LEU A 301 23.99 -30.74 -19.45
N LEU A 302 23.71 -31.63 -20.40
CA LEU A 302 24.00 -33.04 -20.20
C LEU A 302 25.51 -33.23 -20.13
N LEU A 303 25.95 -34.11 -19.25
CA LEU A 303 27.38 -34.30 -19.05
C LEU A 303 28.05 -34.84 -20.31
N ASP A 304 27.39 -35.75 -21.01
CA ASP A 304 27.95 -36.26 -22.25
C ASP A 304 28.10 -35.15 -23.29
N ASP A 305 27.11 -34.26 -23.36
CA ASP A 305 27.18 -33.14 -24.30
C ASP A 305 28.28 -32.16 -23.93
N PHE A 306 28.45 -31.90 -22.65
CA PHE A 306 29.53 -31.00 -22.24
C PHE A 306 30.89 -31.59 -22.53
N VAL A 307 31.04 -32.90 -22.31
CA VAL A 307 32.29 -33.57 -22.65
C VAL A 307 32.55 -33.48 -24.15
N GLU A 308 31.50 -33.68 -24.95
CA GLU A 308 31.64 -33.55 -26.40
C GLU A 308 32.05 -32.14 -26.79
N ILE A 309 31.49 -31.13 -26.13
CA ILE A 309 31.82 -29.75 -26.43
C ILE A 309 33.29 -29.45 -26.07
N ILE A 310 33.71 -29.87 -24.88
CA ILE A 310 35.03 -29.49 -24.42
C ILE A 310 36.13 -30.33 -25.07
N LYS A 311 35.79 -31.49 -25.62
CA LYS A 311 36.79 -32.28 -26.33
C LYS A 311 36.98 -31.82 -27.77
N SER A 312 36.18 -30.90 -28.26
CA SER A 312 36.32 -30.39 -29.61
C SER A 312 36.94 -29.00 -29.65
N GLN A 313 37.59 -28.58 -28.58
CA GLN A 313 38.27 -27.28 -28.58
C GLN A 313 39.74 -27.45 -28.93
N ASP A 314 40.35 -26.34 -29.34
CA ASP A 314 41.76 -26.31 -29.71
C ASP A 314 42.55 -25.74 -28.54
N LEU A 315 43.41 -26.58 -27.95
CA LEU A 315 44.11 -26.22 -26.73
C LEU A 315 45.49 -25.65 -27.08
N SER A 316 45.47 -24.54 -27.81
CA SER A 316 46.72 -23.96 -28.29
C SER A 316 46.84 -22.49 -27.91
N VAL A 317 45.76 -21.74 -28.01
CA VAL A 317 45.78 -20.31 -27.80
C VAL A 317 45.80 -20.03 -26.31
N VAL A 318 46.22 -18.81 -25.96
CA VAL A 318 46.18 -18.39 -24.56
C VAL A 318 44.75 -18.25 -24.08
N SER A 319 43.91 -17.61 -24.89
CA SER A 319 42.49 -17.51 -24.59
C SER A 319 41.71 -17.46 -25.89
N LYS A 320 40.43 -17.81 -25.81
CA LYS A 320 39.56 -17.83 -26.97
C LYS A 320 38.12 -17.88 -26.47
N VAL A 321 37.27 -17.09 -27.09
CA VAL A 321 35.84 -17.08 -26.77
C VAL A 321 35.15 -18.08 -27.69
N VAL A 322 34.50 -19.07 -27.11
CA VAL A 322 33.91 -20.18 -27.85
C VAL A 322 32.40 -19.99 -27.90
N LYS A 323 31.85 -19.92 -29.11
CA LYS A 323 30.42 -19.75 -29.31
C LYS A 323 29.80 -21.13 -29.50
N VAL A 324 28.87 -21.48 -28.63
CA VAL A 324 28.15 -22.74 -28.68
C VAL A 324 26.67 -22.43 -28.79
N THR A 325 25.98 -23.10 -29.71
CA THR A 325 24.54 -22.95 -29.84
C THR A 325 23.86 -23.86 -28.83
N ILE A 326 23.24 -23.27 -27.83
CA ILE A 326 22.50 -24.00 -26.81
C ILE A 326 21.12 -23.37 -26.70
N ASP A 327 20.07 -24.19 -26.78
CA ASP A 327 18.69 -23.72 -26.72
C ASP A 327 18.41 -22.66 -27.76
N TYR A 328 18.89 -22.87 -28.98
CA TYR A 328 18.68 -21.97 -30.12
C TYR A 328 19.31 -20.59 -29.92
N THR A 329 20.34 -20.50 -29.07
CA THR A 329 21.04 -19.24 -28.91
C THR A 329 22.52 -19.52 -28.72
N GLU A 330 23.33 -18.52 -29.05
CA GLU A 330 24.77 -18.67 -28.92
C GLU A 330 25.21 -18.35 -27.50
N ILE A 331 25.96 -19.27 -26.90
CA ILE A 331 26.47 -19.09 -25.55
C ILE A 331 27.97 -18.92 -25.64
N SER A 332 28.49 -17.85 -25.06
CA SER A 332 29.91 -17.53 -25.13
C SER A 332 30.62 -18.19 -23.95
N PHE A 333 31.48 -19.15 -24.26
CA PHE A 333 32.29 -19.82 -23.25
C PHE A 333 33.69 -19.23 -23.28
N MET A 334 34.18 -18.81 -22.14
CA MET A 334 35.52 -18.25 -22.03
C MET A 334 36.51 -19.39 -21.79
N LEU A 335 37.42 -19.59 -22.73
CA LEU A 335 38.36 -20.70 -22.68
C LEU A 335 39.76 -20.17 -22.42
N TRP A 336 40.29 -20.45 -21.23
CA TRP A 336 41.69 -20.23 -20.90
C TRP A 336 42.38 -21.58 -20.89
N CYS A 337 43.51 -21.69 -21.58
CA CYS A 337 44.24 -22.96 -21.57
C CYS A 337 45.72 -22.70 -21.74
N LYS A 338 46.53 -23.35 -20.90
CA LYS A 338 47.97 -23.37 -21.07
C LYS A 338 48.32 -24.44 -22.11
N ASP A 339 49.61 -24.75 -22.24
CA ASP A 339 50.09 -25.65 -23.27
C ASP A 339 49.60 -27.06 -23.01
N GLY A 340 48.60 -27.49 -23.76
CA GLY A 340 48.10 -28.84 -23.70
C GLY A 340 47.12 -29.11 -22.57
N HIS A 341 46.86 -28.13 -21.71
CA HIS A 341 45.93 -28.31 -20.61
C HIS A 341 45.03 -27.09 -20.51
N VAL A 342 43.80 -27.31 -20.10
CA VAL A 342 42.82 -26.25 -19.95
C VAL A 342 42.97 -25.63 -18.57
N GLU A 343 43.12 -24.31 -18.53
CA GLU A 343 43.06 -23.62 -17.25
C GLU A 343 41.63 -23.58 -16.73
N THR A 344 40.72 -23.03 -17.53
CA THR A 344 39.31 -23.00 -17.19
C THR A 344 38.50 -22.86 -18.46
N PHE A 345 37.21 -23.14 -18.33
CA PHE A 345 36.28 -23.08 -19.45
C PHE A 345 34.90 -22.88 -18.84
N TYR A 346 34.45 -21.63 -18.79
CA TYR A 346 33.23 -21.35 -18.06
C TYR A 346 32.26 -20.54 -18.91
N PRO A 347 30.97 -20.78 -18.75
CA PRO A 347 29.98 -20.02 -19.51
C PRO A 347 29.92 -18.59 -19.03
N LYS A 348 29.47 -17.72 -19.92
CA LYS A 348 29.32 -16.30 -19.62
C LYS A 348 28.02 -15.83 -20.24
N LEU A 349 27.03 -15.51 -19.43
CA LEU A 349 25.79 -14.92 -19.92
C LEU A 349 25.03 -14.22 -18.80
N GLN A 350 23.97 -14.86 -18.32
CA GLN A 350 23.14 -14.29 -17.27
CA LEU B 2 -8.19 -4.01 32.62
C LEU B 2 -8.01 -2.94 31.55
N GLU B 3 -7.06 -3.18 30.65
CA GLU B 3 -6.74 -2.26 29.57
C GLU B 3 -6.90 -2.96 28.23
N MET B 4 -7.47 -2.26 27.25
CA MET B 4 -7.59 -2.75 25.88
C MET B 4 -6.85 -1.78 24.98
N SER B 5 -5.64 -2.15 24.57
CA SER B 5 -4.81 -1.26 23.77
C SER B 5 -3.83 -2.07 22.93
N LEU B 6 -3.25 -1.40 21.93
CA LEU B 6 -2.36 -2.09 21.02
C LEU B 6 -1.02 -2.42 21.67
N GLU B 7 -0.54 -1.56 22.57
CA GLU B 7 0.77 -1.80 23.18
C GLU B 7 0.70 -2.80 24.31
N ASN B 8 -0.42 -2.92 25.00
CA ASN B 8 -0.56 -3.99 25.97
C ASN B 8 -0.62 -5.35 25.28
N VAL B 9 -1.31 -5.41 24.15
CA VAL B 9 -1.37 -6.63 23.36
C VAL B 9 0.03 -7.03 22.92
N ALA B 10 0.80 -6.07 22.45
CA ALA B 10 2.16 -6.37 22.00
C ALA B 10 3.05 -6.73 23.16
N PHE B 11 2.82 -6.14 24.34
CA PHE B 11 3.56 -6.55 25.52
C PHE B 11 3.31 -8.01 25.83
N ASN B 12 2.05 -8.43 25.82
CA ASN B 12 1.74 -9.83 26.08
C ASN B 12 2.34 -10.74 25.03
N VAL B 13 2.28 -10.33 23.76
CA VAL B 13 2.85 -11.15 22.70
C VAL B 13 4.34 -11.33 22.89
N VAL B 14 5.05 -10.24 23.18
CA VAL B 14 6.50 -10.32 23.32
C VAL B 14 6.87 -11.14 24.54
N ASN B 15 6.20 -10.93 25.66
CA ASN B 15 6.67 -11.51 26.91
C ASN B 15 6.12 -12.91 27.16
N LYS B 16 5.03 -13.31 26.51
CA LYS B 16 4.40 -14.59 26.80
C LYS B 16 3.94 -15.36 25.57
N GLY B 17 4.10 -14.81 24.38
CA GLY B 17 3.71 -15.49 23.17
C GLY B 17 2.30 -15.26 22.72
N HIS B 18 1.42 -14.85 23.63
CA HIS B 18 0.01 -14.63 23.34
C HIS B 18 -0.53 -13.67 24.37
N PHE B 19 -1.78 -13.25 24.20
CA PHE B 19 -2.38 -12.34 25.16
C PHE B 19 -2.81 -13.12 26.39
N ASP B 20 -2.04 -12.99 27.46
CA ASP B 20 -2.34 -13.63 28.72
C ASP B 20 -3.07 -12.70 29.69
N GLY B 21 -3.10 -11.41 29.41
CA GLY B 21 -3.76 -10.45 30.27
C GLY B 21 -2.86 -9.64 31.16
N GLN B 22 -1.56 -9.61 30.89
CA GLN B 22 -0.60 -8.90 31.73
C GLN B 22 -0.75 -7.40 31.54
N GLN B 23 -0.10 -6.66 32.43
CA GLN B 23 -0.10 -5.20 32.39
C GLN B 23 1.27 -4.70 32.00
N GLY B 24 1.32 -3.76 31.09
CA GLY B 24 2.56 -3.23 30.57
C GLY B 24 2.40 -2.82 29.13
N GLU B 25 3.44 -2.19 28.60
CA GLU B 25 3.40 -1.64 27.26
C GLU B 25 4.79 -1.69 26.62
N VAL B 26 4.80 -1.75 25.29
CA VAL B 26 6.04 -1.72 24.52
C VAL B 26 5.85 -0.77 23.34
N PRO B 27 6.91 -0.15 22.82
CA PRO B 27 6.77 0.64 21.60
C PRO B 27 6.39 -0.23 20.41
N VAL B 28 5.46 0.26 19.60
CA VAL B 28 4.91 -0.49 18.48
C VAL B 28 4.90 0.38 17.24
N SER B 29 5.27 -0.18 16.10
CA SER B 29 5.21 0.49 14.81
C SER B 29 4.33 -0.31 13.86
N ILE B 30 3.44 0.38 13.17
CA ILE B 30 2.55 -0.24 12.21
C ILE B 30 2.89 0.32 10.84
N ILE B 31 3.45 -0.51 9.98
CA ILE B 31 3.77 -0.15 8.61
C ILE B 31 3.20 -1.22 7.70
N ASN B 32 2.54 -0.80 6.63
CA ASN B 32 1.93 -1.69 5.65
C ASN B 32 0.90 -2.53 6.41
N ASN B 33 0.90 -3.85 6.27
CA ASN B 33 0.07 -4.73 7.07
C ASN B 33 0.89 -5.43 8.14
N THR B 34 2.01 -4.88 8.52
CA THR B 34 2.92 -5.53 9.44
C THR B 34 3.05 -4.69 10.70
N VAL B 35 3.08 -5.38 11.84
CA VAL B 35 3.24 -4.76 13.15
C VAL B 35 4.65 -5.07 13.61
N TYR B 36 5.43 -4.03 13.87
CA TYR B 36 6.80 -4.16 14.32
C TYR B 36 6.91 -3.74 15.78
N THR B 37 7.96 -4.22 16.43
CA THR B 37 8.29 -3.75 17.77
C THR B 37 9.78 -3.47 17.82
N LYS B 38 10.17 -2.59 18.72
CA LYS B 38 11.57 -2.20 18.84
C LYS B 38 12.17 -2.97 20.01
N VAL B 39 13.12 -3.84 19.69
CA VAL B 39 13.88 -4.57 20.69
C VAL B 39 15.33 -4.13 20.57
N ASP B 40 15.83 -3.48 21.62
CA ASP B 40 17.22 -3.04 21.70
C ASP B 40 17.58 -2.10 20.54
N GLY B 41 16.69 -1.16 20.26
CA GLY B 41 16.98 -0.11 19.32
C GLY B 41 16.72 -0.43 17.86
N VAL B 42 16.32 -1.65 17.54
CA VAL B 42 16.03 -2.04 16.17
C VAL B 42 14.63 -2.63 16.11
N ASP B 43 13.98 -2.47 14.96
CA ASP B 43 12.60 -2.89 14.81
C ASP B 43 12.52 -4.37 14.46
N VAL B 44 11.72 -5.11 15.22
CA VAL B 44 11.51 -6.53 15.01
C VAL B 44 10.04 -6.74 14.69
N GLU B 45 9.76 -7.49 13.64
CA GLU B 45 8.38 -7.73 13.23
C GLU B 45 7.68 -8.69 14.18
N LEU B 46 6.43 -8.37 14.51
CA LEU B 46 5.63 -9.18 15.40
C LEU B 46 4.52 -9.94 14.71
N PHE B 47 3.97 -9.41 13.63
CA PHE B 47 2.78 -9.99 13.02
C PHE B 47 2.60 -9.41 11.63
N GLU B 48 2.47 -10.27 10.63
CA GLU B 48 2.16 -9.85 9.27
C GLU B 48 0.73 -10.23 8.96
N ASN B 49 -0.05 -9.27 8.49
CA ASN B 49 -1.50 -9.41 8.41
C ASN B 49 -1.91 -10.04 7.08
N LYS B 50 -2.40 -11.27 7.14
CA LYS B 50 -2.90 -11.96 5.96
C LYS B 50 -4.42 -11.93 5.87
N THR B 51 -5.08 -11.14 6.69
CA THR B 51 -6.53 -11.14 6.79
C THR B 51 -7.11 -10.03 5.91
N THR B 52 -8.42 -9.89 5.96
CA THR B 52 -9.11 -8.76 5.36
C THR B 52 -9.51 -7.71 6.39
N LEU B 53 -9.11 -7.89 7.64
CA LEU B 53 -9.38 -6.92 8.69
C LEU B 53 -8.29 -5.87 8.72
N PRO B 54 -8.54 -4.74 9.38
CA PRO B 54 -7.45 -3.80 9.65
C PRO B 54 -6.34 -4.47 10.45
N VAL B 55 -5.16 -3.87 10.38
CA VAL B 55 -3.98 -4.52 10.93
C VAL B 55 -4.11 -4.73 12.43
N ASN B 56 -4.47 -3.68 13.15
CA ASN B 56 -4.48 -3.77 14.60
C ASN B 56 -5.61 -4.64 15.11
N VAL B 57 -6.75 -4.64 14.42
CA VAL B 57 -7.85 -5.52 14.79
C VAL B 57 -7.44 -6.97 14.65
N ALA B 58 -6.84 -7.31 13.52
CA ALA B 58 -6.42 -8.68 13.27
C ALA B 58 -5.26 -9.08 14.15
N PHE B 59 -4.35 -8.15 14.44
CA PHE B 59 -3.27 -8.44 15.37
C PHE B 59 -3.83 -8.77 16.75
N GLU B 60 -4.80 -7.99 17.21
CA GLU B 60 -5.40 -8.25 18.51
C GLU B 60 -6.13 -9.58 18.53
N LEU B 61 -6.86 -9.88 17.46
CA LEU B 61 -7.56 -11.16 17.38
C LEU B 61 -6.60 -12.33 17.38
N TRP B 62 -5.51 -12.23 16.63
CA TRP B 62 -4.53 -13.29 16.62
C TRP B 62 -3.87 -13.45 17.99
N ALA B 63 -3.59 -12.35 18.65
CA ALA B 63 -3.00 -12.42 19.99
C ALA B 63 -3.94 -13.09 20.97
N LYS B 64 -5.23 -12.78 20.91
CA LYS B 64 -6.19 -13.31 21.86
C LYS B 64 -6.79 -14.64 21.42
N ARG B 65 -6.11 -15.38 20.55
CA ARG B 65 -6.68 -16.61 20.03
C ARG B 65 -6.65 -17.71 21.08
N ASN B 66 -7.26 -18.83 20.74
CA ASN B 66 -7.37 -19.94 21.68
C ASN B 66 -6.17 -20.86 21.54
N ILE B 67 -5.45 -21.07 22.64
CA ILE B 67 -4.29 -21.97 22.65
C ILE B 67 -4.61 -23.32 23.24
N LYS B 68 -5.84 -23.57 23.63
CA LYS B 68 -6.28 -24.89 24.02
C LYS B 68 -6.63 -25.71 22.79
N PRO B 69 -6.73 -27.03 22.92
CA PRO B 69 -7.27 -27.83 21.81
C PRO B 69 -8.74 -27.51 21.53
N VAL B 70 -9.02 -26.97 20.37
CA VAL B 70 -10.37 -26.62 19.95
C VAL B 70 -10.75 -27.54 18.80
N PRO B 71 -12.03 -27.74 18.49
CA PRO B 71 -12.37 -28.58 17.34
C PRO B 71 -11.85 -27.97 16.07
N GLU B 72 -11.61 -28.83 15.09
CA GLU B 72 -11.17 -28.33 13.79
C GLU B 72 -12.26 -27.46 13.18
N VAL B 73 -11.82 -26.54 12.33
CA VAL B 73 -12.72 -25.50 11.83
C VAL B 73 -13.84 -26.11 11.01
N LYS B 74 -13.55 -27.20 10.29
CA LYS B 74 -14.58 -27.80 9.46
C LYS B 74 -15.72 -28.36 10.28
N ILE B 75 -15.45 -28.88 11.48
CA ILE B 75 -16.53 -29.38 12.32
C ILE B 75 -17.41 -28.23 12.78
N LEU B 76 -16.80 -27.10 13.13
CA LEU B 76 -17.59 -25.96 13.57
C LEU B 76 -18.42 -25.40 12.43
N ASN B 77 -17.87 -25.39 11.22
CA ASN B 77 -18.64 -24.89 10.09
C ASN B 77 -19.79 -25.83 9.75
N ASN B 78 -19.57 -27.14 9.88
CA ASN B 78 -20.64 -28.09 9.60
C ASN B 78 -21.77 -27.99 10.61
N LEU B 79 -21.44 -27.67 11.86
CA LEU B 79 -22.45 -27.51 12.89
C LEU B 79 -23.19 -26.18 12.78
N GLY B 80 -22.75 -25.29 11.90
CA GLY B 80 -23.41 -24.03 11.73
C GLY B 80 -22.97 -22.94 12.65
N VAL B 81 -21.80 -23.08 13.27
CA VAL B 81 -21.36 -22.13 14.26
C VAL B 81 -21.02 -20.81 13.60
N ASP B 82 -21.70 -19.74 14.02
CA ASP B 82 -21.51 -18.42 13.46
C ASP B 82 -20.53 -17.57 14.25
N ILE B 83 -20.40 -17.83 15.55
CA ILE B 83 -19.64 -16.98 16.44
C ILE B 83 -19.26 -17.81 17.65
N ALA B 84 -18.24 -17.38 18.38
CA ALA B 84 -17.78 -18.09 19.56
C ALA B 84 -17.91 -17.19 20.80
N ALA B 85 -18.18 -17.83 21.93
CA ALA B 85 -18.45 -17.12 23.17
C ALA B 85 -17.14 -16.83 23.89
N ASN B 86 -16.75 -15.56 23.90
CA ASN B 86 -15.60 -15.08 24.68
C ASN B 86 -14.30 -15.77 24.29
N THR B 87 -14.09 -16.02 23.01
CA THR B 87 -12.83 -16.58 22.55
C THR B 87 -12.67 -16.29 21.06
N VAL B 88 -11.45 -16.42 20.58
CA VAL B 88 -11.14 -16.28 19.17
C VAL B 88 -10.60 -17.61 18.68
N ILE B 89 -11.26 -18.17 17.68
CA ILE B 89 -10.84 -19.43 17.09
C ILE B 89 -10.13 -19.09 15.79
N TRP B 90 -8.87 -19.43 15.71
CA TRP B 90 -8.01 -18.99 14.64
C TRP B 90 -7.95 -20.06 13.57
N ASP B 91 -8.22 -19.66 12.33
CA ASP B 91 -8.15 -20.57 11.19
C ASP B 91 -6.74 -20.49 10.63
N TYR B 92 -5.94 -21.52 10.90
CA TYR B 92 -4.56 -21.52 10.44
C TYR B 92 -4.44 -21.91 8.98
N LYS B 93 -5.48 -22.46 8.39
CA LYS B 93 -5.45 -22.75 6.97
C LYS B 93 -5.36 -21.46 6.16
N ARG B 94 -6.07 -20.43 6.57
CA ARG B 94 -6.09 -19.17 5.86
C ARG B 94 -5.58 -18.00 6.69
N ASP B 95 -5.03 -18.26 7.87
CA ASP B 95 -4.40 -17.24 8.72
C ASP B 95 -5.35 -16.08 9.02
N ALA B 96 -6.61 -16.40 9.29
CA ALA B 96 -7.63 -15.41 9.56
C ALA B 96 -8.52 -15.96 10.65
N PRO B 97 -9.24 -15.10 11.36
CA PRO B 97 -10.17 -15.61 12.36
C PRO B 97 -11.24 -16.46 11.72
N ALA B 98 -11.64 -17.51 12.41
CA ALA B 98 -12.62 -18.41 11.84
C ALA B 98 -14.00 -17.76 11.71
N HIS B 99 -14.31 -16.79 12.56
CA HIS B 99 -15.61 -16.15 12.56
C HIS B 99 -15.42 -14.65 12.48
N ILE B 100 -16.33 -13.99 11.77
CA ILE B 100 -16.13 -12.60 11.41
C ILE B 100 -16.34 -11.68 12.62
N SER B 101 -17.32 -11.97 13.46
CA SER B 101 -17.58 -11.19 14.67
C SER B 101 -17.18 -11.97 15.90
N THR B 102 -17.09 -11.27 17.02
CA THR B 102 -16.70 -11.87 18.30
C THR B 102 -17.67 -11.42 19.39
N ILE B 103 -17.49 -12.00 20.57
CA ILE B 103 -18.27 -11.65 21.74
C ILE B 103 -17.29 -11.39 22.88
N GLY B 104 -17.24 -10.16 23.37
CA GLY B 104 -16.40 -9.85 24.51
C GLY B 104 -14.93 -10.08 24.28
N VAL B 105 -14.42 -9.75 23.10
CA VAL B 105 -13.00 -9.91 22.82
C VAL B 105 -12.39 -8.61 22.32
N CYS B 106 -12.86 -8.11 21.19
CA CYS B 106 -12.27 -6.96 20.52
C CYS B 106 -13.36 -5.92 20.28
N SER B 107 -13.11 -4.69 20.70
CA SER B 107 -14.13 -3.66 20.57
C SER B 107 -14.49 -3.39 19.11
N MET B 108 -13.56 -3.62 18.20
CA MET B 108 -13.82 -3.33 16.80
C MET B 108 -14.61 -4.45 16.12
N THR B 109 -14.71 -5.62 16.76
CA THR B 109 -15.49 -6.72 16.20
C THR B 109 -16.63 -7.17 17.09
N ASP B 110 -16.71 -6.67 18.32
CA ASP B 110 -17.70 -7.20 19.25
C ASP B 110 -19.08 -6.73 18.86
N ILE B 111 -19.97 -7.68 18.61
CA ILE B 111 -21.39 -7.38 18.52
C ILE B 111 -22.05 -7.39 19.88
N ALA B 112 -21.38 -7.91 20.90
CA ALA B 112 -21.88 -7.98 22.26
C ALA B 112 -20.71 -8.26 23.18
N LYS B 113 -20.95 -8.09 24.48
CA LYS B 113 -19.95 -8.43 25.48
C LYS B 113 -20.26 -9.71 26.22
N LYS B 114 -21.47 -10.22 26.12
CA LYS B 114 -21.86 -11.51 26.65
C LYS B 114 -22.68 -12.24 25.62
N PRO B 115 -22.64 -13.57 25.61
CA PRO B 115 -23.46 -14.32 24.65
C PRO B 115 -24.94 -14.31 24.98
N THR B 116 -25.33 -13.77 26.12
CA THR B 116 -26.73 -13.71 26.53
C THR B 116 -27.43 -12.45 26.06
N GLU B 117 -26.74 -11.54 25.37
CA GLU B 117 -27.41 -10.39 24.82
C GLU B 117 -28.28 -10.79 23.63
N THR B 118 -29.29 -9.97 23.34
CA THR B 118 -30.34 -10.38 22.42
C THR B 118 -29.84 -10.44 20.98
N ILE B 119 -28.76 -9.75 20.66
CA ILE B 119 -28.25 -9.78 19.29
C ILE B 119 -27.70 -11.15 18.95
N CYS B 120 -27.13 -11.84 19.93
CA CYS B 120 -26.59 -13.17 19.71
C CYS B 120 -27.64 -14.25 19.82
N ALA B 121 -28.89 -13.89 20.08
CA ALA B 121 -29.94 -14.91 20.16
C ALA B 121 -30.15 -15.68 18.87
N PRO B 122 -30.25 -15.04 17.67
CA PRO B 122 -30.35 -15.82 16.43
C PRO B 122 -29.00 -16.18 15.82
N LEU B 123 -28.06 -16.60 16.67
CA LEU B 123 -26.75 -17.06 16.22
C LEU B 123 -26.41 -18.32 16.97
N THR B 124 -25.83 -19.29 16.28
CA THR B 124 -25.33 -20.49 16.94
C THR B 124 -23.98 -20.16 17.53
N VAL B 125 -23.97 -19.84 18.80
CA VAL B 125 -22.76 -19.47 19.53
C VAL B 125 -22.05 -20.73 19.97
N PHE B 126 -20.74 -20.77 19.75
CA PHE B 126 -19.93 -21.91 20.16
C PHE B 126 -19.51 -21.74 21.61
N PHE B 127 -19.93 -22.65 22.47
CA PHE B 127 -19.61 -22.61 23.89
C PHE B 127 -18.62 -23.71 24.22
N ASP B 128 -17.58 -23.35 24.96
CA ASP B 128 -16.54 -24.28 25.38
C ASP B 128 -16.80 -24.68 26.82
N GLY B 129 -17.27 -25.90 27.03
CA GLY B 129 -17.64 -26.35 28.36
C GLY B 129 -16.46 -26.57 29.28
N ARG B 130 -15.23 -26.54 28.75
CA ARG B 130 -14.06 -26.58 29.62
C ARG B 130 -13.92 -25.29 30.41
N VAL B 131 -14.40 -24.18 29.87
CA VAL B 131 -14.38 -22.91 30.59
C VAL B 131 -15.57 -22.87 31.54
N ASP B 132 -15.34 -22.37 32.74
CA ASP B 132 -16.37 -22.36 33.76
C ASP B 132 -17.51 -21.41 33.39
N GLY B 133 -18.74 -21.87 33.61
CA GLY B 133 -19.91 -21.07 33.36
C GLY B 133 -20.47 -21.17 31.97
N GLN B 134 -19.70 -21.65 31.00
CA GLN B 134 -20.19 -21.76 29.64
C GLN B 134 -21.24 -22.85 29.50
N VAL B 135 -21.22 -23.87 30.35
CA VAL B 135 -22.27 -24.88 30.30
C VAL B 135 -23.62 -24.27 30.64
N ASP B 136 -23.65 -23.44 31.69
CA ASP B 136 -24.89 -22.75 32.04
C ASP B 136 -25.32 -21.80 30.94
N LEU B 137 -24.36 -21.10 30.33
CA LEU B 137 -24.69 -20.19 29.24
C LEU B 137 -25.29 -20.95 28.06
N PHE B 138 -24.73 -22.10 27.71
CA PHE B 138 -25.31 -22.89 26.64
C PHE B 138 -26.70 -23.39 27.01
N ARG B 139 -26.90 -23.74 28.29
CA ARG B 139 -28.23 -24.14 28.73
C ARG B 139 -29.25 -23.03 28.55
N ASN B 140 -28.88 -21.80 28.92
CA ASN B 140 -29.79 -20.68 28.75
C ASN B 140 -29.84 -20.16 27.32
N ALA B 141 -28.85 -20.49 26.50
CA ALA B 141 -28.77 -19.94 25.16
C ALA B 141 -29.90 -20.47 24.30
N ARG B 142 -30.20 -19.72 23.24
CA ARG B 142 -31.27 -20.10 22.33
C ARG B 142 -30.75 -21.06 21.26
N ASN B 143 -29.74 -20.64 20.51
CA ASN B 143 -29.07 -21.48 19.53
C ASN B 143 -27.59 -21.54 19.87
N GLY B 144 -27.02 -22.74 19.89
CA GLY B 144 -25.61 -22.85 20.20
C GLY B 144 -25.14 -24.28 20.16
N VAL B 145 -23.82 -24.44 20.23
CA VAL B 145 -23.14 -25.73 20.26
C VAL B 145 -22.21 -25.75 21.46
N LEU B 146 -22.26 -26.83 22.23
CA LEU B 146 -21.43 -26.96 23.42
C LEU B 146 -20.51 -28.17 23.27
N ILE B 147 -19.23 -27.98 23.57
CA ILE B 147 -18.28 -29.07 23.65
C ILE B 147 -17.90 -29.26 25.10
N THR B 148 -17.64 -30.51 25.48
CA THR B 148 -17.33 -30.81 26.86
C THR B 148 -16.33 -31.95 26.89
N GLU B 149 -15.39 -31.90 27.84
CA GLU B 149 -14.51 -33.04 28.05
C GLU B 149 -15.22 -34.15 28.82
N GLY B 150 -16.18 -33.78 29.66
CA GLY B 150 -16.86 -34.72 30.52
C GLY B 150 -18.29 -34.97 30.07
N SER B 151 -19.19 -35.01 31.05
CA SER B 151 -20.61 -35.25 30.81
C SER B 151 -21.42 -34.16 31.47
N VAL B 152 -22.58 -33.87 30.89
CA VAL B 152 -23.47 -32.82 31.36
C VAL B 152 -24.80 -33.46 31.71
N LYS B 153 -25.30 -33.16 32.90
CA LYS B 153 -26.53 -33.79 33.38
C LYS B 153 -27.72 -33.35 32.54
N GLY B 154 -28.53 -34.33 32.14
CA GLY B 154 -29.73 -34.06 31.39
C GLY B 154 -29.54 -33.86 29.90
N LEU B 155 -28.32 -34.00 29.39
CA LEU B 155 -28.06 -33.81 27.98
C LEU B 155 -27.36 -35.04 27.41
N GLN B 156 -27.92 -35.58 26.33
CA GLN B 156 -27.35 -36.77 25.72
C GLN B 156 -26.21 -36.37 24.79
N PRO B 157 -25.00 -36.87 25.01
CA PRO B 157 -23.86 -36.43 24.20
C PRO B 157 -23.71 -37.21 22.91
N SER B 158 -23.03 -36.58 21.96
CA SER B 158 -22.60 -37.21 20.73
C SER B 158 -21.08 -37.16 20.67
N VAL B 159 -20.44 -38.32 20.59
CA VAL B 159 -18.99 -38.38 20.67
C VAL B 159 -18.40 -37.95 19.33
N GLY B 160 -17.54 -36.95 19.37
CA GLY B 160 -17.02 -36.37 18.15
C GLY B 160 -15.76 -37.05 17.67
N PRO B 161 -15.01 -36.37 16.81
CA PRO B 161 -13.79 -36.97 16.28
C PRO B 161 -12.73 -37.11 17.35
N LYS B 162 -11.84 -38.07 17.14
CA LYS B 162 -10.78 -38.33 18.12
C LYS B 162 -9.70 -37.28 18.08
N GLN B 163 -9.57 -36.53 17.00
CA GLN B 163 -8.51 -35.56 16.86
C GLN B 163 -9.05 -34.15 17.00
N ALA B 164 -8.17 -33.23 17.39
CA ALA B 164 -8.55 -31.84 17.53
C ALA B 164 -7.34 -30.99 17.21
N SER B 165 -7.58 -29.73 16.89
CA SER B 165 -6.54 -28.83 16.46
C SER B 165 -5.97 -28.08 17.63
N LEU B 166 -4.69 -28.25 17.88
CA LEU B 166 -3.99 -27.56 18.97
C LEU B 166 -2.93 -26.70 18.30
N ASN B 167 -3.13 -25.38 18.33
CA ASN B 167 -2.22 -24.41 17.72
C ASN B 167 -1.98 -24.73 16.24
N GLY B 168 -3.03 -25.15 15.56
CA GLY B 168 -2.93 -25.50 14.17
C GLY B 168 -2.39 -26.88 13.91
N VAL B 169 -2.03 -27.61 14.95
CA VAL B 169 -1.52 -28.97 14.82
C VAL B 169 -2.65 -29.91 15.20
N THR B 170 -3.27 -30.52 14.20
CA THR B 170 -4.31 -31.50 14.46
C THR B 170 -3.66 -32.77 14.96
N LEU B 171 -4.09 -33.25 16.13
CA LEU B 171 -3.45 -34.39 16.76
C LEU B 171 -4.46 -35.17 17.56
N ILE B 172 -4.16 -36.43 17.80
CA ILE B 172 -4.93 -37.26 18.71
C ILE B 172 -4.29 -37.14 20.08
N GLY B 173 -5.00 -36.54 21.02
CA GLY B 173 -4.37 -36.14 22.27
C GLY B 173 -4.05 -37.33 23.17
N GLU B 174 -2.83 -37.32 23.70
CA GLU B 174 -2.39 -38.29 24.68
C GLU B 174 -2.20 -37.66 26.06
N ALA B 175 -1.40 -36.60 26.15
CA ALA B 175 -1.28 -35.88 27.41
C ALA B 175 -2.48 -35.01 27.71
N VAL B 176 -3.16 -34.49 26.68
CA VAL B 176 -4.30 -33.62 26.86
C VAL B 176 -5.47 -34.18 26.05
N LYS B 177 -6.68 -33.89 26.52
CA LYS B 177 -7.87 -34.47 25.91
C LYS B 177 -8.25 -33.74 24.64
N THR B 178 -8.49 -34.49 23.57
CA THR B 178 -8.92 -33.92 22.30
C THR B 178 -10.22 -34.51 21.80
N GLN B 179 -10.87 -35.38 22.56
CA GLN B 179 -12.14 -35.95 22.16
C GLN B 179 -13.23 -35.30 23.01
N PHE B 180 -14.00 -34.42 22.40
CA PHE B 180 -15.06 -33.70 23.08
C PHE B 180 -16.39 -34.34 22.78
N ASN B 181 -17.35 -34.13 23.67
CA ASN B 181 -18.73 -34.49 23.43
C ASN B 181 -19.43 -33.26 22.87
N TYR B 182 -20.27 -33.45 21.87
CA TYR B 182 -20.94 -32.36 21.21
C TYR B 182 -22.41 -32.35 21.55
N TYR B 183 -22.92 -31.19 21.94
CA TYR B 183 -24.33 -30.95 22.16
C TYR B 183 -24.73 -29.77 21.32
N LYS B 184 -25.85 -29.88 20.62
CA LYS B 184 -26.34 -28.80 19.77
C LYS B 184 -27.77 -28.46 20.16
N LYS B 185 -28.07 -27.17 20.24
CA LYS B 185 -29.39 -26.70 20.58
C LYS B 185 -29.83 -25.67 19.56
N VAL B 186 -31.00 -25.89 18.95
CA VAL B 186 -31.52 -24.99 17.92
C VAL B 186 -32.92 -24.55 18.34
N ASP B 187 -33.12 -23.22 18.39
CA ASP B 187 -34.38 -22.63 18.82
C ASP B 187 -34.80 -23.13 20.20
N GLY B 188 -33.81 -23.26 21.08
CA GLY B 188 -34.07 -23.68 22.44
C GLY B 188 -34.40 -25.14 22.60
N VAL B 189 -34.26 -25.94 21.54
CA VAL B 189 -34.62 -27.35 21.55
C VAL B 189 -33.34 -28.15 21.36
N VAL B 190 -32.96 -28.92 22.37
CA VAL B 190 -31.71 -29.68 22.35
C VAL B 190 -31.89 -30.83 21.36
N GLN B 191 -31.20 -30.74 20.23
CA GLN B 191 -31.30 -31.74 19.18
C GLN B 191 -30.26 -32.81 19.38
N GLN B 192 -30.53 -33.98 18.81
CA GLN B 192 -29.58 -35.09 18.81
C GLN B 192 -28.88 -35.15 17.46
N LEU B 193 -27.57 -34.94 17.48
CA LEU B 193 -26.80 -34.96 16.26
C LEU B 193 -26.75 -36.37 15.69
N PRO B 194 -26.74 -36.50 14.36
CA PRO B 194 -26.77 -37.84 13.75
C PRO B 194 -25.46 -38.57 13.94
N GLU B 195 -25.51 -39.89 13.77
CA GLU B 195 -24.30 -40.70 13.81
C GLU B 195 -23.49 -40.44 12.54
N THR B 196 -22.25 -39.99 12.71
CA THR B 196 -21.47 -39.49 11.58
C THR B 196 -20.13 -40.18 11.51
N TYR B 197 -19.58 -40.21 10.30
CA TYR B 197 -18.19 -40.55 10.08
C TYR B 197 -17.35 -39.30 10.20
N PHE B 198 -16.11 -39.46 10.63
CA PHE B 198 -15.22 -38.33 10.85
C PHE B 198 -13.97 -38.51 10.01
N THR B 199 -13.60 -37.47 9.28
CA THR B 199 -12.37 -37.50 8.52
C THR B 199 -11.18 -37.46 9.46
N GLN B 200 -10.10 -38.12 9.05
CA GLN B 200 -8.94 -38.29 9.90
C GLN B 200 -8.02 -37.08 9.92
N SER B 201 -8.17 -36.16 8.95
CA SER B 201 -7.41 -34.91 8.90
C SER B 201 -5.90 -35.16 8.87
N ARG B 202 -5.45 -35.91 7.87
CA ARG B 202 -4.04 -36.17 7.64
C ARG B 202 -3.60 -35.42 6.39
N ASN B 203 -2.32 -35.56 6.05
CA ASN B 203 -1.78 -34.94 4.85
C ASN B 203 -0.74 -35.87 4.23
N LEU B 204 -0.31 -35.51 3.02
CA LEU B 204 0.50 -36.43 2.21
C LEU B 204 1.84 -36.73 2.85
N GLN B 205 2.61 -35.70 3.18
CA GLN B 205 3.98 -35.91 3.63
C GLN B 205 4.01 -36.62 4.97
N GLU B 206 3.29 -36.11 5.95
CA GLU B 206 3.24 -36.72 7.27
C GLU B 206 2.03 -37.64 7.37
N PHE B 207 1.93 -38.56 6.41
CA PHE B 207 0.83 -39.52 6.38
C PHE B 207 1.26 -40.77 7.13
N LYS B 208 0.48 -41.13 8.14
CA LYS B 208 0.75 -42.32 8.91
C LYS B 208 -0.53 -43.15 8.98
N PRO B 209 -0.47 -44.43 8.64
CA PRO B 209 -1.67 -45.26 8.72
C PRO B 209 -2.17 -45.38 10.15
N ARG B 210 -3.50 -45.40 10.30
CA ARG B 210 -4.14 -45.46 11.60
C ARG B 210 -4.97 -46.73 11.80
N SER B 211 -4.82 -47.72 10.93
CA SER B 211 -5.49 -49.00 11.09
C SER B 211 -4.66 -50.06 10.41
N GLN B 212 -5.02 -51.32 10.65
CA GLN B 212 -4.30 -52.41 10.03
C GLN B 212 -4.46 -52.40 8.52
N MET B 213 -5.66 -52.09 8.04
CA MET B 213 -5.92 -52.11 6.60
C MET B 213 -5.08 -51.07 5.88
N GLU B 214 -4.92 -49.88 6.46
CA GLU B 214 -4.13 -48.85 5.82
C GLU B 214 -2.65 -49.23 5.75
N ILE B 215 -2.17 -49.95 6.76
CA ILE B 215 -0.79 -50.45 6.73
C ILE B 215 -0.61 -51.39 5.55
N ASP B 216 -1.59 -52.28 5.34
CA ASP B 216 -1.52 -53.19 4.20
C ASP B 216 -1.62 -52.43 2.88
N PHE B 217 -2.44 -51.38 2.84
CA PHE B 217 -2.56 -50.58 1.64
C PHE B 217 -1.24 -49.93 1.27
N LEU B 218 -0.53 -49.39 2.27
CA LEU B 218 0.72 -48.71 1.98
C LEU B 218 1.89 -49.66 1.78
N GLU B 219 1.71 -50.95 2.06
CA GLU B 219 2.78 -51.94 1.93
C GLU B 219 2.56 -52.90 0.78
N LEU B 220 1.37 -53.46 0.65
CA LEU B 220 1.10 -54.42 -0.40
C LEU B 220 1.02 -53.73 -1.76
N ALA B 221 0.97 -54.55 -2.81
CA ALA B 221 0.74 -54.06 -4.15
C ALA B 221 -0.77 -53.91 -4.39
N MET B 222 -1.13 -53.40 -5.57
CA MET B 222 -2.53 -53.16 -5.87
C MET B 222 -3.32 -54.47 -5.95
N ASP B 223 -2.73 -55.50 -6.54
CA ASP B 223 -3.45 -56.76 -6.70
C ASP B 223 -3.63 -57.48 -5.38
N GLU B 224 -2.54 -57.57 -4.60
CA GLU B 224 -2.58 -58.33 -3.35
C GLU B 224 -3.54 -57.70 -2.35
N PHE B 225 -3.53 -56.37 -2.25
CA PHE B 225 -4.40 -55.70 -1.29
C PHE B 225 -5.86 -55.90 -1.63
N ILE B 226 -6.20 -55.80 -2.92
CA ILE B 226 -7.59 -56.00 -3.33
C ILE B 226 -8.00 -57.45 -3.12
N GLU B 227 -7.07 -58.37 -3.39
CA GLU B 227 -7.38 -59.79 -3.21
C GLU B 227 -7.61 -60.13 -1.74
N ARG B 228 -6.78 -59.59 -0.86
CA ARG B 228 -6.82 -59.99 0.54
C ARG B 228 -8.10 -59.53 1.23
N TYR B 229 -8.51 -58.29 1.01
CA TYR B 229 -9.66 -57.74 1.70
C TYR B 229 -10.95 -57.90 0.92
N LYS B 230 -10.95 -58.74 -0.11
CA LYS B 230 -12.14 -59.08 -0.89
C LYS B 230 -12.78 -57.83 -1.49
N LEU B 231 -11.95 -56.91 -1.95
CA LEU B 231 -12.40 -55.69 -2.59
C LEU B 231 -12.59 -55.85 -4.09
N GLU B 232 -12.83 -57.07 -4.54
CA GLU B 232 -13.10 -57.31 -5.95
C GLU B 232 -14.46 -56.75 -6.33
N GLY B 233 -14.52 -56.10 -7.49
CA GLY B 233 -15.75 -55.51 -7.96
C GLY B 233 -16.09 -54.16 -7.37
N TYR B 234 -15.14 -53.52 -6.69
CA TYR B 234 -15.39 -52.20 -6.11
C TYR B 234 -14.44 -51.14 -6.65
N ALA B 235 -13.72 -51.44 -7.73
CA ALA B 235 -12.97 -50.45 -8.52
C ALA B 235 -11.95 -49.70 -7.68
N PHE B 236 -11.28 -50.41 -6.77
CA PHE B 236 -10.23 -49.77 -5.98
C PHE B 236 -9.01 -49.44 -6.82
N GLU B 237 -8.92 -49.97 -8.04
CA GLU B 237 -7.80 -49.63 -8.92
C GLU B 237 -7.86 -48.19 -9.39
N ALA B 238 -9.05 -47.67 -9.61
CA ALA B 238 -9.20 -46.29 -10.07
C ALA B 238 -9.67 -45.35 -8.97
N ILE B 239 -10.65 -45.78 -8.17
CA ILE B 239 -11.23 -44.91 -7.15
C ILE B 239 -10.16 -44.50 -6.14
N VAL B 240 -9.34 -45.44 -5.72
CA VAL B 240 -8.43 -45.26 -4.61
C VAL B 240 -6.98 -45.14 -5.07
N TYR B 241 -6.59 -45.94 -6.06
CA TYR B 241 -5.19 -45.97 -6.45
C TYR B 241 -4.84 -44.88 -7.48
N GLY B 242 -5.74 -44.60 -8.41
CA GLY B 242 -5.47 -43.60 -9.42
C GLY B 242 -4.87 -44.20 -10.68
N ASP B 243 -5.28 -43.63 -11.82
CA ASP B 243 -4.94 -44.16 -13.14
C ASP B 243 -4.05 -43.13 -13.84
N PHE B 244 -2.74 -43.32 -13.72
CA PHE B 244 -1.76 -42.40 -14.30
C PHE B 244 -1.31 -42.88 -15.66
N SER B 245 -2.29 -43.06 -16.56
CA SER B 245 -2.03 -43.61 -17.87
C SER B 245 -2.40 -42.68 -19.02
N HIS B 246 -3.44 -41.87 -18.87
CA HIS B 246 -3.89 -40.96 -19.92
C HIS B 246 -3.49 -39.53 -19.55
N SER B 247 -3.84 -38.61 -20.45
CA SER B 247 -3.52 -37.20 -20.21
C SER B 247 -4.31 -36.63 -19.04
N GLN B 248 -5.42 -37.26 -18.69
CA GLN B 248 -6.28 -36.82 -17.60
C GLN B 248 -6.23 -37.83 -16.47
N LEU B 249 -5.90 -37.37 -15.27
CA LEU B 249 -5.77 -38.25 -14.12
C LEU B 249 -7.11 -38.87 -13.77
N GLY B 250 -7.10 -40.18 -13.52
CA GLY B 250 -8.30 -40.95 -13.32
C GLY B 250 -8.47 -41.35 -11.86
N GLY B 251 -9.63 -41.02 -11.31
CA GLY B 251 -9.97 -41.46 -9.97
C GLY B 251 -9.15 -40.76 -8.91
N LEU B 252 -8.68 -41.54 -7.93
CA LEU B 252 -7.83 -41.05 -6.85
C LEU B 252 -8.58 -40.04 -5.98
N HIS B 253 -9.67 -40.50 -5.35
CA HIS B 253 -10.53 -39.66 -4.55
C HIS B 253 -10.47 -39.96 -3.06
N LEU B 254 -9.38 -40.57 -2.59
CA LEU B 254 -9.11 -40.70 -1.18
C LEU B 254 -7.68 -40.26 -0.92
N LEU B 255 -7.45 -39.66 0.24
CA LEU B 255 -6.12 -39.15 0.53
C LEU B 255 -5.09 -40.26 0.67
N ILE B 256 -5.53 -41.48 0.99
CA ILE B 256 -4.57 -42.56 1.23
C ILE B 256 -3.89 -42.96 -0.08
N GLY B 257 -4.65 -43.02 -1.18
CA GLY B 257 -4.03 -43.33 -2.45
C GLY B 257 -3.08 -42.24 -2.92
N LEU B 258 -3.46 -40.99 -2.67
CA LEU B 258 -2.55 -39.88 -2.97
C LEU B 258 -1.26 -40.01 -2.20
N ALA B 259 -1.34 -40.39 -0.92
CA ALA B 259 -0.14 -40.57 -0.11
C ALA B 259 0.72 -41.71 -0.64
N LYS B 260 0.09 -42.82 -1.04
CA LYS B 260 0.87 -43.93 -1.59
C LYS B 260 1.60 -43.53 -2.86
N ARG B 261 0.90 -42.85 -3.77
CA ARG B 261 1.55 -42.41 -5.00
C ARG B 261 2.66 -41.41 -4.70
N PHE B 262 2.43 -40.51 -3.74
CA PHE B 262 3.44 -39.53 -3.38
C PHE B 262 4.69 -40.20 -2.83
N LYS B 263 4.50 -41.28 -2.08
CA LYS B 263 5.66 -42.08 -1.66
C LYS B 263 6.33 -42.73 -2.87
N GLU B 264 5.55 -43.22 -3.82
CA GLU B 264 6.13 -43.74 -5.06
C GLU B 264 6.85 -42.64 -5.83
N SER B 265 6.15 -41.54 -6.10
CA SER B 265 6.70 -40.44 -6.88
C SER B 265 5.97 -39.15 -6.58
N PRO B 266 6.67 -38.12 -6.14
CA PRO B 266 5.98 -36.87 -5.74
C PRO B 266 5.34 -36.16 -6.92
N PHE B 267 4.26 -35.45 -6.62
CA PHE B 267 3.55 -34.64 -7.60
C PHE B 267 3.12 -33.35 -6.92
N GLU B 268 2.22 -32.62 -7.57
CA GLU B 268 1.81 -31.30 -7.14
C GLU B 268 0.36 -31.30 -6.71
N LEU B 269 0.10 -30.73 -5.54
CA LEU B 269 -1.26 -30.46 -5.07
C LEU B 269 -1.42 -28.95 -4.96
N GLU B 270 -2.06 -28.33 -5.94
CA GLU B 270 -2.36 -26.91 -5.89
C GLU B 270 -3.77 -26.74 -5.34
N ASP B 271 -3.86 -26.50 -4.03
CA ASP B 271 -5.13 -26.24 -3.37
C ASP B 271 -5.54 -24.82 -3.72
N PHE B 272 -6.42 -24.67 -4.71
CA PHE B 272 -6.76 -23.34 -5.17
C PHE B 272 -7.74 -22.63 -4.24
N ILE B 273 -8.37 -23.34 -3.32
CA ILE B 273 -9.21 -22.69 -2.33
C ILE B 273 -8.66 -23.04 -0.96
N PRO B 274 -7.74 -22.25 -0.43
CA PRO B 274 -7.08 -22.62 0.81
C PRO B 274 -7.98 -22.44 2.02
N MET B 275 -8.88 -23.38 2.23
CA MET B 275 -9.73 -23.34 3.41
C MET B 275 -9.94 -24.76 3.91
N ASP B 276 -10.42 -24.85 5.14
CA ASP B 276 -10.64 -26.14 5.77
C ASP B 276 -12.07 -26.60 5.46
N SER B 277 -12.20 -27.77 4.87
CA SER B 277 -13.51 -28.31 4.54
C SER B 277 -13.42 -29.82 4.56
N THR B 278 -14.59 -30.45 4.63
CA THR B 278 -14.65 -31.91 4.65
C THR B 278 -14.10 -32.50 3.37
N VAL B 279 -14.49 -31.93 2.23
CA VAL B 279 -14.06 -32.41 0.91
C VAL B 279 -13.27 -31.30 0.23
N LYS B 280 -12.09 -31.63 -0.26
CA LYS B 280 -11.17 -30.66 -0.83
C LYS B 280 -11.02 -30.90 -2.33
N ASN B 281 -10.86 -29.82 -3.08
CA ASN B 281 -10.56 -29.90 -4.51
C ASN B 281 -9.13 -29.47 -4.74
N TYR B 282 -8.41 -30.24 -5.55
CA TYR B 282 -7.01 -29.98 -5.82
C TYR B 282 -6.76 -29.96 -7.32
N PHE B 283 -5.71 -29.25 -7.71
CA PHE B 283 -5.21 -29.23 -9.08
C PHE B 283 -3.99 -30.13 -9.10
N ILE B 284 -4.21 -31.42 -9.34
CA ILE B 284 -3.14 -32.40 -9.29
C ILE B 284 -2.39 -32.39 -10.61
N THR B 285 -1.08 -32.48 -10.53
CA THR B 285 -0.21 -32.58 -11.71
C THR B 285 0.84 -33.64 -11.40
N ASP B 286 0.73 -34.79 -12.03
CA ASP B 286 1.67 -35.88 -11.77
C ASP B 286 2.97 -35.62 -12.51
N ALA B 287 4.03 -35.36 -11.75
CA ALA B 287 5.31 -34.94 -12.32
C ALA B 287 6.01 -36.05 -13.09
N GLN B 288 5.64 -37.31 -12.89
CA GLN B 288 6.31 -38.39 -13.58
C GLN B 288 5.60 -38.76 -14.88
N THR B 289 4.30 -39.06 -14.79
CA THR B 289 3.56 -39.46 -15.97
C THR B 289 3.06 -38.29 -16.79
N GLY B 290 3.13 -37.06 -16.27
CA GLY B 290 2.61 -35.92 -16.99
C GLY B 290 1.11 -35.84 -17.04
N SER B 291 0.42 -36.68 -16.29
CA SER B 291 -1.03 -36.67 -16.22
C SER B 291 -1.47 -35.66 -15.17
N SER B 292 -2.46 -34.84 -15.50
CA SER B 292 -2.98 -33.85 -14.57
C SER B 292 -4.49 -33.81 -14.66
N LYS B 293 -5.12 -33.40 -13.55
CA LYS B 293 -6.56 -33.18 -13.49
C LYS B 293 -6.81 -31.84 -12.81
N CYS B 294 -7.74 -31.07 -13.36
CA CYS B 294 -7.96 -29.72 -12.87
C CYS B 294 -8.58 -29.72 -11.48
N VAL B 295 -9.63 -30.52 -11.28
CA VAL B 295 -10.33 -30.58 -10.01
C VAL B 295 -10.45 -32.05 -9.62
N CYS B 296 -9.99 -32.38 -8.42
CA CYS B 296 -10.05 -33.76 -7.92
C CYS B 296 -10.54 -33.72 -6.48
N SER B 297 -11.77 -34.16 -6.26
CA SER B 297 -12.37 -34.14 -4.93
C SER B 297 -11.73 -35.20 -4.06
N VAL B 298 -11.07 -34.77 -2.99
CA VAL B 298 -10.35 -35.67 -2.09
C VAL B 298 -10.98 -35.59 -0.71
N ILE B 299 -11.29 -36.74 -0.14
CA ILE B 299 -11.85 -36.81 1.21
C ILE B 299 -11.01 -37.78 2.03
N ASP B 300 -10.62 -37.35 3.23
CA ASP B 300 -9.69 -38.12 4.06
C ASP B 300 -10.44 -39.06 5.00
N LEU B 301 -11.28 -39.89 4.40
CA LEU B 301 -12.02 -40.86 5.17
C LEU B 301 -11.11 -42.01 5.59
N LEU B 302 -11.42 -42.58 6.76
CA LEU B 302 -10.74 -43.80 7.19
C LEU B 302 -11.02 -44.91 6.21
N LEU B 303 -9.97 -45.67 5.86
CA LEU B 303 -10.11 -46.67 4.81
C LEU B 303 -11.07 -47.77 5.22
N ASP B 304 -11.06 -48.16 6.50
CA ASP B 304 -12.05 -49.11 6.99
C ASP B 304 -13.46 -48.53 6.89
N ASP B 305 -13.62 -47.26 7.25
CA ASP B 305 -14.91 -46.61 7.10
C ASP B 305 -15.33 -46.54 5.64
N PHE B 306 -14.39 -46.22 4.75
CA PHE B 306 -14.70 -46.15 3.33
C PHE B 306 -15.15 -47.50 2.81
N VAL B 307 -14.47 -48.57 3.22
CA VAL B 307 -14.84 -49.91 2.79
C VAL B 307 -16.23 -50.28 3.30
N GLU B 308 -16.51 -49.95 4.56
CA GLU B 308 -17.84 -50.20 5.10
C GLU B 308 -18.92 -49.45 4.33
N ILE B 309 -18.65 -48.18 4.01
CA ILE B 309 -19.61 -47.37 3.27
C ILE B 309 -19.86 -47.98 1.90
N ILE B 310 -18.80 -48.31 1.17
CA ILE B 310 -18.97 -48.81 -0.19
C ILE B 310 -19.50 -50.22 -0.21
N LYS B 311 -19.38 -50.95 0.90
CA LYS B 311 -20.03 -52.25 1.00
C LYS B 311 -21.48 -52.13 1.47
N SER B 312 -21.89 -50.97 1.94
CA SER B 312 -23.30 -50.73 2.21
C SER B 312 -24.07 -50.31 0.96
N GLN B 313 -23.43 -50.27 -0.19
CA GLN B 313 -24.06 -49.82 -1.43
C GLN B 313 -24.70 -50.99 -2.17
N ASP B 314 -25.51 -50.65 -3.17
CA ASP B 314 -26.12 -51.63 -4.07
C ASP B 314 -25.62 -51.36 -5.48
N LEU B 315 -25.03 -52.37 -6.10
CA LEU B 315 -24.43 -52.23 -7.42
C LEU B 315 -25.42 -52.70 -8.48
N SER B 316 -26.54 -51.98 -8.57
CA SER B 316 -27.61 -52.39 -9.45
C SER B 316 -28.05 -51.28 -10.40
N VAL B 317 -28.07 -50.05 -9.92
CA VAL B 317 -28.53 -48.92 -10.72
C VAL B 317 -27.38 -48.38 -11.54
N VAL B 318 -27.70 -47.70 -12.63
CA VAL B 318 -26.68 -47.15 -13.52
C VAL B 318 -25.88 -46.07 -12.82
N SER B 319 -26.57 -45.12 -12.20
CA SER B 319 -25.92 -44.06 -11.44
C SER B 319 -26.76 -43.77 -10.21
N LYS B 320 -26.11 -43.26 -9.18
CA LYS B 320 -26.79 -43.03 -7.92
C LYS B 320 -26.01 -41.99 -7.13
N VAL B 321 -26.73 -41.12 -6.43
CA VAL B 321 -26.14 -40.17 -5.52
C VAL B 321 -26.39 -40.68 -4.11
N VAL B 322 -25.32 -40.88 -3.33
CA VAL B 322 -25.40 -41.47 -2.02
C VAL B 322 -25.21 -40.38 -0.98
N LYS B 323 -26.05 -40.40 0.05
CA LYS B 323 -26.00 -39.43 1.13
C LYS B 323 -25.37 -40.09 2.35
N VAL B 324 -24.17 -39.65 2.72
CA VAL B 324 -23.46 -40.15 3.88
C VAL B 324 -23.19 -38.98 4.81
N THR B 325 -23.57 -39.13 6.07
CA THR B 325 -23.32 -38.07 7.05
C THR B 325 -21.87 -38.17 7.50
N ILE B 326 -21.06 -37.20 7.10
CA ILE B 326 -19.66 -37.15 7.46
C ILE B 326 -19.39 -35.78 8.10
N ASP B 327 -18.77 -35.79 9.28
CA ASP B 327 -18.48 -34.57 10.03
C ASP B 327 -19.74 -33.75 10.28
N TYR B 328 -20.81 -34.41 10.70
CA TYR B 328 -22.08 -33.76 11.02
C TYR B 328 -22.70 -33.05 9.83
N THR B 329 -22.42 -33.51 8.62
CA THR B 329 -23.04 -32.95 7.43
C THR B 329 -23.15 -34.02 6.36
N GLU B 330 -24.04 -33.79 5.40
CA GLU B 330 -24.31 -34.77 4.36
C GLU B 330 -23.35 -34.58 3.21
N ILE B 331 -22.84 -35.69 2.68
CA ILE B 331 -21.93 -35.68 1.55
C ILE B 331 -22.60 -36.39 0.37
N SER B 332 -22.62 -35.73 -0.77
CA SER B 332 -23.34 -36.23 -1.94
C SER B 332 -22.36 -36.99 -2.83
N PHE B 333 -22.10 -38.24 -2.48
CA PHE B 333 -21.22 -39.07 -3.28
C PHE B 333 -21.87 -39.44 -4.61
N MET B 334 -21.12 -39.30 -5.69
CA MET B 334 -21.60 -39.71 -7.00
C MET B 334 -21.15 -41.13 -7.27
N LEU B 335 -22.10 -42.05 -7.38
CA LEU B 335 -21.84 -43.46 -7.60
C LEU B 335 -22.24 -43.84 -9.01
N TRP B 336 -21.30 -44.47 -9.74
CA TRP B 336 -21.56 -44.98 -11.08
C TRP B 336 -21.21 -46.46 -11.05
N CYS B 337 -22.15 -47.29 -10.61
CA CYS B 337 -21.92 -48.72 -10.52
C CYS B 337 -22.56 -49.41 -11.71
N LYS B 338 -21.83 -50.35 -12.28
CA LYS B 338 -22.32 -51.11 -13.42
C LYS B 338 -23.01 -52.37 -12.89
N ASP B 339 -23.30 -53.32 -13.78
CA ASP B 339 -23.96 -54.55 -13.38
C ASP B 339 -22.99 -55.44 -12.61
N GLY B 340 -23.04 -55.35 -11.28
CA GLY B 340 -22.11 -56.08 -10.44
C GLY B 340 -20.74 -55.47 -10.31
N HIS B 341 -20.51 -54.31 -10.94
CA HIS B 341 -19.22 -53.64 -10.92
C HIS B 341 -19.40 -52.23 -10.39
N VAL B 342 -18.29 -51.50 -10.30
CA VAL B 342 -18.27 -50.08 -10.01
C VAL B 342 -17.41 -49.41 -11.06
N GLU B 343 -17.91 -48.33 -11.66
CA GLU B 343 -17.11 -47.59 -12.61
C GLU B 343 -16.36 -46.46 -11.92
N THR B 344 -17.09 -45.55 -11.26
CA THR B 344 -16.47 -44.49 -10.50
C THR B 344 -17.34 -44.18 -9.30
N PHE B 345 -16.70 -43.63 -8.26
CA PHE B 345 -17.38 -43.28 -7.02
C PHE B 345 -16.63 -42.10 -6.40
N TYR B 346 -17.08 -40.89 -6.73
CA TYR B 346 -16.37 -39.70 -6.27
C TYR B 346 -17.35 -38.69 -5.70
N PRO B 347 -16.95 -37.97 -4.67
CA PRO B 347 -17.86 -36.97 -4.09
C PRO B 347 -18.01 -35.75 -4.99
N LYS B 348 -19.20 -35.16 -4.91
CA LYS B 348 -19.48 -33.94 -5.66
C LYS B 348 -19.92 -32.80 -4.75
CA LEU C 2 31.47 7.74 -7.58
C LEU C 2 30.04 8.24 -7.69
N GLU C 3 29.15 7.40 -8.20
CA GLU C 3 27.75 7.76 -8.38
C GLU C 3 26.90 7.04 -7.35
N MET C 4 26.18 7.82 -6.56
CA MET C 4 25.28 7.29 -5.53
C MET C 4 23.86 7.45 -6.05
N SER C 5 23.34 6.41 -6.67
CA SER C 5 22.03 6.47 -7.29
C SER C 5 21.41 5.08 -7.29
N LEU C 6 20.12 5.03 -7.55
CA LEU C 6 19.39 3.77 -7.52
C LEU C 6 19.79 2.86 -8.67
N GLU C 7 19.92 3.41 -9.87
CA GLU C 7 20.12 2.58 -11.05
C GLU C 7 21.52 2.01 -11.12
N ASN C 8 22.52 2.74 -10.62
CA ASN C 8 23.86 2.16 -10.54
C ASN C 8 23.90 0.98 -9.58
N VAL C 9 23.20 1.09 -8.45
CA VAL C 9 23.16 0.01 -7.48
C VAL C 9 22.53 -1.23 -8.10
N ALA C 10 21.43 -1.05 -8.82
CA ALA C 10 20.79 -2.19 -9.48
C ALA C 10 21.66 -2.75 -10.58
N PHE C 11 22.44 -1.89 -11.24
CA PHE C 11 23.42 -2.38 -12.20
C PHE C 11 24.39 -3.32 -11.54
N ASN C 12 24.94 -2.92 -10.40
CA ASN C 12 25.90 -3.75 -9.71
C ASN C 12 25.27 -5.04 -9.20
N VAL C 13 24.01 -4.97 -8.76
CA VAL C 13 23.33 -6.17 -8.29
C VAL C 13 23.12 -7.15 -9.43
N VAL C 14 22.72 -6.66 -10.59
CA VAL C 14 22.48 -7.55 -11.73
C VAL C 14 23.78 -8.14 -12.24
N ASN C 15 24.85 -7.34 -12.25
CA ASN C 15 26.06 -7.77 -12.92
C ASN C 15 27.05 -8.48 -12.00
N LYS C 16 26.96 -8.27 -10.69
CA LYS C 16 27.94 -8.81 -9.76
C LYS C 16 27.35 -9.42 -8.51
N GLY C 17 26.05 -9.29 -8.27
CA GLY C 17 25.41 -9.85 -7.12
C GLY C 17 25.43 -8.97 -5.90
N HIS C 18 26.26 -7.94 -5.88
CA HIS C 18 26.35 -7.02 -4.77
C HIS C 18 26.90 -5.71 -5.32
N PHE C 19 26.75 -4.65 -4.54
CA PHE C 19 27.30 -3.37 -4.98
C PHE C 19 28.82 -3.46 -4.92
N ASP C 20 29.45 -3.61 -6.06
CA ASP C 20 30.90 -3.69 -6.14
C ASP C 20 31.55 -2.36 -6.40
N GLY C 21 30.85 -1.42 -7.02
CA GLY C 21 31.41 -0.16 -7.39
C GLY C 21 31.55 0.08 -8.87
N GLN C 22 30.93 -0.74 -9.70
CA GLN C 22 31.02 -0.59 -11.14
C GLN C 22 30.21 0.61 -11.61
N GLN C 23 30.39 0.98 -12.86
CA GLN C 23 29.70 2.13 -13.45
C GLN C 23 28.73 1.64 -14.51
N GLY C 24 27.55 2.21 -14.52
CA GLY C 24 26.51 1.84 -15.46
C GLY C 24 25.17 1.87 -14.76
N GLU C 25 24.11 1.84 -15.56
CA GLU C 25 22.76 1.93 -15.03
C GLU C 25 21.85 0.97 -15.76
N VAL C 26 20.79 0.54 -15.08
CA VAL C 26 19.79 -0.35 -15.65
C VAL C 26 18.41 0.22 -15.36
N PRO C 27 17.38 -0.13 -16.13
CA PRO C 27 16.02 0.26 -15.76
C PRO C 27 15.61 -0.34 -14.42
N VAL C 28 14.86 0.45 -13.64
CA VAL C 28 14.41 0.05 -12.32
C VAL C 28 12.95 0.48 -12.15
N SER C 29 12.15 -0.41 -11.56
CA SER C 29 10.79 -0.10 -11.17
C SER C 29 10.63 -0.32 -9.68
N ILE C 30 9.95 0.60 -9.01
CA ILE C 30 9.67 0.47 -7.59
C ILE C 30 8.17 0.44 -7.42
N ILE C 31 7.63 -0.74 -7.14
CA ILE C 31 6.21 -0.93 -6.91
C ILE C 31 6.07 -1.65 -5.59
N ASN C 32 5.14 -1.19 -4.75
CA ASN C 32 4.93 -1.70 -3.40
C ASN C 32 6.25 -1.52 -2.65
N ASN C 33 6.74 -2.53 -1.93
CA ASN C 33 8.06 -2.51 -1.34
C ASN C 33 9.05 -3.36 -2.12
N THR C 34 8.90 -3.42 -3.43
CA THR C 34 9.69 -4.32 -4.26
C THR C 34 10.39 -3.51 -5.35
N VAL C 35 11.62 -3.89 -5.65
CA VAL C 35 12.40 -3.28 -6.72
C VAL C 35 12.50 -4.29 -7.85
N TYR C 36 11.99 -3.91 -9.01
CA TYR C 36 12.05 -4.73 -10.20
C TYR C 36 13.06 -4.15 -11.17
N THR C 37 13.51 -4.97 -12.10
CA THR C 37 14.36 -4.52 -13.18
C THR C 37 13.88 -5.16 -14.47
N LYS C 38 14.19 -4.53 -15.58
CA LYS C 38 13.73 -4.98 -16.88
C LYS C 38 14.82 -5.79 -17.56
N VAL C 39 14.66 -7.10 -17.58
CA VAL C 39 15.58 -8.01 -18.26
C VAL C 39 14.79 -8.73 -19.34
N ASP C 40 15.27 -8.65 -20.58
CA ASP C 40 14.59 -9.23 -21.73
C ASP C 40 13.17 -8.71 -21.88
N GLY C 41 12.97 -7.43 -21.58
CA GLY C 41 11.69 -6.80 -21.80
C GLY C 41 10.63 -7.08 -20.77
N VAL C 42 10.94 -7.87 -19.74
CA VAL C 42 9.98 -8.19 -18.69
C VAL C 42 10.60 -7.86 -17.35
N ASP C 43 9.75 -7.63 -16.36
CA ASP C 43 10.22 -7.13 -15.07
C ASP C 43 10.57 -8.28 -14.14
N VAL C 44 11.81 -8.27 -13.66
CA VAL C 44 12.32 -9.27 -12.75
C VAL C 44 12.55 -8.61 -11.41
N GLU C 45 11.98 -9.17 -10.35
CA GLU C 45 12.14 -8.61 -9.03
C GLU C 45 13.57 -8.78 -8.55
N LEU C 46 14.16 -7.71 -8.03
CA LEU C 46 15.51 -7.76 -7.48
C LEU C 46 15.54 -7.80 -5.96
N PHE C 47 14.63 -7.11 -5.30
CA PHE C 47 14.69 -6.99 -3.85
C PHE C 47 13.31 -6.64 -3.32
N GLU C 48 12.80 -7.44 -2.41
CA GLU C 48 11.55 -7.17 -1.72
C GLU C 48 11.87 -6.70 -0.31
N ASN C 49 11.31 -5.56 0.07
CA ASN C 49 11.71 -4.86 1.30
C ASN C 49 10.95 -5.43 2.50
N LYS C 50 11.68 -6.08 3.40
CA LYS C 50 11.12 -6.58 4.64
C LYS C 50 11.43 -5.70 5.83
N THR C 51 12.03 -4.54 5.61
CA THR C 51 12.45 -3.69 6.69
C THR C 51 11.49 -2.51 6.84
N THR C 52 11.76 -1.69 7.85
CA THR C 52 10.99 -0.49 8.13
C THR C 52 11.60 0.77 7.52
N LEU C 53 12.62 0.62 6.71
CA LEU C 53 13.18 1.70 5.93
C LEU C 53 12.42 1.86 4.62
N PRO C 54 12.61 2.99 3.92
CA PRO C 54 12.08 3.12 2.57
C PRO C 54 12.64 2.06 1.63
N VAL C 55 12.00 1.93 0.48
CA VAL C 55 12.35 0.86 -0.45
C VAL C 55 13.74 1.03 -0.99
N ASN C 56 14.06 2.24 -1.49
CA ASN C 56 15.35 2.41 -2.14
C ASN C 56 16.47 2.46 -1.12
N VAL C 57 16.20 3.01 0.06
CA VAL C 57 17.18 3.01 1.13
C VAL C 57 17.53 1.59 1.53
N ALA C 58 16.52 0.74 1.70
CA ALA C 58 16.77 -0.65 2.09
C ALA C 58 17.44 -1.43 0.98
N PHE C 59 17.06 -1.19 -0.27
CA PHE C 59 17.70 -1.88 -1.39
C PHE C 59 19.16 -1.50 -1.50
N GLU C 60 19.48 -0.22 -1.34
CA GLU C 60 20.87 0.20 -1.40
C GLU C 60 21.66 -0.35 -0.23
N LEU C 61 21.08 -0.36 0.97
CA LEU C 61 21.81 -0.94 2.09
C LEU C 61 22.04 -2.43 1.92
N TRP C 62 21.05 -3.14 1.40
CA TRP C 62 21.20 -4.57 1.18
C TRP C 62 22.28 -4.85 0.15
N ALA C 63 22.35 -4.06 -0.90
CA ALA C 63 23.35 -4.30 -1.93
C ALA C 63 24.75 -4.03 -1.41
N LYS C 64 24.90 -3.09 -0.48
CA LYS C 64 26.19 -2.74 0.07
C LYS C 64 26.51 -3.50 1.34
N ARG C 65 25.85 -4.62 1.57
CA ARG C 65 26.09 -5.41 2.76
C ARG C 65 27.47 -6.05 2.69
N ASN C 66 27.98 -6.40 3.86
CA ASN C 66 29.31 -7.01 3.94
C ASN C 66 29.22 -8.47 3.54
N ILE C 67 29.99 -8.86 2.52
CA ILE C 67 29.99 -10.23 2.06
C ILE C 67 31.17 -11.02 2.57
N LYS C 68 31.99 -10.45 3.43
CA LYS C 68 33.03 -11.18 4.11
C LYS C 68 32.45 -11.91 5.31
N PRO C 69 33.23 -12.78 5.96
CA PRO C 69 32.76 -13.32 7.24
C PRO C 69 32.72 -12.27 8.32
N VAL C 70 31.53 -11.90 8.77
CA VAL C 70 31.40 -10.89 9.81
C VAL C 70 31.02 -11.60 11.10
N PRO C 71 31.25 -11.00 12.27
CA PRO C 71 30.80 -11.63 13.51
C PRO C 71 29.28 -11.72 13.54
N GLU C 72 28.79 -12.68 14.30
CA GLU C 72 27.35 -12.82 14.42
C GLU C 72 26.76 -11.61 15.11
N VAL C 73 25.51 -11.32 14.78
CA VAL C 73 24.88 -10.10 15.25
C VAL C 73 24.73 -10.11 16.76
N LYS C 74 24.56 -11.30 17.34
CA LYS C 74 24.45 -11.38 18.79
C LYS C 74 25.73 -10.94 19.47
N ILE C 75 26.90 -11.28 18.92
CA ILE C 75 28.15 -10.84 19.52
C ILE C 75 28.27 -9.33 19.45
N LEU C 76 27.88 -8.74 18.32
CA LEU C 76 27.98 -7.30 18.18
C LEU C 76 27.02 -6.58 19.11
N ASN C 77 25.82 -7.12 19.29
CA ASN C 77 24.89 -6.52 20.24
C ASN C 77 25.40 -6.65 21.66
N ASN C 78 25.94 -7.80 22.02
CA ASN C 78 26.42 -8.00 23.38
C ASN C 78 27.61 -7.10 23.69
N LEU C 79 28.46 -6.86 22.69
CA LEU C 79 29.55 -5.90 22.87
C LEU C 79 29.07 -4.47 22.86
N GLY C 80 27.81 -4.21 22.52
CA GLY C 80 27.28 -2.87 22.54
C GLY C 80 27.52 -2.06 21.30
N VAL C 81 27.78 -2.71 20.16
CA VAL C 81 28.04 -2.00 18.93
C VAL C 81 26.80 -1.24 18.50
N ASP C 82 26.95 0.05 18.25
CA ASP C 82 25.85 0.90 17.83
C ASP C 82 25.87 1.21 16.33
N ILE C 83 27.04 1.17 15.70
CA ILE C 83 27.15 1.53 14.29
C ILE C 83 28.41 0.86 13.76
N ALA C 84 28.47 0.69 12.45
CA ALA C 84 29.62 0.09 11.80
C ALA C 84 30.30 1.13 10.91
N ALA C 85 31.62 1.11 10.90
CA ALA C 85 32.39 2.07 10.15
C ALA C 85 32.52 1.60 8.71
N ASN C 86 31.91 2.34 7.79
CA ASN C 86 32.10 2.18 6.35
C ASN C 86 31.69 0.81 5.85
N THR C 87 30.67 0.21 6.45
CA THR C 87 30.11 -1.04 5.96
C THR C 87 28.70 -1.20 6.49
N VAL C 88 27.95 -2.08 5.85
CA VAL C 88 26.62 -2.45 6.30
C VAL C 88 26.67 -3.89 6.74
N ILE C 89 26.17 -4.16 7.93
CA ILE C 89 26.09 -5.51 8.46
C ILE C 89 24.64 -5.93 8.42
N TRP C 90 24.35 -6.96 7.63
CA TRP C 90 22.98 -7.37 7.37
C TRP C 90 22.56 -8.40 8.38
N ASP C 91 21.36 -8.25 8.93
CA ASP C 91 20.81 -9.22 9.87
C ASP C 91 19.85 -10.11 9.10
N TYR C 92 20.31 -11.31 8.76
CA TYR C 92 19.49 -12.20 7.95
C TYR C 92 18.36 -12.83 8.73
N LYS C 93 18.42 -12.77 10.05
CA LYS C 93 17.32 -13.28 10.86
C LYS C 93 16.07 -12.44 10.67
N ARG C 94 16.24 -11.12 10.56
CA ARG C 94 15.10 -10.23 10.37
C ARG C 94 15.16 -9.44 9.07
N ASP C 95 16.09 -9.79 8.17
CA ASP C 95 16.16 -9.22 6.82
C ASP C 95 16.29 -7.71 6.84
N ALA C 96 17.14 -7.20 7.70
CA ALA C 96 17.30 -5.76 7.87
C ALA C 96 18.71 -5.50 8.35
N PRO C 97 19.19 -4.27 8.23
CA PRO C 97 20.53 -3.98 8.75
C PRO C 97 20.55 -4.10 10.26
N ALA C 98 21.68 -4.57 10.79
CA ALA C 98 21.75 -4.77 12.22
C ALA C 98 21.79 -3.45 12.98
N HIS C 99 22.09 -2.35 12.30
CA HIS C 99 22.27 -1.06 12.94
C HIS C 99 21.45 -0.02 12.20
N ILE C 100 20.90 0.92 12.96
CA ILE C 100 19.91 1.84 12.39
C ILE C 100 20.55 2.84 11.44
N SER C 101 21.72 3.36 11.79
CA SER C 101 22.41 4.35 10.96
C SER C 101 23.65 3.74 10.34
N THR C 102 24.32 4.53 9.51
CA THR C 102 25.54 4.12 8.83
C THR C 102 26.56 5.24 8.88
N ILE C 103 27.80 4.88 8.57
CA ILE C 103 28.91 5.83 8.47
C ILE C 103 29.46 5.73 7.05
N GLY C 104 29.19 6.74 6.23
CA GLY C 104 29.78 6.80 4.91
C GLY C 104 29.37 5.69 3.98
N VAL C 105 28.08 5.33 4.00
CA VAL C 105 27.59 4.27 3.12
C VAL C 105 26.48 4.79 2.21
N CYS C 106 25.35 5.15 2.82
CA CYS C 106 24.17 5.62 2.09
C CYS C 106 23.81 7.00 2.62
N SER C 107 23.47 7.91 1.70
CA SER C 107 23.22 9.29 2.11
C SER C 107 22.03 9.41 3.03
N MET C 108 21.04 8.53 2.90
CA MET C 108 19.82 8.66 3.69
C MET C 108 20.02 8.20 5.12
N THR C 109 20.97 7.31 5.38
CA THR C 109 21.18 6.79 6.72
C THR C 109 22.44 7.33 7.37
N ASP C 110 23.33 7.97 6.61
CA ASP C 110 24.60 8.42 7.15
C ASP C 110 24.39 9.47 8.22
N ILE C 111 25.02 9.27 9.37
CA ILE C 111 25.19 10.35 10.34
C ILE C 111 26.56 10.97 10.22
N ALA C 112 27.46 10.39 9.42
CA ALA C 112 28.77 10.93 9.16
C ALA C 112 29.34 10.23 7.94
N LYS C 113 30.40 10.78 7.39
CA LYS C 113 31.12 10.12 6.30
C LYS C 113 32.38 9.42 6.76
N LYS C 114 32.87 9.74 7.95
CA LYS C 114 34.01 9.07 8.55
C LYS C 114 33.72 8.80 10.02
N PRO C 115 34.29 7.73 10.58
CA PRO C 115 34.06 7.44 12.00
C PRO C 115 34.74 8.41 12.94
N THR C 116 35.56 9.32 12.43
CA THR C 116 36.31 10.26 13.26
C THR C 116 35.60 11.58 13.47
N GLU C 117 34.37 11.73 13.00
CA GLU C 117 33.65 12.97 13.21
C GLU C 117 33.11 13.02 14.64
N THR C 118 32.74 14.23 15.06
CA THR C 118 32.39 14.44 16.46
C THR C 118 31.03 13.87 16.81
N ILE C 119 30.25 13.47 15.80
CA ILE C 119 28.96 12.85 16.10
C ILE C 119 29.12 11.38 16.43
N CYS C 120 30.14 10.73 15.88
CA CYS C 120 30.39 9.32 16.14
C CYS C 120 31.13 9.08 17.43
N ALA C 121 31.56 10.13 18.12
CA ALA C 121 32.36 9.95 19.33
C ALA C 121 31.65 9.18 20.43
N PRO C 122 30.38 9.49 20.82
CA PRO C 122 29.72 8.74 21.89
C PRO C 122 28.96 7.51 21.40
N LEU C 123 29.55 6.77 20.47
CA LEU C 123 28.93 5.58 19.91
C LEU C 123 29.98 4.51 19.72
N THR C 124 29.67 3.27 20.09
CA THR C 124 30.61 2.18 19.89
C THR C 124 30.56 1.79 18.43
N VAL C 125 31.53 2.27 17.68
CA VAL C 125 31.67 1.95 16.28
C VAL C 125 32.29 0.56 16.16
N PHE C 126 31.93 -0.15 15.11
CA PHE C 126 32.53 -1.45 14.85
C PHE C 126 33.58 -1.29 13.76
N PHE C 127 34.83 -1.57 14.11
CA PHE C 127 35.93 -1.44 13.18
C PHE C 127 36.36 -2.82 12.72
N ASP C 128 36.50 -2.97 11.40
CA ASP C 128 36.87 -4.23 10.79
C ASP C 128 38.35 -4.18 10.48
N GLY C 129 39.15 -4.92 11.25
CA GLY C 129 40.59 -4.84 11.11
C GLY C 129 41.12 -5.49 9.85
N ARG C 130 40.29 -6.23 9.13
CA ARG C 130 40.73 -6.79 7.85
C ARG C 130 40.81 -5.73 6.78
N VAL C 131 40.07 -4.64 6.93
CA VAL C 131 40.10 -3.55 5.97
C VAL C 131 41.24 -2.61 6.34
N ASP C 132 42.09 -2.30 5.36
CA ASP C 132 43.28 -1.51 5.65
C ASP C 132 42.89 -0.09 6.05
N GLY C 133 43.59 0.43 7.07
CA GLY C 133 43.31 1.73 7.60
C GLY C 133 42.34 1.77 8.75
N GLN C 134 41.73 0.64 9.13
CA GLN C 134 40.75 0.65 10.20
C GLN C 134 41.36 0.50 11.57
N VAL C 135 42.53 -0.14 11.67
CA VAL C 135 43.15 -0.32 12.98
C VAL C 135 43.55 1.02 13.57
N ASP C 136 44.08 1.91 12.73
CA ASP C 136 44.44 3.24 13.22
C ASP C 136 43.21 4.04 13.60
N LEU C 137 42.12 3.86 12.86
CA LEU C 137 40.86 4.50 13.24
C LEU C 137 40.41 4.02 14.60
N PHE C 138 40.52 2.71 14.86
CA PHE C 138 40.18 2.19 16.17
C PHE C 138 41.06 2.77 17.25
N ARG C 139 42.37 2.91 16.96
CA ARG C 139 43.28 3.46 17.94
C ARG C 139 42.92 4.89 18.30
N ASN C 140 42.58 5.70 17.30
CA ASN C 140 42.22 7.09 17.57
C ASN C 140 40.76 7.25 18.00
N ALA C 141 39.95 6.22 17.89
CA ALA C 141 38.54 6.33 18.24
C ALA C 141 38.37 6.41 19.75
N ARG C 142 37.19 6.84 20.16
CA ARG C 142 36.88 6.93 21.57
C ARG C 142 36.17 5.67 22.08
N ASN C 143 35.03 5.34 21.49
CA ASN C 143 34.32 4.10 21.79
C ASN C 143 34.25 3.27 20.52
N GLY C 144 34.78 2.05 20.58
CA GLY C 144 34.82 1.22 19.39
C GLY C 144 35.09 -0.22 19.71
N VAL C 145 34.80 -1.09 18.75
CA VAL C 145 35.08 -2.51 18.83
C VAL C 145 35.87 -2.89 17.59
N LEU C 146 36.95 -3.65 17.78
CA LEU C 146 37.79 -4.07 16.68
C LEU C 146 37.80 -5.58 16.58
N ILE C 147 37.78 -6.10 15.36
CA ILE C 147 38.05 -7.51 15.12
C ILE C 147 39.23 -7.60 14.17
N THR C 148 40.11 -8.56 14.46
CA THR C 148 41.31 -8.72 13.66
C THR C 148 41.62 -10.20 13.53
N GLU C 149 42.04 -10.62 12.34
CA GLU C 149 42.52 -11.99 12.19
C GLU C 149 43.87 -12.19 12.88
N GLY C 150 44.77 -11.23 12.74
CA GLY C 150 46.10 -11.31 13.30
C GLY C 150 46.19 -10.67 14.65
N SER C 151 47.37 -10.14 14.96
CA SER C 151 47.63 -9.48 16.22
C SER C 151 47.84 -8.00 15.99
N VAL C 152 47.48 -7.20 16.97
CA VAL C 152 47.66 -5.76 16.94
C VAL C 152 48.64 -5.39 18.04
N LYS C 153 49.65 -4.60 17.68
CA LYS C 153 50.73 -4.31 18.61
C LYS C 153 50.23 -3.51 19.81
N GLY C 154 50.68 -3.91 20.99
CA GLY C 154 50.37 -3.20 22.21
C GLY C 154 49.00 -3.49 22.80
N LEU C 155 48.21 -4.34 22.17
CA LEU C 155 46.86 -4.62 22.63
C LEU C 155 46.72 -6.10 22.94
N GLN C 156 46.17 -6.40 24.11
CA GLN C 156 45.98 -7.79 24.48
C GLN C 156 44.75 -8.34 23.78
N PRO C 157 44.90 -9.36 22.95
CA PRO C 157 43.74 -9.89 22.22
C PRO C 157 42.82 -10.69 23.11
N SER C 158 41.54 -10.67 22.75
CA SER C 158 40.53 -11.52 23.35
C SER C 158 39.99 -12.41 22.26
N VAL C 159 40.28 -13.70 22.35
CA VAL C 159 39.96 -14.61 21.25
C VAL C 159 38.46 -14.81 21.18
N GLY C 160 37.91 -14.66 19.98
CA GLY C 160 36.48 -14.70 19.79
C GLY C 160 35.95 -16.10 19.52
N PRO C 161 34.69 -16.18 19.12
CA PRO C 161 34.10 -17.48 18.84
C PRO C 161 34.68 -18.07 17.57
N LYS C 162 34.63 -19.40 17.50
CA LYS C 162 35.19 -20.09 16.34
C LYS C 162 34.37 -19.86 15.09
N GLN C 163 33.09 -19.53 15.22
CA GLN C 163 32.20 -19.40 14.08
C GLN C 163 31.91 -17.93 13.79
N ALA C 164 31.60 -17.66 12.53
CA ALA C 164 31.19 -16.33 12.09
C ALA C 164 30.22 -16.49 10.94
N SER C 165 29.44 -15.45 10.70
CA SER C 165 28.44 -15.48 9.66
C SER C 165 29.06 -15.07 8.33
N LEU C 166 28.93 -15.92 7.33
CA LEU C 166 29.37 -15.59 5.97
C LEU C 166 28.14 -15.63 5.08
N ASN C 167 27.68 -14.45 4.65
CA ASN C 167 26.51 -14.30 3.80
C ASN C 167 25.29 -14.98 4.41
N GLY C 168 25.13 -14.80 5.71
CA GLY C 168 24.00 -15.36 6.40
C GLY C 168 24.14 -16.79 6.81
N VAL C 169 25.26 -17.42 6.47
CA VAL C 169 25.56 -18.79 6.87
C VAL C 169 26.60 -18.70 7.98
N THR C 170 26.29 -19.31 9.11
CA THR C 170 27.26 -19.40 10.20
C THR C 170 28.10 -20.64 9.99
N LEU C 171 29.42 -20.48 10.00
CA LEU C 171 30.31 -21.59 9.74
C LEU C 171 31.61 -21.40 10.49
N ILE C 172 32.26 -22.51 10.79
CA ILE C 172 33.66 -22.50 11.22
C ILE C 172 34.49 -22.60 9.96
N GLY C 173 35.16 -21.51 9.61
CA GLY C 173 35.80 -21.43 8.31
C GLY C 173 36.99 -22.36 8.19
N GLU C 174 37.16 -22.92 6.99
CA GLU C 174 38.33 -23.69 6.62
C GLU C 174 39.10 -23.02 5.49
N ALA C 175 38.39 -22.59 4.45
CA ALA C 175 38.99 -21.79 3.40
C ALA C 175 39.19 -20.34 3.79
N VAL C 176 38.52 -19.90 4.85
CA VAL C 176 38.60 -18.52 5.30
C VAL C 176 38.67 -18.50 6.82
N LYS C 177 39.22 -17.42 7.36
CA LYS C 177 39.34 -17.28 8.81
C LYS C 177 38.07 -16.70 9.40
N THR C 178 37.44 -17.45 10.30
CA THR C 178 36.23 -16.99 10.96
C THR C 178 36.43 -16.77 12.45
N GLN C 179 37.66 -16.79 12.93
CA GLN C 179 37.94 -16.58 14.35
C GLN C 179 38.78 -15.33 14.49
N PHE C 180 38.17 -14.27 15.01
CA PHE C 180 38.83 -12.99 15.13
C PHE C 180 39.19 -12.71 16.58
N ASN C 181 40.13 -11.80 16.77
CA ASN C 181 40.48 -11.28 18.08
C ASN C 181 39.71 -10.00 18.29
N TYR C 182 38.92 -9.95 19.35
CA TYR C 182 38.05 -8.81 19.62
C TYR C 182 38.76 -7.86 20.58
N TYR C 183 38.84 -6.59 20.21
CA TYR C 183 39.33 -5.53 21.07
C TYR C 183 38.24 -4.51 21.27
N LYS C 184 37.97 -4.12 22.51
CA LYS C 184 36.94 -3.15 22.81
C LYS C 184 37.54 -1.98 23.58
N LYS C 185 37.20 -0.77 23.18
CA LYS C 185 37.70 0.44 23.81
C LYS C 185 36.52 1.30 24.21
N VAL C 186 36.49 1.73 25.47
CA VAL C 186 35.40 2.54 26.00
C VAL C 186 35.96 3.81 26.61
N ASP C 187 35.49 4.96 26.14
CA ASP C 187 35.93 6.28 26.61
C ASP C 187 37.45 6.44 26.50
N GLY C 188 38.02 5.94 25.41
CA GLY C 188 39.43 6.05 25.20
C GLY C 188 40.27 5.15 26.08
N VAL C 189 39.66 4.24 26.81
CA VAL C 189 40.36 3.32 27.70
C VAL C 189 40.16 1.92 27.17
N VAL C 190 41.26 1.25 26.83
CA VAL C 190 41.18 -0.07 26.23
C VAL C 190 40.81 -1.07 27.31
N GLN C 191 39.55 -1.50 27.31
CA GLN C 191 39.09 -2.48 28.27
C GLN C 191 39.50 -3.87 27.85
N GLN C 192 39.65 -4.75 28.83
CA GLN C 192 39.93 -6.16 28.57
C GLN C 192 38.63 -6.94 28.69
N LEU C 193 38.28 -7.67 27.65
CA LEU C 193 37.01 -8.38 27.64
C LEU C 193 37.09 -9.61 28.54
N PRO C 194 36.03 -9.94 29.25
CA PRO C 194 36.07 -11.04 30.20
C PRO C 194 36.16 -12.39 29.51
N GLU C 195 36.60 -13.39 30.28
CA GLU C 195 36.63 -14.76 29.78
C GLU C 195 35.22 -15.29 29.68
N THR C 196 34.84 -15.78 28.51
CA THR C 196 33.45 -16.09 28.21
C THR C 196 33.32 -17.46 27.58
N TYR C 197 32.09 -17.94 27.59
CA TYR C 197 31.68 -19.07 26.76
C TYR C 197 30.94 -18.54 25.55
N PHE C 198 31.06 -19.24 24.44
CA PHE C 198 30.42 -18.83 23.20
C PHE C 198 29.44 -19.91 22.77
N THR C 199 28.22 -19.50 22.45
CA THR C 199 27.22 -20.43 21.96
C THR C 199 27.56 -20.87 20.55
N GLN C 200 27.09 -22.07 20.18
CA GLN C 200 27.56 -22.73 18.98
C GLN C 200 26.78 -22.35 17.73
N SER C 201 25.62 -21.71 17.87
CA SER C 201 24.81 -21.25 16.75
C SER C 201 24.44 -22.39 15.80
N ARG C 202 23.68 -23.34 16.31
CA ARG C 202 23.17 -24.44 15.52
C ARG C 202 21.66 -24.33 15.40
N ASN C 203 21.04 -25.33 14.76
CA ASN C 203 19.60 -25.37 14.62
C ASN C 203 19.14 -26.82 14.65
N LEU C 204 17.81 -27.00 14.71
CA LEU C 204 17.25 -28.33 14.91
C LEU C 204 17.45 -29.23 13.71
N GLN C 205 17.08 -28.74 12.52
CA GLN C 205 17.12 -29.58 11.33
C GLN C 205 18.56 -29.95 10.98
N GLU C 206 19.43 -28.96 10.89
CA GLU C 206 20.84 -29.20 10.57
C GLU C 206 21.68 -29.21 11.85
N PHE C 207 21.42 -30.18 12.70
CA PHE C 207 22.16 -30.31 13.95
C PHE C 207 23.25 -31.36 13.76
N LYS C 208 24.50 -30.94 13.97
CA LYS C 208 25.64 -31.85 13.93
C LYS C 208 26.39 -31.70 15.23
N PRO C 209 26.62 -32.78 15.97
CA PRO C 209 27.38 -32.67 17.22
C PRO C 209 28.82 -32.24 16.96
N ARG C 210 29.37 -31.49 17.92
CA ARG C 210 30.73 -31.00 17.82
C ARG C 210 31.64 -31.56 18.91
N SER C 211 31.19 -32.57 19.65
CA SER C 211 32.00 -33.19 20.68
C SER C 211 31.56 -34.62 20.87
N GLN C 212 32.45 -35.42 21.46
CA GLN C 212 32.10 -36.81 21.73
C GLN C 212 30.95 -36.91 22.72
N MET C 213 30.88 -35.98 23.67
CA MET C 213 29.78 -35.97 24.61
C MET C 213 28.44 -35.74 23.91
N GLU C 214 28.41 -34.82 22.94
CA GLU C 214 27.18 -34.57 22.20
C GLU C 214 26.81 -35.76 21.34
N ILE C 215 27.80 -36.47 20.80
CA ILE C 215 27.53 -37.70 20.06
C ILE C 215 26.89 -38.73 20.99
N ASP C 216 27.42 -38.86 22.20
CA ASP C 216 26.83 -39.77 23.17
C ASP C 216 25.40 -39.38 23.51
N PHE C 217 25.16 -38.07 23.65
CA PHE C 217 23.80 -37.60 23.95
C PHE C 217 22.83 -37.95 22.84
N LEU C 218 23.21 -37.69 21.59
CA LEU C 218 22.31 -37.97 20.48
C LEU C 218 22.22 -39.45 20.16
N GLU C 219 23.13 -40.26 20.70
CA GLU C 219 23.18 -41.69 20.43
C GLU C 219 22.62 -42.52 21.57
N LEU C 220 23.13 -42.33 22.79
CA LEU C 220 22.76 -43.20 23.89
C LEU C 220 21.38 -42.84 24.43
N ALA C 221 20.85 -43.73 25.26
CA ALA C 221 19.58 -43.49 25.92
C ALA C 221 19.76 -42.47 27.04
N MET C 222 18.64 -42.07 27.65
CA MET C 222 18.69 -41.06 28.70
C MET C 222 19.47 -41.57 29.92
N ASP C 223 19.23 -42.83 30.32
CA ASP C 223 19.92 -43.37 31.48
C ASP C 223 21.39 -43.63 31.19
N GLU C 224 21.69 -44.17 30.01
CA GLU C 224 23.06 -44.51 29.69
C GLU C 224 23.96 -43.27 29.63
N PHE C 225 23.46 -42.20 29.01
CA PHE C 225 24.25 -40.98 28.91
C PHE C 225 24.51 -40.37 30.28
N ILE C 226 23.48 -40.33 31.13
CA ILE C 226 23.63 -39.74 32.46
C ILE C 226 24.60 -40.58 33.30
N GLU C 227 24.44 -41.90 33.25
CA GLU C 227 25.30 -42.78 34.04
C GLU C 227 26.74 -42.71 33.57
N ARG C 228 26.95 -42.63 32.26
CA ARG C 228 28.31 -42.62 31.71
C ARG C 228 29.10 -41.40 32.15
N TYR C 229 28.47 -40.23 32.13
CA TYR C 229 29.16 -38.98 32.45
C TYR C 229 28.94 -38.54 33.89
N LYS C 230 28.36 -39.40 34.73
CA LYS C 230 28.14 -39.12 36.14
C LYS C 230 27.31 -37.87 36.34
N LEU C 231 26.24 -37.74 35.56
CA LEU C 231 25.34 -36.60 35.64
C LEU C 231 24.15 -36.86 36.55
N GLU C 232 24.29 -37.80 37.49
CA GLU C 232 23.21 -38.04 38.45
C GLU C 232 23.11 -36.89 39.44
N GLY C 233 21.88 -36.51 39.76
CA GLY C 233 21.65 -35.42 40.68
C GLY C 233 21.77 -34.04 40.08
N TYR C 234 21.77 -33.90 38.75
CA TYR C 234 21.78 -32.59 38.11
C TYR C 234 20.57 -32.38 37.20
N ALA C 235 19.55 -33.23 37.33
CA ALA C 235 18.24 -33.03 36.70
C ALA C 235 18.34 -32.96 35.18
N PHE C 236 19.25 -33.74 34.60
CA PHE C 236 19.38 -33.76 33.14
C PHE C 236 18.16 -34.38 32.47
N GLU C 237 17.36 -35.16 33.19
CA GLU C 237 16.15 -35.72 32.61
C GLU C 237 15.14 -34.64 32.29
N ALA C 238 15.11 -33.56 33.07
CA ALA C 238 14.18 -32.46 32.83
C ALA C 238 14.84 -31.25 32.19
N ILE C 239 16.08 -30.94 32.54
CA ILE C 239 16.75 -29.77 32.00
C ILE C 239 16.95 -29.90 30.50
N VAL C 240 17.41 -31.06 30.05
CA VAL C 240 17.86 -31.24 28.68
C VAL C 240 16.92 -32.14 27.88
N TYR C 241 16.46 -33.23 28.49
CA TYR C 241 15.66 -34.18 27.73
C TYR C 241 14.20 -33.73 27.56
N GLY C 242 13.66 -33.02 28.54
CA GLY C 242 12.27 -32.61 28.49
C GLY C 242 11.33 -33.60 29.14
N ASP C 243 10.10 -33.15 29.37
CA ASP C 243 9.07 -33.94 30.06
C ASP C 243 7.77 -33.82 29.28
N PHE C 244 7.54 -34.73 28.35
CA PHE C 244 6.37 -34.70 27.46
C PHE C 244 5.24 -35.57 28.01
N SER C 245 4.81 -35.27 29.23
CA SER C 245 3.77 -36.05 29.88
C SER C 245 2.59 -35.22 30.36
N HIS C 246 2.73 -33.91 30.49
CA HIS C 246 1.69 -33.04 30.99
C HIS C 246 1.13 -32.18 29.86
N SER C 247 0.19 -31.30 30.22
CA SER C 247 -0.29 -30.33 29.25
C SER C 247 0.72 -29.24 28.99
N GLN C 248 1.60 -28.98 29.95
CA GLN C 248 2.68 -28.02 29.81
C GLN C 248 4.00 -28.76 29.65
N LEU C 249 4.77 -28.36 28.65
CA LEU C 249 6.09 -28.95 28.42
C LEU C 249 7.01 -28.63 29.58
N GLY C 250 7.83 -29.61 29.97
CA GLY C 250 8.73 -29.48 31.09
C GLY C 250 10.18 -29.35 30.64
N GLY C 251 10.82 -28.27 31.08
CA GLY C 251 12.26 -28.14 30.90
C GLY C 251 12.63 -27.90 29.45
N LEU C 252 13.66 -28.62 28.99
CA LEU C 252 14.16 -28.57 27.62
C LEU C 252 14.68 -27.17 27.28
N HIS C 253 15.76 -26.78 27.95
CA HIS C 253 16.34 -25.46 27.82
C HIS C 253 17.73 -25.47 27.18
N LEU C 254 18.04 -26.50 26.39
CA LEU C 254 19.24 -26.53 25.57
C LEU C 254 18.86 -27.01 24.18
N LEU C 255 19.54 -26.50 23.16
CA LEU C 255 19.16 -26.83 21.80
C LEU C 255 19.44 -28.28 21.44
N ILE C 256 20.43 -28.90 22.09
CA ILE C 256 20.76 -30.28 21.77
C ILE C 256 19.61 -31.22 22.13
N GLY C 257 18.97 -30.97 23.27
CA GLY C 257 17.81 -31.78 23.63
C GLY C 257 16.66 -31.59 22.66
N LEU C 258 16.46 -30.36 22.20
CA LEU C 258 15.43 -30.09 21.21
C LEU C 258 15.71 -30.85 19.92
N ALA C 259 16.98 -30.88 19.50
CA ALA C 259 17.32 -31.62 18.30
C ALA C 259 17.09 -33.11 18.47
N LYS C 260 17.43 -33.65 19.65
CA LYS C 260 17.19 -35.07 19.90
C LYS C 260 15.69 -35.38 19.85
N ARG C 261 14.87 -34.52 20.46
CA ARG C 261 13.43 -34.72 20.43
C ARG C 261 12.90 -34.64 19.00
N PHE C 262 13.38 -33.67 18.23
CA PHE C 262 12.94 -33.52 16.84
C PHE C 262 13.32 -34.74 16.03
N LYS C 263 14.47 -35.35 16.33
CA LYS C 263 14.81 -36.61 15.70
C LYS C 263 13.85 -37.71 16.11
N GLU C 264 13.48 -37.76 17.39
CA GLU C 264 12.51 -38.77 17.84
C GLU C 264 11.12 -38.46 17.29
N SER C 265 10.67 -37.22 17.43
CA SER C 265 9.35 -36.83 16.98
C SER C 265 9.30 -35.34 16.70
N PRO C 266 8.96 -34.93 15.48
CA PRO C 266 8.98 -33.50 15.15
C PRO C 266 7.90 -32.73 15.90
N PHE C 267 8.14 -31.43 16.04
CA PHE C 267 7.23 -30.52 16.73
C PHE C 267 7.26 -29.18 16.02
N GLU C 268 6.71 -28.15 16.66
CA GLU C 268 6.59 -26.84 16.06
C GLU C 268 7.24 -25.79 16.96
N LEU C 269 8.16 -25.02 16.40
CA LEU C 269 8.80 -23.91 17.10
C LEU C 269 8.31 -22.61 16.48
N GLU C 270 7.48 -21.89 17.21
CA GLU C 270 7.03 -20.57 16.78
C GLU C 270 7.94 -19.54 17.44
N ASP C 271 8.92 -19.06 16.69
CA ASP C 271 9.82 -18.01 17.15
C ASP C 271 9.07 -16.69 17.01
N PHE C 272 8.35 -16.30 18.06
CA PHE C 272 7.53 -15.10 17.97
C PHE C 272 8.33 -13.82 17.99
N ILE C 273 9.63 -13.88 18.28
CA ILE C 273 10.50 -12.72 18.15
C ILE C 273 11.65 -13.12 17.22
N PRO C 274 11.50 -12.94 15.92
CA PRO C 274 12.57 -13.35 15.01
C PRO C 274 13.78 -12.43 15.05
N MET C 275 14.65 -12.62 16.02
CA MET C 275 15.89 -11.87 16.09
C MET C 275 16.98 -12.77 16.66
N ASP C 276 18.22 -12.40 16.40
CA ASP C 276 19.36 -13.20 16.81
C ASP C 276 19.84 -12.74 18.18
N SER C 277 19.92 -13.67 19.12
CA SER C 277 20.37 -13.34 20.46
C SER C 277 20.96 -14.59 21.09
N THR C 278 21.66 -14.39 22.22
CA THR C 278 22.25 -15.51 22.92
C THR C 278 21.18 -16.45 23.46
N VAL C 279 20.12 -15.91 24.06
CA VAL C 279 19.04 -16.70 24.62
C VAL C 279 17.79 -16.43 23.81
N LYS C 280 17.17 -17.49 23.31
CA LYS C 280 15.97 -17.39 22.50
C LYS C 280 14.77 -17.93 23.26
N ASN C 281 13.60 -17.39 22.97
CA ASN C 281 12.34 -17.90 23.48
C ASN C 281 11.54 -18.47 22.33
N TYR C 282 10.90 -19.61 22.56
CA TYR C 282 10.13 -20.28 21.53
C TYR C 282 8.75 -20.61 22.07
N PHE C 283 7.84 -20.91 21.14
CA PHE C 283 6.49 -21.36 21.45
C PHE C 283 6.40 -22.79 20.93
N ILE C 284 6.72 -23.75 21.78
CA ILE C 284 6.83 -25.14 21.38
C ILE C 284 5.48 -25.82 21.54
N THR C 285 5.15 -26.72 20.60
CA THR C 285 3.93 -27.52 20.68
C THR C 285 4.25 -28.90 20.16
N ASP C 286 4.42 -29.87 21.05
CA ASP C 286 4.80 -31.21 20.66
C ASP C 286 3.62 -31.91 19.99
N ALA C 287 3.81 -32.32 18.74
CA ALA C 287 2.72 -32.86 17.93
C ALA C 287 2.29 -34.26 18.34
N GLN C 288 3.11 -35.01 19.06
CA GLN C 288 2.72 -36.36 19.43
C GLN C 288 1.94 -36.36 20.75
N THR C 289 2.54 -35.88 21.82
CA THR C 289 1.89 -35.90 23.12
C THR C 289 0.87 -34.79 23.29
N GLY C 290 0.91 -33.76 22.46
CA GLY C 290 0.05 -32.62 22.68
C GLY C 290 0.47 -31.72 23.81
N SER C 291 1.73 -31.84 24.26
CA SER C 291 2.25 -30.98 25.30
C SER C 291 2.85 -29.73 24.68
N SER C 292 2.38 -28.58 25.11
CA SER C 292 2.83 -27.30 24.58
C SER C 292 3.21 -26.37 25.72
N LYS C 293 4.19 -25.52 25.47
CA LYS C 293 4.62 -24.49 26.41
C LYS C 293 4.75 -23.18 25.67
N CYS C 294 4.16 -22.13 26.22
CA CYS C 294 4.10 -20.85 25.50
C CYS C 294 5.48 -20.24 25.35
N VAL C 295 6.30 -20.28 26.40
CA VAL C 295 7.61 -19.69 26.39
C VAL C 295 8.61 -20.75 26.85
N CYS C 296 9.69 -20.91 26.10
CA CYS C 296 10.72 -21.89 26.42
C CYS C 296 12.08 -21.24 26.11
N SER C 297 12.78 -20.82 27.16
CA SER C 297 14.08 -20.17 26.99
C SER C 297 15.12 -21.21 26.59
N VAL C 298 15.81 -20.96 25.48
CA VAL C 298 16.73 -21.92 24.89
C VAL C 298 18.05 -21.23 24.63
N ILE C 299 19.15 -21.84 25.12
CA ILE C 299 20.49 -21.35 24.86
C ILE C 299 21.33 -22.52 24.37
N ASP C 300 22.03 -22.33 23.26
CA ASP C 300 22.75 -23.42 22.60
C ASP C 300 24.23 -23.41 22.99
N LEU C 301 24.47 -23.71 24.25
CA LEU C 301 25.84 -23.84 24.72
C LEU C 301 26.47 -25.11 24.20
N LEU C 302 27.79 -25.17 24.30
CA LEU C 302 28.48 -26.44 24.12
C LEU C 302 28.21 -27.32 25.33
N LEU C 303 27.81 -28.58 25.06
CA LEU C 303 27.35 -29.45 26.14
C LEU C 303 28.44 -29.69 27.17
N ASP C 304 29.69 -29.76 26.73
CA ASP C 304 30.81 -29.82 27.67
C ASP C 304 30.87 -28.57 28.53
N ASP C 305 30.67 -27.40 27.92
CA ASP C 305 30.71 -26.15 28.68
C ASP C 305 29.54 -26.07 29.65
N PHE C 306 28.36 -26.53 29.24
CA PHE C 306 27.22 -26.53 30.15
C PHE C 306 27.46 -27.47 31.31
N VAL C 307 28.06 -28.64 31.05
CA VAL C 307 28.40 -29.56 32.12
C VAL C 307 29.39 -28.91 33.09
N GLU C 308 30.41 -28.25 32.55
CA GLU C 308 31.39 -27.57 33.39
C GLU C 308 30.74 -26.49 34.24
N ILE C 309 29.82 -25.73 33.65
CA ILE C 309 29.13 -24.67 34.39
C ILE C 309 28.30 -25.25 35.52
N ILE C 310 27.46 -26.23 35.20
CA ILE C 310 26.50 -26.72 36.19
C ILE C 310 27.18 -27.55 37.27
N LYS C 311 28.35 -28.13 36.98
CA LYS C 311 29.08 -28.85 38.01
C LYS C 311 29.96 -27.94 38.86
N SER C 312 30.05 -26.66 38.52
CA SER C 312 30.79 -25.70 39.32
C SER C 312 29.90 -24.95 40.31
N GLN C 313 28.63 -25.31 40.40
CA GLN C 313 27.68 -24.64 41.28
C GLN C 313 27.56 -25.39 42.60
N ASP C 314 26.81 -24.78 43.53
CA ASP C 314 26.58 -25.33 44.86
C ASP C 314 25.11 -25.65 45.02
N LEU C 315 24.81 -26.91 45.35
CA LEU C 315 23.44 -27.35 45.60
C LEU C 315 23.15 -27.33 47.10
N SER C 316 23.26 -26.13 47.66
CA SER C 316 23.13 -25.98 49.11
C SER C 316 21.96 -25.08 49.47
N VAL C 317 21.65 -24.13 48.59
CA VAL C 317 20.56 -23.20 48.82
C VAL C 317 19.32 -23.73 48.12
N VAL C 318 18.17 -23.20 48.52
CA VAL C 318 16.91 -23.58 47.87
C VAL C 318 16.89 -23.05 46.44
N SER C 319 17.25 -21.79 46.26
CA SER C 319 17.31 -21.20 44.94
C SER C 319 18.47 -20.22 44.89
N LYS C 320 19.00 -20.01 43.68
CA LYS C 320 20.11 -19.10 43.47
C LYS C 320 20.10 -18.64 42.02
N VAL C 321 20.47 -17.39 41.79
CA VAL C 321 20.61 -16.84 40.45
C VAL C 321 22.09 -16.81 40.11
N VAL C 322 22.46 -17.49 39.03
CA VAL C 322 23.85 -17.66 38.65
C VAL C 322 24.19 -16.65 37.56
N LYS C 323 25.31 -15.95 37.73
CA LYS C 323 25.81 -15.02 36.72
C LYS C 323 26.94 -15.71 35.97
N VAL C 324 26.76 -15.88 34.66
CA VAL C 324 27.74 -16.48 33.79
C VAL C 324 27.95 -15.55 32.60
N THR C 325 29.22 -15.33 32.24
CA THR C 325 29.53 -14.56 31.04
C THR C 325 29.44 -15.46 29.84
N ILE C 326 28.47 -15.20 28.97
CA ILE C 326 28.28 -15.99 27.75
C ILE C 326 28.15 -15.01 26.59
N ASP C 327 28.93 -15.23 25.54
CA ASP C 327 28.95 -14.36 24.36
C ASP C 327 29.21 -12.91 24.74
N TYR C 328 30.18 -12.70 25.62
CA TYR C 328 30.61 -11.37 26.07
C TYR C 328 29.51 -10.64 26.84
N THR C 329 28.60 -11.37 27.47
CA THR C 329 27.55 -10.71 28.25
C THR C 329 27.12 -11.65 29.37
N GLU C 330 26.49 -11.06 30.38
CA GLU C 330 26.08 -11.82 31.56
C GLU C 330 24.72 -12.46 31.33
N ILE C 331 24.62 -13.75 31.65
CA ILE C 331 23.35 -14.48 31.56
C ILE C 331 22.99 -14.97 32.95
N SER C 332 21.77 -14.67 33.38
CA SER C 332 21.31 -15.03 34.72
C SER C 332 20.47 -16.30 34.63
N PHE C 333 20.89 -17.33 35.34
CA PHE C 333 20.23 -18.63 35.35
C PHE C 333 19.47 -18.80 36.65
N MET C 334 18.19 -19.19 36.54
CA MET C 334 17.35 -19.43 37.70
C MET C 334 17.56 -20.87 38.14
N LEU C 335 18.37 -21.05 39.19
CA LEU C 335 18.64 -22.36 39.75
C LEU C 335 17.70 -22.63 40.92
N TRP C 336 17.05 -23.79 40.92
CA TRP C 336 16.18 -24.24 42.00
C TRP C 336 16.64 -25.63 42.40
N CYS C 337 17.63 -25.69 43.29
CA CYS C 337 18.22 -26.95 43.72
C CYS C 337 17.65 -27.32 45.08
N LYS C 338 16.99 -28.48 45.14
CA LYS C 338 16.45 -28.99 46.39
C LYS C 338 17.56 -29.75 47.12
N ASP C 339 17.18 -30.51 48.15
CA ASP C 339 18.16 -31.20 49.00
C ASP C 339 18.80 -32.32 48.19
N GLY C 340 20.01 -32.07 47.72
CA GLY C 340 20.76 -33.07 46.98
C GLY C 340 20.37 -33.23 45.53
N HIS C 341 19.39 -32.48 45.06
CA HIS C 341 18.92 -32.56 43.68
C HIS C 341 18.60 -31.17 43.19
N VAL C 342 18.21 -31.07 41.93
CA VAL C 342 17.80 -29.81 41.31
C VAL C 342 16.37 -29.98 40.81
N GLU C 343 15.47 -29.15 41.31
CA GLU C 343 14.10 -29.16 40.80
C GLU C 343 14.06 -28.63 39.38
N THR C 344 14.73 -27.51 39.12
CA THR C 344 14.80 -26.93 37.79
C THR C 344 15.99 -26.01 37.71
N PHE C 345 16.43 -25.75 36.48
CA PHE C 345 17.55 -24.84 36.23
C PHE C 345 17.39 -24.34 34.80
N TYR C 346 16.74 -23.18 34.63
CA TYR C 346 16.46 -22.69 33.30
C TYR C 346 16.91 -21.25 33.16
N PRO C 347 17.32 -20.85 31.97
CA PRO C 347 17.64 -19.43 31.74
C PRO C 347 16.40 -18.57 31.83
N LYS C 348 16.59 -17.34 32.29
CA LYS C 348 15.49 -16.40 32.42
C LYS C 348 15.41 -15.49 31.19
CA LEU D 2 -28.89 -9.02 -15.00
C LEU D 2 -27.53 -9.51 -14.53
N GLU D 3 -26.48 -8.80 -14.94
CA GLU D 3 -25.11 -9.14 -14.62
C GLU D 3 -24.58 -8.21 -13.54
N MET D 4 -24.04 -8.79 -12.48
CA MET D 4 -23.47 -8.04 -11.37
C MET D 4 -21.96 -8.21 -11.42
N SER D 5 -21.26 -7.21 -11.94
CA SER D 5 -19.83 -7.33 -12.12
C SER D 5 -19.18 -5.96 -12.06
N LEU D 6 -17.87 -5.97 -11.86
CA LEU D 6 -17.12 -4.71 -11.78
C LEU D 6 -17.15 -3.96 -13.09
N GLU D 7 -17.03 -4.67 -14.21
CA GLU D 7 -16.95 -4.01 -15.50
C GLU D 7 -18.29 -3.45 -15.94
N ASN D 8 -19.40 -4.04 -15.51
CA ASN D 8 -20.69 -3.46 -15.84
C ASN D 8 -20.95 -2.20 -15.04
N VAL D 9 -20.58 -2.22 -13.75
CA VAL D 9 -20.71 -1.03 -12.93
C VAL D 9 -19.90 0.11 -13.52
N ALA D 10 -18.67 -0.18 -13.92
CA ALA D 10 -17.82 0.85 -14.52
C ALA D 10 -18.35 1.28 -15.86
N PHE D 11 -19.00 0.39 -16.61
CA PHE D 11 -19.65 0.79 -17.85
C PHE D 11 -20.73 1.81 -17.58
N ASN D 12 -21.57 1.57 -16.56
CA ASN D 12 -22.64 2.49 -16.27
C ASN D 12 -22.10 3.82 -15.76
N VAL D 13 -21.05 3.78 -14.96
CA VAL D 13 -20.45 5.03 -14.49
C VAL D 13 -19.91 5.84 -15.65
N VAL D 14 -19.24 5.19 -16.60
CA VAL D 14 -18.69 5.88 -17.74
C VAL D 14 -19.80 6.46 -18.61
N ASN D 15 -20.86 5.70 -18.84
CA ASN D 15 -21.89 6.16 -19.77
C ASN D 15 -22.92 7.06 -19.12
N LYS D 16 -23.17 6.91 -17.82
CA LYS D 16 -24.30 7.60 -17.22
C LYS D 16 -23.99 8.27 -15.88
N GLY D 17 -22.81 8.09 -15.32
CA GLY D 17 -22.45 8.73 -14.07
C GLY D 17 -22.83 7.96 -12.84
N HIS D 18 -23.74 7.00 -12.96
CA HIS D 18 -24.16 6.17 -11.86
C HIS D 18 -24.68 4.88 -12.44
N PHE D 19 -24.79 3.86 -11.60
CA PHE D 19 -25.26 2.56 -12.06
C PHE D 19 -26.74 2.66 -12.38
N ASP D 20 -27.06 2.72 -13.67
CA ASP D 20 -28.43 2.84 -14.12
C ASP D 20 -29.04 1.50 -14.51
N GLY D 21 -28.26 0.44 -14.58
CA GLY D 21 -28.74 -0.85 -14.98
C GLY D 21 -28.50 -1.21 -16.42
N GLN D 22 -27.64 -0.48 -17.13
CA GLN D 22 -27.35 -0.77 -18.52
C GLN D 22 -26.51 -2.03 -18.63
N GLN D 23 -26.40 -2.54 -19.83
CA GLN D 23 -25.61 -3.74 -20.11
C GLN D 23 -24.40 -3.36 -20.93
N GLY D 24 -23.26 -3.89 -20.57
CA GLY D 24 -22.01 -3.59 -21.23
C GLY D 24 -20.87 -3.65 -20.24
N GLU D 25 -19.65 -3.69 -20.77
CA GLU D 25 -18.46 -3.83 -19.96
C GLU D 25 -17.35 -2.97 -20.52
N VAL D 26 -16.46 -2.52 -19.63
CA VAL D 26 -15.31 -1.71 -20.02
C VAL D 26 -14.07 -2.21 -19.29
N PRO D 27 -12.90 -2.03 -19.89
CA PRO D 27 -11.65 -2.37 -19.19
C PRO D 27 -11.46 -1.54 -17.94
N VAL D 28 -10.98 -2.19 -16.87
CA VAL D 28 -10.83 -1.59 -15.56
C VAL D 28 -9.50 -2.01 -14.97
N SER D 29 -8.83 -1.11 -14.26
CA SER D 29 -7.62 -1.41 -13.51
C SER D 29 -7.75 -0.92 -12.10
N ILE D 30 -7.43 -1.78 -11.13
CA ILE D 30 -7.51 -1.43 -9.72
C ILE D 30 -6.10 -1.36 -9.18
N ILE D 31 -5.60 -0.15 -9.00
CA ILE D 31 -4.27 0.10 -8.46
C ILE D 31 -4.43 0.98 -7.24
N ASN D 32 -3.75 0.62 -6.16
CA ASN D 32 -3.90 1.27 -4.85
C ASN D 32 -5.35 1.12 -4.43
N ASN D 33 -5.99 2.17 -3.92
CA ASN D 33 -7.42 2.19 -3.63
C ASN D 33 -8.19 2.94 -4.70
N THR D 34 -7.82 2.77 -5.95
CA THR D 34 -8.37 3.57 -7.03
C THR D 34 -8.81 2.65 -8.16
N VAL D 35 -9.83 3.08 -8.90
CA VAL D 35 -10.33 2.33 -10.03
C VAL D 35 -10.11 3.17 -11.28
N TYR D 36 -9.35 2.64 -12.24
CA TYR D 36 -9.02 3.32 -13.48
C TYR D 36 -9.70 2.63 -14.64
N THR D 37 -10.11 3.41 -15.62
CA THR D 37 -10.61 2.85 -16.87
C THR D 37 -9.79 3.41 -18.03
N LYS D 38 -9.68 2.62 -19.08
CA LYS D 38 -8.83 2.96 -20.21
C LYS D 38 -9.68 3.59 -21.30
N VAL D 39 -9.56 4.91 -21.46
CA VAL D 39 -10.29 5.65 -22.46
C VAL D 39 -9.27 6.26 -23.42
N ASP D 40 -9.42 5.96 -24.71
CA ASP D 40 -8.48 6.40 -25.75
C ASP D 40 -7.07 5.93 -25.47
N GLY D 41 -6.95 4.70 -25.00
CA GLY D 41 -5.66 4.09 -24.81
C GLY D 41 -4.91 4.51 -23.57
N VAL D 42 -5.47 5.43 -22.78
CA VAL D 42 -4.83 5.89 -21.55
C VAL D 42 -5.80 5.70 -20.41
N ASP D 43 -5.25 5.55 -19.20
CA ASP D 43 -6.05 5.21 -18.04
C ASP D 43 -6.58 6.45 -17.36
N VAL D 44 -7.90 6.54 -17.25
CA VAL D 44 -8.58 7.64 -16.60
C VAL D 44 -9.17 7.13 -15.30
N GLU D 45 -8.92 7.83 -14.21
CA GLU D 45 -9.38 7.40 -12.90
C GLU D 45 -10.88 7.60 -12.76
N LEU D 46 -11.56 6.58 -12.24
CA LEU D 46 -13.00 6.60 -12.05
C LEU D 46 -13.43 6.83 -10.62
N PHE D 47 -12.73 6.25 -9.65
CA PHE D 47 -13.17 6.30 -8.26
C PHE D 47 -11.97 6.13 -7.36
N GLU D 48 -11.83 7.01 -6.39
CA GLU D 48 -10.78 6.90 -5.38
C GLU D 48 -11.43 6.57 -4.04
N ASN D 49 -10.98 5.49 -3.42
CA ASN D 49 -11.67 4.89 -2.28
C ASN D 49 -11.22 5.57 -0.99
N LYS D 50 -12.13 6.29 -0.35
CA LYS D 50 -11.85 6.93 0.93
C LYS D 50 -12.41 6.16 2.10
N THR D 51 -13.11 5.06 1.85
CA THR D 51 -13.77 4.31 2.90
C THR D 51 -12.82 3.25 3.46
N THR D 52 -13.37 2.40 4.33
CA THR D 52 -12.65 1.25 4.85
C THR D 52 -13.09 -0.05 4.19
N LEU D 53 -13.94 0.01 3.18
CA LEU D 53 -14.32 -1.17 2.41
C LEU D 53 -13.26 -1.45 1.36
N PRO D 54 -13.29 -2.63 0.75
CA PRO D 54 -12.44 -2.87 -0.41
C PRO D 54 -12.80 -1.95 -1.57
N VAL D 55 -11.88 -1.87 -2.54
CA VAL D 55 -12.00 -0.90 -3.61
C VAL D 55 -13.21 -1.21 -4.48
N ASN D 56 -13.35 -2.45 -4.92
CA ASN D 56 -14.48 -2.80 -5.78
C ASN D 56 -15.79 -2.73 -5.01
N VAL D 57 -15.77 -3.03 -3.71
CA VAL D 57 -17.00 -2.98 -2.92
C VAL D 57 -17.51 -1.55 -2.82
N ALA D 58 -16.61 -0.62 -2.48
CA ALA D 58 -17.01 0.78 -2.37
C ALA D 58 -17.32 1.39 -3.73
N PHE D 59 -16.64 0.94 -4.78
CA PHE D 59 -16.96 1.42 -6.11
C PHE D 59 -18.35 0.99 -6.53
N GLU D 60 -18.74 -0.24 -6.17
CA GLU D 60 -20.08 -0.69 -6.48
C GLU D 60 -21.13 0.02 -5.66
N LEU D 61 -20.85 0.26 -4.38
CA LEU D 61 -21.80 0.98 -3.54
C LEU D 61 -21.96 2.42 -3.97
N TRP D 62 -20.86 3.10 -4.29
CA TRP D 62 -20.92 4.50 -4.68
C TRP D 62 -21.61 4.67 -6.03
N ALA D 63 -21.43 3.71 -6.93
CA ALA D 63 -22.10 3.81 -8.21
C ALA D 63 -23.58 3.59 -8.06
N LYS D 64 -23.99 2.77 -7.10
CA LYS D 64 -25.40 2.49 -6.87
C LYS D 64 -26.00 3.38 -5.79
N ARG D 65 -25.39 4.52 -5.52
CA ARG D 65 -25.90 5.40 -4.49
C ARG D 65 -27.20 6.04 -4.93
N ASN D 66 -27.93 6.57 -3.95
CA ASN D 66 -29.22 7.19 -4.23
C ASN D 66 -29.01 8.63 -4.70
N ILE D 67 -29.56 8.95 -5.86
CA ILE D 67 -29.41 10.30 -6.42
C ILE D 67 -30.68 11.13 -6.30
N LYS D 68 -31.75 10.59 -5.74
CA LYS D 68 -32.93 11.39 -5.46
C LYS D 68 -32.72 12.20 -4.19
N PRO D 69 -33.57 13.19 -3.93
CA PRO D 69 -33.51 13.87 -2.63
C PRO D 69 -33.78 12.91 -1.48
N VAL D 70 -32.79 12.70 -0.63
CA VAL D 70 -32.92 11.76 0.48
C VAL D 70 -32.79 12.53 1.78
N PRO D 71 -33.29 12.01 2.89
CA PRO D 71 -33.09 12.68 4.17
C PRO D 71 -31.60 12.80 4.48
N GLU D 72 -31.25 13.85 5.20
CA GLU D 72 -29.86 14.01 5.60
C GLU D 72 -29.48 12.90 6.56
N VAL D 73 -28.18 12.62 6.63
CA VAL D 73 -27.71 11.46 7.37
C VAL D 73 -28.01 11.62 8.85
N LYS D 74 -27.93 12.84 9.38
CA LYS D 74 -28.14 13.02 10.80
C LYS D 74 -29.58 12.70 11.19
N ILE D 75 -30.54 13.01 10.33
CA ILE D 75 -31.93 12.69 10.61
C ILE D 75 -32.12 11.19 10.70
N LEU D 76 -31.51 10.45 9.78
CA LEU D 76 -31.64 9.00 9.79
C LEU D 76 -30.93 8.38 10.98
N ASN D 77 -29.79 8.95 11.38
CA ASN D 77 -29.11 8.45 12.57
C ASN D 77 -29.94 8.67 13.82
N ASN D 78 -30.50 9.87 13.97
CA ASN D 78 -31.27 10.18 15.17
C ASN D 78 -32.55 9.35 15.23
N LEU D 79 -33.02 8.85 14.10
CA LEU D 79 -34.17 7.96 14.09
C LEU D 79 -33.79 6.51 14.31
N GLY D 80 -32.50 6.21 14.39
CA GLY D 80 -32.07 4.85 14.66
C GLY D 80 -32.00 3.94 13.46
N VAL D 81 -31.95 4.50 12.24
CA VAL D 81 -31.93 3.67 11.04
C VAL D 81 -30.64 2.89 10.99
N ASP D 82 -30.76 1.57 10.83
CA ASP D 82 -29.62 0.68 10.73
C ASP D 82 -29.21 0.39 9.30
N ILE D 83 -30.17 0.32 8.39
CA ILE D 83 -29.89 -0.13 7.04
C ILE D 83 -30.99 0.41 6.13
N ALA D 84 -30.73 0.45 4.83
CA ALA D 84 -31.67 0.93 3.86
C ALA D 84 -32.06 -0.18 2.91
N ALA D 85 -33.35 -0.24 2.59
CA ALA D 85 -33.91 -1.34 1.82
C ALA D 85 -33.75 -1.05 0.34
N ASN D 86 -33.00 -1.90 -0.35
CA ASN D 86 -32.87 -1.87 -1.80
C ASN D 86 -32.32 -0.54 -2.31
N THR D 87 -31.49 0.12 -1.51
CA THR D 87 -30.86 1.36 -1.94
C THR D 87 -29.61 1.58 -1.10
N VAL D 88 -28.75 2.46 -1.59
CA VAL D 88 -27.53 2.84 -0.91
C VAL D 88 -27.56 4.33 -0.67
N ILE D 89 -27.35 4.72 0.58
CA ILE D 89 -27.33 6.13 0.96
C ILE D 89 -25.90 6.51 1.24
N TRP D 90 -25.33 7.36 0.39
CA TRP D 90 -23.95 7.76 0.51
C TRP D 90 -23.86 8.90 1.51
N ASP D 91 -22.96 8.76 2.47
CA ASP D 91 -22.63 9.85 3.40
C ASP D 91 -21.51 10.63 2.74
N TYR D 92 -21.83 11.80 2.20
CA TYR D 92 -20.83 12.57 1.48
C TYR D 92 -19.86 13.26 2.42
N LYS D 93 -20.25 13.47 3.67
CA LYS D 93 -19.36 14.13 4.62
C LYS D 93 -18.10 13.32 4.86
N ARG D 94 -18.24 12.00 4.95
CA ARG D 94 -17.09 11.14 5.13
C ARG D 94 -16.77 10.33 3.88
N ASP D 95 -17.48 10.56 2.78
CA ASP D 95 -17.19 9.92 1.50
C ASP D 95 -17.22 8.40 1.61
N ALA D 96 -18.24 7.88 2.27
CA ALA D 96 -18.38 6.47 2.53
C ALA D 96 -19.85 6.20 2.76
N PRO D 97 -20.31 4.95 2.63
CA PRO D 97 -21.73 4.69 2.78
C PRO D 97 -22.21 4.99 4.20
N ALA D 98 -23.47 5.39 4.30
CA ALA D 98 -24.01 5.73 5.60
C ALA D 98 -24.22 4.51 6.48
N HIS D 99 -24.37 3.34 5.89
CA HIS D 99 -24.73 2.13 6.62
C HIS D 99 -23.79 1.01 6.24
N ILE D 100 -23.56 0.12 7.19
CA ILE D 100 -22.47 -0.86 7.06
C ILE D 100 -22.87 -2.00 6.15
N SER D 101 -24.15 -2.33 6.07
CA SER D 101 -24.65 -3.41 5.23
C SER D 101 -25.68 -2.88 4.25
N THR D 102 -26.07 -3.72 3.30
CA THR D 102 -27.10 -3.39 2.33
C THR D 102 -28.08 -4.55 2.23
N ILE D 103 -29.25 -4.27 1.64
CA ILE D 103 -30.27 -5.28 1.41
C ILE D 103 -30.54 -5.30 -0.09
N GLY D 104 -30.06 -6.34 -0.76
CA GLY D 104 -30.29 -6.45 -2.20
C GLY D 104 -29.59 -5.40 -3.01
N VAL D 105 -28.33 -5.11 -2.70
CA VAL D 105 -27.54 -4.17 -3.50
C VAL D 105 -26.27 -4.82 -4.00
N CYS D 106 -25.39 -5.17 -3.06
CA CYS D 106 -24.05 -5.67 -3.38
C CYS D 106 -23.84 -6.98 -2.65
N SER D 107 -23.38 -8.00 -3.38
CA SER D 107 -23.23 -9.33 -2.78
C SER D 107 -22.23 -9.33 -1.64
N MET D 108 -21.24 -8.45 -1.69
CA MET D 108 -20.22 -8.46 -0.66
C MET D 108 -20.71 -7.87 0.65
N THR D 109 -21.77 -7.06 0.62
CA THR D 109 -22.32 -6.46 1.81
C THR D 109 -23.72 -6.94 2.13
N ASP D 110 -24.38 -7.62 1.21
CA ASP D 110 -25.77 -7.97 1.39
C ASP D 110 -25.95 -8.93 2.55
N ILE D 111 -26.74 -8.53 3.53
CA ILE D 111 -27.21 -9.45 4.54
C ILE D 111 -28.51 -10.12 4.12
N ALA D 112 -29.16 -9.60 3.08
CA ALA D 112 -30.39 -10.16 2.56
C ALA D 112 -30.60 -9.62 1.16
N LYS D 113 -31.47 -10.27 0.41
CA LYS D 113 -31.85 -9.78 -0.91
C LYS D 113 -33.20 -9.07 -0.89
N LYS D 114 -34.01 -9.30 0.14
CA LYS D 114 -35.26 -8.62 0.34
C LYS D 114 -35.37 -8.20 1.80
N PRO D 115 -36.04 -7.10 2.09
CA PRO D 115 -36.14 -6.64 3.48
C PRO D 115 -37.05 -7.47 4.34
N THR D 116 -37.74 -8.45 3.77
CA THR D 116 -38.69 -9.27 4.50
C THR D 116 -38.05 -10.48 5.17
N GLU D 117 -36.77 -10.72 4.95
CA GLU D 117 -36.12 -11.88 5.51
C GLU D 117 -35.97 -11.73 7.03
N THR D 118 -35.72 -12.86 7.69
CA THR D 118 -35.75 -12.87 9.15
C THR D 118 -34.55 -12.15 9.75
N ILE D 119 -33.45 -12.05 9.02
CA ILE D 119 -32.28 -11.38 9.57
C ILE D 119 -32.51 -9.89 9.69
N CYS D 120 -33.36 -9.33 8.83
CA CYS D 120 -33.64 -7.91 8.84
C CYS D 120 -34.64 -7.51 9.92
N ALA D 121 -35.27 -8.49 10.58
CA ALA D 121 -36.32 -8.16 11.55
C ALA D 121 -35.83 -7.35 12.73
N PRO D 122 -34.72 -7.69 13.43
CA PRO D 122 -34.24 -6.85 14.53
C PRO D 122 -33.37 -5.69 14.05
N LEU D 123 -33.83 -4.98 13.02
CA LEU D 123 -33.13 -3.85 12.47
C LEU D 123 -34.15 -2.81 12.04
N THR D 124 -33.83 -1.53 12.26
CA THR D 124 -34.65 -0.46 11.70
C THR D 124 -34.22 -0.26 10.27
N VAL D 125 -35.04 -0.68 9.35
CA VAL D 125 -34.79 -0.55 7.93
C VAL D 125 -35.43 0.74 7.46
N PHE D 126 -34.75 1.46 6.57
CA PHE D 126 -35.29 2.69 6.01
C PHE D 126 -36.02 2.38 4.71
N PHE D 127 -37.31 2.70 4.66
CA PHE D 127 -38.13 2.48 3.48
C PHE D 127 -38.41 3.80 2.81
N ASP D 128 -38.28 3.84 1.49
CA ASP D 128 -38.53 5.02 0.68
C ASP D 128 -39.91 4.88 0.06
N GLY D 129 -40.86 5.68 0.54
CA GLY D 129 -42.21 5.59 0.01
C GLY D 129 -42.33 6.02 -1.43
N ARG D 130 -41.34 6.75 -1.96
CA ARG D 130 -41.38 7.16 -3.36
C ARG D 130 -41.19 5.97 -4.29
N VAL D 131 -40.47 4.96 -3.85
CA VAL D 131 -40.33 3.71 -4.62
C VAL D 131 -41.57 2.87 -4.39
N ASP D 132 -42.20 2.42 -5.47
CA ASP D 132 -43.47 1.74 -5.35
C ASP D 132 -43.31 0.37 -4.69
N GLY D 133 -44.19 0.09 -3.74
CA GLY D 133 -44.17 -1.15 -2.99
C GLY D 133 -43.55 -1.07 -1.63
N GLN D 134 -42.81 0.00 -1.31
CA GLN D 134 -42.12 0.07 -0.03
C GLN D 134 -43.06 0.37 1.11
N VAL D 135 -44.19 1.02 0.85
CA VAL D 135 -45.13 1.30 1.93
C VAL D 135 -45.76 0.02 2.44
N ASP D 136 -46.08 -0.91 1.55
CA ASP D 136 -46.57 -2.21 1.97
C ASP D 136 -45.49 -2.97 2.74
N LEU D 137 -44.24 -2.88 2.29
CA LEU D 137 -43.14 -3.47 3.02
C LEU D 137 -43.00 -2.86 4.40
N PHE D 138 -43.16 -1.55 4.49
CA PHE D 138 -43.08 -0.89 5.79
C PHE D 138 -44.18 -1.35 6.71
N ARG D 139 -45.40 -1.49 6.19
CA ARG D 139 -46.49 -1.99 7.01
C ARG D 139 -46.19 -3.41 7.49
N ASN D 140 -45.69 -4.27 6.61
CA ASN D 140 -45.39 -5.63 7.02
C ASN D 140 -44.11 -5.75 7.82
N ALA D 141 -43.28 -4.71 7.85
CA ALA D 141 -42.02 -4.76 8.58
C ALA D 141 -42.27 -4.72 10.07
N ARG D 142 -41.23 -5.08 10.83
CA ARG D 142 -41.30 -5.06 12.29
C ARG D 142 -40.73 -3.76 12.86
N ASN D 143 -39.53 -3.38 12.41
CA ASN D 143 -38.91 -2.12 12.78
C ASN D 143 -38.49 -1.39 11.50
N GLY D 144 -38.90 -0.14 11.36
CA GLY D 144 -38.60 0.58 10.14
C GLY D 144 -38.94 2.04 10.24
N VAL D 145 -38.41 2.80 9.27
CA VAL D 145 -38.68 4.22 9.11
C VAL D 145 -39.04 4.46 7.66
N LEU D 146 -40.07 5.28 7.43
CA LEU D 146 -40.60 5.53 6.10
C LEU D 146 -40.70 7.02 5.83
N ILE D 147 -40.33 7.44 4.63
CA ILE D 147 -40.53 8.80 4.17
C ILE D 147 -41.51 8.78 3.02
N THR D 148 -42.43 9.74 3.03
CA THR D 148 -43.44 9.83 2.00
C THR D 148 -43.60 11.29 1.62
N GLU D 149 -43.64 11.56 0.31
CA GLU D 149 -43.94 12.92 -0.13
C GLU D 149 -45.35 13.31 0.24
N GLY D 150 -46.30 12.39 0.10
CA GLY D 150 -47.69 12.63 0.39
C GLY D 150 -48.12 12.06 1.73
N SER D 151 -49.24 11.33 1.71
CA SER D 151 -49.83 10.78 2.92
C SER D 151 -50.04 9.29 2.77
N VAL D 152 -49.98 8.59 3.90
CA VAL D 152 -50.15 7.15 3.97
C VAL D 152 -51.38 6.87 4.83
N LYS D 153 -52.28 6.04 4.30
CA LYS D 153 -53.53 5.77 4.99
C LYS D 153 -53.29 5.03 6.30
N GLY D 154 -53.97 5.49 7.35
CA GLY D 154 -53.91 4.84 8.64
C GLY D 154 -52.73 5.21 9.50
N LEU D 155 -51.83 6.06 9.03
CA LEU D 155 -50.65 6.47 9.79
C LEU D 155 -50.60 7.98 9.89
N GLN D 156 -50.40 8.49 11.09
CA GLN D 156 -50.30 9.93 11.28
C GLN D 156 -48.93 10.42 10.85
N PRO D 157 -48.85 11.31 9.88
CA PRO D 157 -47.54 11.77 9.41
C PRO D 157 -46.92 12.78 10.37
N SER D 158 -45.59 12.75 10.41
CA SER D 158 -44.81 13.75 11.12
C SER D 158 -44.03 14.56 10.10
N VAL D 159 -44.17 15.88 10.15
CA VAL D 159 -43.54 16.72 9.15
C VAL D 159 -42.05 16.86 9.46
N GLY D 160 -41.22 16.47 8.49
CA GLY D 160 -39.79 16.56 8.67
C GLY D 160 -39.26 17.91 8.26
N PRO D 161 -37.94 18.04 8.19
CA PRO D 161 -37.34 19.33 7.84
C PRO D 161 -37.61 19.69 6.40
N LYS D 162 -37.57 21.00 6.13
CA LYS D 162 -37.80 21.48 4.77
C LYS D 162 -36.68 21.09 3.83
N GLN D 163 -35.43 21.12 4.28
CA GLN D 163 -34.30 20.85 3.42
C GLN D 163 -34.02 19.35 3.37
N ALA D 164 -33.40 18.93 2.29
CA ALA D 164 -33.01 17.54 2.15
C ALA D 164 -31.77 17.49 1.27
N SER D 165 -31.06 16.37 1.34
CA SER D 165 -29.83 16.20 0.60
C SER D 165 -30.12 15.68 -0.79
N LEU D 166 -29.60 16.37 -1.80
CA LEU D 166 -29.69 15.93 -3.20
C LEU D 166 -28.27 15.88 -3.74
N ASN D 167 -27.73 14.69 -3.92
CA ASN D 167 -26.36 14.51 -4.41
C ASN D 167 -25.37 15.28 -3.56
N GLY D 168 -25.52 15.18 -2.24
CA GLY D 168 -24.60 15.81 -1.34
C GLY D 168 -24.83 17.28 -1.14
N VAL D 169 -25.80 17.86 -1.83
CA VAL D 169 -26.15 19.26 -1.68
C VAL D 169 -27.47 19.30 -0.94
N THR D 170 -27.47 19.89 0.24
CA THR D 170 -28.69 20.05 1.02
C THR D 170 -29.41 21.29 0.53
N LEU D 171 -30.66 21.12 0.12
CA LEU D 171 -31.40 22.21 -0.49
C LEU D 171 -32.87 22.11 -0.13
N ILE D 172 -33.54 23.25 -0.15
CA ILE D 172 -34.99 23.28 -0.05
C ILE D 172 -35.54 23.25 -1.47
N GLY D 173 -36.21 22.15 -1.81
CA GLY D 173 -36.54 21.90 -3.20
C GLY D 173 -37.61 22.85 -3.71
N GLU D 174 -37.47 23.22 -4.98
CA GLU D 174 -38.47 24.00 -5.71
C GLU D 174 -39.13 23.18 -6.80
N ALA D 175 -38.34 22.64 -7.72
CA ALA D 175 -38.87 21.76 -8.75
C ALA D 175 -39.01 20.32 -8.28
N VAL D 176 -38.45 20.00 -7.10
CA VAL D 176 -38.52 18.66 -6.54
C VAL D 176 -38.94 18.80 -5.09
N LYS D 177 -39.60 17.76 -4.57
CA LYS D 177 -40.06 17.79 -3.19
C LYS D 177 -38.98 17.30 -2.26
N THR D 178 -38.57 18.16 -1.34
CA THR D 178 -37.56 17.83 -0.35
C THR D 178 -38.14 17.72 1.05
N GLN D 179 -39.46 17.80 1.19
CA GLN D 179 -40.11 17.69 2.48
C GLN D 179 -40.85 16.37 2.52
N PHE D 180 -40.58 15.58 3.56
CA PHE D 180 -41.14 14.24 3.68
C PHE D 180 -41.96 14.13 4.95
N ASN D 181 -42.73 13.06 5.03
CA ASN D 181 -43.47 12.70 6.23
C ASN D 181 -42.83 11.44 6.81
N TYR D 182 -42.27 11.55 8.00
CA TYR D 182 -41.56 10.44 8.63
C TYR D 182 -42.52 9.61 9.45
N TYR D 183 -42.45 8.30 9.28
CA TYR D 183 -43.18 7.33 10.07
C TYR D 183 -42.18 6.38 10.70
N LYS D 184 -42.42 5.99 11.94
CA LYS D 184 -41.57 5.03 12.61
C LYS D 184 -42.42 3.90 13.15
N LYS D 185 -41.90 2.69 13.10
CA LYS D 185 -42.56 1.51 13.61
C LYS D 185 -41.54 0.69 14.38
N VAL D 186 -41.85 0.36 15.63
CA VAL D 186 -40.94 -0.39 16.48
C VAL D 186 -41.68 -1.59 17.05
N ASP D 187 -41.14 -2.78 16.84
CA ASP D 187 -41.78 -4.03 17.24
C ASP D 187 -43.18 -4.15 16.67
N GLY D 188 -43.34 -3.69 15.43
CA GLY D 188 -44.63 -3.72 14.79
C GLY D 188 -45.61 -2.68 15.28
N VAL D 189 -45.18 -1.75 16.12
CA VAL D 189 -46.05 -0.75 16.70
C VAL D 189 -45.69 0.60 16.09
N VAL D 190 -46.68 1.25 15.47
CA VAL D 190 -46.45 2.52 14.81
C VAL D 190 -46.30 3.58 15.89
N GLN D 191 -45.06 3.99 16.14
CA GLN D 191 -44.78 5.02 17.12
C GLN D 191 -45.08 6.39 16.53
N GLN D 192 -45.32 7.35 17.42
CA GLN D 192 -45.52 8.73 17.02
C GLN D 192 -44.26 9.52 17.36
N LEU D 193 -43.73 10.23 16.38
CA LEU D 193 -42.53 11.00 16.59
C LEU D 193 -42.87 12.29 17.34
N PRO D 194 -41.98 12.76 18.20
CA PRO D 194 -42.27 13.96 19.00
C PRO D 194 -42.16 15.22 18.15
N GLU D 195 -42.75 16.30 18.66
CA GLU D 195 -42.55 17.60 18.04
C GLU D 195 -41.11 18.04 18.26
N THR D 196 -40.43 18.42 17.18
CA THR D 196 -39.02 18.74 17.24
C THR D 196 -38.74 20.02 16.46
N TYR D 197 -37.64 20.67 16.84
CA TYR D 197 -37.02 21.69 16.02
C TYR D 197 -36.02 21.04 15.10
N PHE D 198 -35.80 21.64 13.94
CA PHE D 198 -34.92 21.10 12.94
C PHE D 198 -33.79 22.07 12.66
N THR D 199 -32.56 21.58 12.72
CA THR D 199 -31.42 22.39 12.33
C THR D 199 -31.45 22.64 10.83
N GLN D 200 -31.05 23.85 10.44
CA GLN D 200 -31.21 24.28 9.07
C GLN D 200 -30.12 23.75 8.14
N SER D 201 -29.05 23.19 8.70
CA SER D 201 -27.96 22.60 7.93
C SER D 201 -27.35 23.60 6.94
N ARG D 202 -26.75 24.64 7.50
CA ARG D 202 -26.06 25.65 6.71
C ARG D 202 -24.56 25.59 6.99
N ASN D 203 -23.83 26.54 6.43
CA ASN D 203 -22.39 26.61 6.62
C ASN D 203 -21.96 28.07 6.60
N LEU D 204 -20.74 28.31 7.09
CA LEU D 204 -20.25 29.68 7.22
C LEU D 204 -20.07 30.35 5.86
N GLN D 205 -19.46 29.64 4.92
CA GLN D 205 -19.08 30.26 3.65
C GLN D 205 -20.29 30.70 2.85
N GLU D 206 -21.20 29.79 2.59
CA GLU D 206 -22.44 30.12 1.89
C GLU D 206 -23.60 30.27 2.89
N PHE D 207 -23.46 31.23 3.79
CA PHE D 207 -24.46 31.45 4.82
C PHE D 207 -25.46 32.46 4.31
N LYS D 208 -26.74 32.09 4.32
CA LYS D 208 -27.80 32.97 3.89
C LYS D 208 -28.89 32.93 4.96
N PRO D 209 -29.35 34.09 5.44
CA PRO D 209 -30.40 34.09 6.47
C PRO D 209 -31.71 33.55 5.94
N ARG D 210 -32.46 32.90 6.83
CA ARG D 210 -33.74 32.31 6.46
C ARG D 210 -34.91 32.93 7.20
N SER D 211 -34.72 34.07 7.85
CA SER D 211 -35.80 34.78 8.50
C SER D 211 -35.40 36.24 8.64
N GLN D 212 -36.40 37.09 8.93
CA GLN D 212 -36.11 38.50 9.14
C GLN D 212 -35.24 38.69 10.38
N MET D 213 -35.45 37.87 11.40
CA MET D 213 -34.65 37.99 12.61
C MET D 213 -33.18 37.72 12.34
N GLU D 214 -32.89 36.74 11.48
CA GLU D 214 -31.51 36.50 11.10
C GLU D 214 -30.97 37.62 10.24
N ILE D 215 -31.83 38.24 9.44
CA ILE D 215 -31.41 39.38 8.62
C ILE D 215 -30.97 40.53 9.51
N ASP D 216 -31.75 40.81 10.55
CA ASP D 216 -31.37 41.86 11.49
C ASP D 216 -30.09 41.53 12.23
N PHE D 217 -29.90 40.25 12.56
CA PHE D 217 -28.70 39.83 13.26
C PHE D 217 -27.44 40.11 12.45
N LEU D 218 -27.48 39.81 11.15
CA LEU D 218 -26.31 40.00 10.31
C LEU D 218 -26.12 41.45 9.90
N GLU D 219 -27.05 42.33 10.25
CA GLU D 219 -27.01 43.73 9.86
C GLU D 219 -26.86 44.67 11.04
N LEU D 220 -27.70 44.53 12.06
CA LEU D 220 -27.65 45.43 13.20
C LEU D 220 -26.43 45.15 14.05
N ALA D 221 -26.09 46.12 14.90
CA ALA D 221 -25.04 45.93 15.87
C ALA D 221 -25.55 45.06 17.02
N MET D 222 -24.64 44.63 17.90
CA MET D 222 -25.01 43.77 19.00
C MET D 222 -26.00 44.46 19.94
N ASP D 223 -25.74 45.72 20.27
CA ASP D 223 -26.62 46.42 21.20
C ASP D 223 -27.96 46.76 20.57
N GLU D 224 -27.95 47.14 19.29
CA GLU D 224 -29.20 47.43 18.60
C GLU D 224 -30.06 46.19 18.47
N PHE D 225 -29.44 45.06 18.10
CA PHE D 225 -30.18 43.83 17.89
C PHE D 225 -30.84 43.34 19.18
N ILE D 226 -30.11 43.40 20.29
CA ILE D 226 -30.67 42.96 21.56
C ILE D 226 -31.81 43.88 21.98
N GLU D 227 -31.63 45.19 21.80
CA GLU D 227 -32.66 46.14 22.19
C GLU D 227 -33.92 45.98 21.35
N ARG D 228 -33.78 45.76 20.05
CA ARG D 228 -34.95 45.65 19.18
C ARG D 228 -35.77 44.41 19.53
N TYR D 229 -35.11 43.29 19.79
CA TYR D 229 -35.78 42.03 20.06
C TYR D 229 -35.93 41.73 21.54
N LYS D 230 -35.61 42.70 22.41
CA LYS D 230 -35.80 42.59 23.84
C LYS D 230 -35.07 41.36 24.42
N LEU D 231 -33.85 41.13 23.94
CA LEU D 231 -33.05 40.01 24.39
C LEU D 231 -32.20 40.33 25.60
N GLU D 232 -32.60 41.31 26.39
CA GLU D 232 -31.84 41.69 27.57
C GLU D 232 -31.96 40.64 28.66
N GLY D 233 -30.83 40.33 29.30
CA GLY D 233 -30.81 39.35 30.35
C GLY D 233 -30.68 37.92 29.90
N TYR D 234 -30.35 37.67 28.63
CA TYR D 234 -30.23 36.31 28.11
C TYR D 234 -28.84 36.01 27.55
N ALA D 235 -27.84 36.82 27.90
CA ALA D 235 -26.43 36.53 27.62
C ALA D 235 -26.17 36.35 26.13
N PHE D 236 -26.91 37.08 25.30
CA PHE D 236 -26.72 36.99 23.86
C PHE D 236 -25.37 37.52 23.41
N GLU D 237 -24.71 38.33 24.25
CA GLU D 237 -23.37 38.80 23.90
C GLU D 237 -22.37 37.66 23.88
N ALA D 238 -22.48 36.74 24.83
CA ALA D 238 -21.51 35.66 24.97
C ALA D 238 -21.97 34.35 24.35
N ILE D 239 -23.25 34.01 24.51
CA ILE D 239 -23.78 32.76 23.98
C ILE D 239 -23.68 32.75 22.46
N VAL D 240 -24.06 33.85 21.82
CA VAL D 240 -24.26 33.89 20.37
C VAL D 240 -23.11 34.63 19.68
N TYR D 241 -22.76 35.81 20.15
CA TYR D 241 -21.78 36.64 19.44
C TYR D 241 -20.35 36.15 19.64
N GLY D 242 -20.01 35.69 20.82
CA GLY D 242 -18.66 35.25 21.11
C GLY D 242 -17.83 36.33 21.79
N ASP D 243 -16.80 35.87 22.51
CA ASP D 243 -15.98 36.72 23.36
C ASP D 243 -14.53 36.53 22.92
N PHE D 244 -14.08 37.36 21.98
CA PHE D 244 -12.72 37.28 21.44
C PHE D 244 -11.78 38.20 22.21
N SER D 245 -11.73 38.01 23.53
CA SER D 245 -10.99 38.90 24.40
C SER D 245 -9.93 38.22 25.25
N HIS D 246 -10.14 36.98 25.67
CA HIS D 246 -9.17 36.25 26.46
C HIS D 246 -8.47 35.21 25.59
N SER D 247 -7.55 34.47 26.20
CA SER D 247 -6.85 33.43 25.46
C SER D 247 -7.77 32.28 25.10
N GLN D 248 -8.82 32.05 25.90
CA GLN D 248 -9.79 30.99 25.64
C GLN D 248 -11.08 31.62 25.15
N LEU D 249 -11.55 31.16 23.99
CA LEU D 249 -12.73 31.72 23.37
C LEU D 249 -13.97 31.41 24.22
N GLY D 250 -14.94 32.33 24.20
CA GLY D 250 -16.11 32.23 25.04
C GLY D 250 -17.39 32.09 24.22
N GLY D 251 -18.20 31.12 24.62
CA GLY D 251 -19.52 30.97 24.01
C GLY D 251 -19.45 30.57 22.55
N LEU D 252 -20.21 31.28 21.72
CA LEU D 252 -20.25 31.09 20.27
C LEU D 252 -20.77 29.68 19.93
N HIS D 253 -21.99 29.40 20.36
CA HIS D 253 -22.61 28.10 20.22
C HIS D 253 -23.77 28.10 19.23
N LEU D 254 -23.79 29.03 18.29
CA LEU D 254 -24.72 28.98 17.17
C LEU D 254 -23.95 29.25 15.89
N LEU D 255 -24.42 28.70 14.79
CA LEU D 255 -23.71 28.91 13.53
C LEU D 255 -23.87 30.33 13.03
N ILE D 256 -24.93 31.02 13.44
CA ILE D 256 -25.18 32.35 12.93
C ILE D 256 -24.16 33.34 13.46
N GLY D 257 -23.78 33.23 14.74
CA GLY D 257 -22.75 34.10 15.27
C GLY D 257 -21.41 33.85 14.65
N LEU D 258 -21.08 32.57 14.42
CA LEU D 258 -19.85 32.23 13.71
C LEU D 258 -19.85 32.82 12.30
N ALA D 259 -20.97 32.77 11.61
CA ALA D 259 -21.05 33.35 10.28
C ALA D 259 -20.87 34.86 10.32
N LYS D 260 -21.45 35.52 11.33
CA LYS D 260 -21.25 36.96 11.47
C LYS D 260 -19.78 37.29 11.68
N ARG D 261 -19.11 36.54 12.55
CA ARG D 261 -17.69 36.79 12.79
C ARG D 261 -16.86 36.50 11.54
N PHE D 262 -17.19 35.43 10.82
CA PHE D 262 -16.44 35.09 9.62
C PHE D 262 -16.62 36.15 8.54
N LYS D 263 -17.80 36.77 8.48
CA LYS D 263 -17.96 37.95 7.65
C LYS D 263 -17.08 39.09 8.15
N GLU D 264 -17.01 39.28 9.48
CA GLU D 264 -16.12 40.30 10.03
C GLU D 264 -14.66 39.92 9.84
N SER D 265 -14.29 38.69 10.21
CA SER D 265 -12.90 38.28 10.14
C SER D 265 -12.78 36.76 10.06
N PRO D 266 -12.11 36.24 9.03
CA PRO D 266 -12.02 34.78 8.89
C PRO D 266 -11.15 34.15 9.96
N PHE D 267 -11.40 32.85 10.18
CA PHE D 267 -10.65 32.06 11.15
C PHE D 267 -10.55 30.63 10.63
N GLU D 268 -10.16 29.71 11.50
CA GLU D 268 -9.99 28.32 11.14
C GLU D 268 -10.94 27.44 11.95
N LEU D 269 -11.74 26.64 11.26
CA LEU D 269 -12.60 25.63 11.88
C LEU D 269 -12.04 24.27 11.52
N GLU D 270 -11.49 23.57 12.52
CA GLU D 270 -10.94 22.24 12.31
C GLU D 270 -11.97 21.21 12.77
N ASP D 271 -12.69 20.64 11.81
CA ASP D 271 -13.69 19.61 12.09
C ASP D 271 -12.94 18.31 12.33
N PHE D 272 -12.65 18.03 13.60
CA PHE D 272 -11.81 16.87 13.88
C PHE D 272 -12.60 15.57 13.93
N ILE D 273 -13.92 15.60 13.79
CA ILE D 273 -14.71 14.39 13.60
C ILE D 273 -15.60 14.62 12.39
N PRO D 274 -15.10 14.41 11.19
CA PRO D 274 -15.86 14.80 9.99
C PRO D 274 -17.05 13.89 9.71
N MET D 275 -18.15 14.11 10.41
CA MET D 275 -19.36 13.38 10.17
C MET D 275 -20.55 14.29 10.44
N ASP D 276 -21.69 13.93 9.86
CA ASP D 276 -22.89 14.73 9.95
C ASP D 276 -23.59 14.43 11.26
N SER D 277 -23.78 15.46 12.09
CA SER D 277 -24.45 15.30 13.36
C SER D 277 -25.13 16.60 13.72
N THR D 278 -26.14 16.49 14.58
CA THR D 278 -26.93 17.65 14.96
C THR D 278 -26.08 18.68 15.68
N VAL D 279 -25.22 18.24 16.59
CA VAL D 279 -24.30 19.09 17.33
C VAL D 279 -22.90 18.80 16.83
N LYS D 280 -22.22 19.82 16.33
CA LYS D 280 -20.88 19.68 15.79
C LYS D 280 -19.88 20.32 16.74
N ASN D 281 -18.79 19.61 17.01
CA ASN D 281 -17.67 20.15 17.76
C ASN D 281 -16.61 20.62 16.79
N TYR D 282 -16.12 21.84 16.98
CA TYR D 282 -15.10 22.41 16.14
C TYR D 282 -13.91 22.84 16.97
N PHE D 283 -12.77 22.95 16.33
CA PHE D 283 -11.54 23.46 16.94
C PHE D 283 -11.36 24.86 16.38
N ILE D 284 -11.90 25.85 17.07
CA ILE D 284 -11.85 27.23 16.60
C ILE D 284 -10.49 27.83 16.90
N THR D 285 -9.97 28.62 15.97
CA THR D 285 -8.74 29.37 16.18
C THR D 285 -8.89 30.71 15.48
N ASP D 286 -9.21 31.75 16.24
CA ASP D 286 -9.46 33.05 15.64
C ASP D 286 -8.15 33.67 15.16
N ALA D 287 -8.11 34.07 13.90
CA ALA D 287 -6.89 34.56 13.26
C ALA D 287 -6.60 36.01 13.58
N GLN D 288 -7.58 36.78 14.07
CA GLN D 288 -7.35 38.18 14.36
C GLN D 288 -7.00 38.39 15.82
N THR D 289 -7.88 37.99 16.72
CA THR D 289 -7.62 38.17 18.14
C THR D 289 -6.68 37.11 18.71
N GLY D 290 -6.42 36.03 17.98
CA GLY D 290 -5.57 34.99 18.49
C GLY D 290 -6.20 34.11 19.53
N SER D 291 -7.52 34.17 19.69
CA SER D 291 -8.21 33.36 20.69
C SER D 291 -8.68 32.06 20.05
N SER D 292 -8.29 30.94 20.65
CA SER D 292 -8.64 29.63 20.15
C SER D 292 -9.28 28.81 21.25
N LYS D 293 -10.30 28.04 20.88
CA LYS D 293 -10.96 27.12 21.78
C LYS D 293 -10.91 25.73 21.15
N CYS D 294 -10.55 24.73 21.95
CA CYS D 294 -10.36 23.39 21.42
C CYS D 294 -11.68 22.77 21.00
N VAL D 295 -12.68 22.84 21.87
CA VAL D 295 -13.98 22.22 21.62
C VAL D 295 -15.04 23.31 21.71
N CYS D 296 -15.79 23.50 20.61
CA CYS D 296 -16.84 24.50 20.58
C CYS D 296 -18.06 23.86 19.92
N SER D 297 -19.00 23.42 20.74
CA SER D 297 -20.21 22.79 20.23
C SER D 297 -21.06 23.81 19.50
N VAL D 298 -21.36 23.55 18.23
CA VAL D 298 -22.08 24.49 17.38
C VAL D 298 -23.32 23.78 16.85
N ILE D 299 -24.48 24.39 17.05
CA ILE D 299 -25.75 23.83 16.62
C ILE D 299 -26.43 24.85 15.71
N ASP D 300 -26.86 24.41 14.54
CA ASP D 300 -27.36 25.32 13.52
C ASP D 300 -28.89 25.44 13.59
N LEU D 301 -29.36 25.87 14.75
CA LEU D 301 -30.77 26.17 14.90
C LEU D 301 -31.11 27.46 14.17
N LEU D 302 -32.38 27.58 13.79
CA LEU D 302 -32.89 28.87 13.35
C LEU D 302 -32.87 29.83 14.53
N LEU D 303 -32.53 31.09 14.26
CA LEU D 303 -32.41 32.07 15.33
C LEU D 303 -33.75 32.27 16.05
N ASP D 304 -34.84 32.28 15.29
CA ASP D 304 -36.16 32.43 15.91
C ASP D 304 -36.50 31.25 16.81
N ASP D 305 -36.14 30.04 16.37
CA ASP D 305 -36.40 28.86 17.19
C ASP D 305 -35.56 28.87 18.46
N PHE D 306 -34.31 29.32 18.35
CA PHE D 306 -33.46 29.39 19.54
C PHE D 306 -34.00 30.41 20.54
N VAL D 307 -34.49 31.54 20.03
CA VAL D 307 -35.12 32.53 20.91
C VAL D 307 -36.35 31.94 21.56
N GLU D 308 -37.14 31.17 20.81
CA GLU D 308 -38.30 30.52 21.38
C GLU D 308 -37.89 29.50 22.44
N ILE D 309 -36.75 28.84 22.23
CA ILE D 309 -36.23 27.92 23.25
C ILE D 309 -35.84 28.68 24.50
N ILE D 310 -35.04 29.74 24.33
CA ILE D 310 -34.42 30.38 25.48
C ILE D 310 -35.41 31.24 26.24
N LYS D 311 -36.51 31.65 25.61
CA LYS D 311 -37.53 32.40 26.32
C LYS D 311 -38.55 31.51 27.01
N SER D 312 -38.47 30.20 26.80
CA SER D 312 -39.28 29.25 27.55
C SER D 312 -38.56 28.74 28.79
N GLN D 313 -37.37 29.23 29.08
CA GLN D 313 -36.61 28.82 30.24
C GLN D 313 -37.00 29.64 31.45
N ASP D 314 -36.62 29.15 32.63
CA ASP D 314 -36.81 29.86 33.89
C ASP D 314 -35.43 30.21 34.44
N LEU D 315 -35.18 31.50 34.63
CA LEU D 315 -33.88 31.97 35.11
C LEU D 315 -33.93 32.10 36.63
N SER D 316 -33.93 30.95 37.29
CA SER D 316 -34.06 30.92 38.74
C SER D 316 -32.96 30.10 39.41
N VAL D 317 -32.62 28.96 38.83
CA VAL D 317 -31.65 28.06 39.43
C VAL D 317 -30.25 28.51 39.00
N VAL D 318 -29.25 28.04 39.75
CA VAL D 318 -27.87 28.34 39.40
C VAL D 318 -27.47 27.63 38.11
N SER D 319 -27.74 26.33 38.04
CA SER D 319 -27.38 25.53 36.88
C SER D 319 -28.54 24.61 36.56
N LYS D 320 -28.70 24.34 35.26
CA LYS D 320 -29.82 23.52 34.82
C LYS D 320 -29.43 22.80 33.54
N VAL D 321 -29.85 21.55 33.42
CA VAL D 321 -29.70 20.78 32.19
C VAL D 321 -31.05 20.76 31.51
N VAL D 322 -31.13 21.37 30.33
CA VAL D 322 -32.38 21.58 29.61
C VAL D 322 -32.49 20.56 28.50
N LYS D 323 -33.63 19.88 28.43
CA LYS D 323 -33.87 18.85 27.42
C LYS D 323 -34.72 19.46 26.31
N VAL D 324 -34.17 19.53 25.11
CA VAL D 324 -34.86 20.00 23.93
C VAL D 324 -34.76 18.92 22.87
N THR D 325 -35.89 18.57 22.26
CA THR D 325 -35.88 17.56 21.19
C THR D 325 -35.60 18.26 19.86
N ILE D 326 -34.41 18.07 19.34
CA ILE D 326 -33.98 18.67 18.09
C ILE D 326 -33.58 17.56 17.14
N ASP D 327 -34.13 17.57 15.93
CA ASP D 327 -33.90 16.52 14.94
C ASP D 327 -34.24 15.14 15.48
N TYR D 328 -35.43 15.01 16.07
CA TYR D 328 -35.94 13.73 16.55
C TYR D 328 -35.09 13.12 17.67
N THR D 329 -34.27 13.92 18.35
CA THR D 329 -33.47 13.39 19.44
C THR D 329 -33.34 14.45 20.53
N GLU D 330 -33.11 13.98 21.75
CA GLU D 330 -33.01 14.86 22.91
C GLU D 330 -31.60 15.43 23.01
N ILE D 331 -31.50 16.75 23.03
CA ILE D 331 -30.23 17.45 23.11
C ILE D 331 -30.16 18.13 24.47
N SER D 332 -29.11 17.84 25.22
CA SER D 332 -28.97 18.33 26.58
C SER D 332 -28.22 19.66 26.56
N PHE D 333 -28.86 20.71 27.07
CA PHE D 333 -28.25 22.03 27.17
C PHE D 333 -27.82 22.28 28.61
N MET D 334 -26.55 22.63 28.79
CA MET D 334 -26.03 23.02 30.09
C MET D 334 -26.31 24.50 30.28
N LEU D 335 -27.23 24.83 31.17
CA LEU D 335 -27.66 26.21 31.40
C LEU D 335 -27.14 26.68 32.75
N TRP D 336 -26.34 27.74 32.73
CA TRP D 336 -25.89 28.41 33.94
C TRP D 336 -26.51 29.79 33.97
N CYS D 337 -27.38 30.03 34.94
CA CYS D 337 -28.06 31.30 35.08
C CYS D 337 -27.79 31.86 36.46
N LYS D 338 -27.27 33.08 36.51
CA LYS D 338 -27.06 33.77 37.77
C LYS D 338 -28.34 34.55 38.11
N ASP D 339 -28.26 35.43 39.10
CA ASP D 339 -29.45 36.11 39.61
C ASP D 339 -30.01 37.04 38.54
N GLY D 340 -31.10 36.62 37.92
CA GLY D 340 -31.80 37.42 36.92
C GLY D 340 -31.18 37.41 35.54
N HIS D 341 -30.10 36.67 35.33
CA HIS D 341 -29.40 36.67 34.05
C HIS D 341 -29.01 35.24 33.72
N VAL D 342 -28.18 35.10 32.69
CA VAL D 342 -27.65 33.82 32.25
C VAL D 342 -26.14 33.93 32.23
N GLU D 343 -25.45 32.98 32.88
CA GLU D 343 -24.00 32.94 32.80
C GLU D 343 -23.55 32.33 31.48
N THR D 344 -24.06 31.15 31.15
CA THR D 344 -23.80 30.51 29.86
C THR D 344 -24.93 29.54 29.57
N PHE D 345 -25.06 29.19 28.29
CA PHE D 345 -26.07 28.23 27.84
C PHE D 345 -25.51 27.56 26.59
N TYR D 346 -24.90 26.39 26.77
CA TYR D 346 -24.20 25.74 25.67
C TYR D 346 -24.61 24.29 25.56
N PRO D 347 -24.66 23.76 24.34
CA PRO D 347 -24.98 22.34 24.16
C PRO D 347 -23.90 21.44 24.74
N LYS D 348 -24.32 20.29 25.23
CA LYS D 348 -23.41 19.32 25.83
C LYS D 348 -22.89 18.35 24.79
CA LEU E 2 25.15 11.70 -19.10
C LEU E 2 24.75 10.65 -18.08
N GLU E 3 23.98 11.07 -17.07
CA GLU E 3 23.47 10.18 -16.04
C GLU E 3 21.95 10.21 -16.07
N MET E 4 21.34 9.04 -16.04
CA MET E 4 19.89 8.90 -15.96
C MET E 4 19.58 8.09 -14.71
N SER E 5 19.28 8.77 -13.62
CA SER E 5 19.01 8.09 -12.36
C SER E 5 18.02 8.91 -11.54
N LEU E 6 17.54 8.30 -10.47
CA LEU E 6 16.54 8.98 -9.64
C LEU E 6 17.10 10.24 -9.00
N GLU E 7 18.31 10.15 -8.44
CA GLU E 7 18.80 11.26 -7.64
C GLU E 7 19.27 12.43 -8.49
N ASN E 8 19.70 12.20 -9.73
CA ASN E 8 19.95 13.34 -10.61
C ASN E 8 18.66 14.04 -10.97
N VAL E 9 17.62 13.27 -11.26
CA VAL E 9 16.31 13.86 -11.55
C VAL E 9 15.84 14.68 -10.37
N ALA E 10 15.99 14.15 -9.16
CA ALA E 10 15.56 14.86 -7.97
C ALA E 10 16.40 16.10 -7.72
N PHE E 11 17.69 16.03 -8.01
CA PHE E 11 18.52 17.22 -7.88
C PHE E 11 18.06 18.32 -8.81
N ASN E 12 17.76 17.96 -10.05
CA ASN E 12 17.27 18.95 -11.01
C ASN E 12 15.94 19.53 -10.58
N VAL E 13 15.05 18.68 -10.05
CA VAL E 13 13.75 19.18 -9.59
C VAL E 13 13.91 20.13 -8.42
N VAL E 14 14.75 19.77 -7.45
CA VAL E 14 14.96 20.61 -6.27
C VAL E 14 15.58 21.95 -6.67
N ASN E 15 16.58 21.91 -7.57
CA ASN E 15 17.33 23.12 -7.85
C ASN E 15 16.69 24.00 -8.91
N LYS E 16 15.88 23.44 -9.80
CA LYS E 16 15.34 24.22 -10.90
C LYS E 16 13.84 24.07 -11.10
N GLY E 17 13.17 23.21 -10.35
CA GLY E 17 11.75 23.01 -10.49
C GLY E 17 11.37 22.02 -11.56
N HIS E 18 12.29 21.67 -12.45
CA HIS E 18 12.05 20.67 -13.48
C HIS E 18 13.41 20.17 -13.94
N PHE E 19 13.40 19.07 -14.67
CA PHE E 19 14.64 18.47 -15.14
C PHE E 19 15.23 19.33 -16.25
N ASP E 20 16.34 20.00 -15.97
CA ASP E 20 17.04 20.79 -16.96
C ASP E 20 18.19 20.04 -17.61
N GLY E 21 18.84 19.14 -16.89
CA GLY E 21 20.01 18.45 -17.38
C GLY E 21 21.29 18.73 -16.60
N GLN E 22 21.20 19.14 -15.35
CA GLN E 22 22.37 19.44 -14.55
C GLN E 22 22.94 18.17 -13.94
N GLN E 23 24.05 18.32 -13.23
CA GLN E 23 24.74 17.21 -12.58
C GLN E 23 24.70 17.40 -11.07
N GLY E 24 24.45 16.32 -10.36
CA GLY E 24 24.35 16.36 -8.91
C GLY E 24 23.30 15.39 -8.43
N GLU E 25 23.30 15.16 -7.12
CA GLU E 25 22.42 14.17 -6.52
C GLU E 25 21.96 14.65 -5.15
N VAL E 26 20.81 14.14 -4.71
CA VAL E 26 20.27 14.46 -3.40
C VAL E 26 19.68 13.21 -2.77
N PRO E 27 19.66 13.17 -1.44
CA PRO E 27 18.97 12.07 -0.75
C PRO E 27 17.49 12.04 -1.08
N VAL E 28 16.97 10.83 -1.35
CA VAL E 28 15.60 10.65 -1.80
C VAL E 28 15.01 9.41 -1.15
N SER E 29 13.80 9.55 -0.61
CA SER E 29 13.03 8.46 -0.05
C SER E 29 11.81 8.20 -0.93
N ILE E 30 11.46 6.93 -1.10
CA ILE E 30 10.27 6.54 -1.83
C ILE E 30 9.39 5.75 -0.88
N ILE E 31 8.31 6.36 -0.41
CA ILE E 31 7.37 5.73 0.49
C ILE E 31 5.99 5.86 -0.13
N ASN E 32 5.24 4.77 -0.15
CA ASN E 32 3.92 4.72 -0.77
C ASN E 32 4.10 5.16 -2.22
N ASN E 33 3.28 6.08 -2.73
CA ASN E 33 3.47 6.67 -4.06
C ASN E 33 4.03 8.07 -4.00
N THR E 34 4.94 8.33 -3.08
CA THR E 34 5.45 9.67 -2.87
C THR E 34 6.97 9.63 -2.88
N VAL E 35 7.57 10.69 -3.42
CA VAL E 35 9.01 10.87 -3.39
C VAL E 35 9.33 11.99 -2.42
N TYR E 36 10.10 11.67 -1.39
CA TYR E 36 10.50 12.62 -0.37
C TYR E 36 11.99 12.91 -0.47
N THR E 37 12.37 14.12 -0.09
CA THR E 37 13.78 14.48 -0.01
C THR E 37 14.05 15.08 1.36
N LYS E 38 15.27 14.87 1.85
CA LYS E 38 15.67 15.34 3.17
C LYS E 38 16.31 16.71 3.01
N VAL E 39 15.58 17.75 3.41
CA VAL E 39 16.07 19.13 3.36
C VAL E 39 16.09 19.65 4.79
N ASP E 40 17.27 20.11 5.22
CA ASP E 40 17.48 20.58 6.59
C ASP E 40 17.15 19.50 7.62
N GLY E 41 17.47 18.25 7.28
CA GLY E 41 17.31 17.16 8.22
C GLY E 41 15.92 16.57 8.31
N VAL E 42 14.95 17.11 7.58
CA VAL E 42 13.58 16.61 7.62
C VAL E 42 13.12 16.36 6.19
N ASP E 43 12.15 15.45 6.05
CA ASP E 43 11.77 14.99 4.73
C ASP E 43 10.65 15.84 4.16
N VAL E 44 10.85 16.34 2.93
CA VAL E 44 9.91 17.21 2.26
C VAL E 44 9.41 16.51 1.01
N GLU E 45 8.10 16.48 0.82
CA GLU E 45 7.53 15.74 -0.29
C GLU E 45 7.75 16.47 -1.60
N LEU E 46 8.25 15.73 -2.60
CA LEU E 46 8.55 16.31 -3.90
C LEU E 46 7.52 15.96 -4.96
N PHE E 47 6.86 14.81 -4.86
CA PHE E 47 5.98 14.36 -5.91
C PHE E 47 5.12 13.24 -5.37
N GLU E 48 3.84 13.27 -5.73
CA GLU E 48 2.90 12.23 -5.36
C GLU E 48 2.34 11.60 -6.63
N ASN E 49 2.52 10.30 -6.79
CA ASN E 49 2.18 9.60 -8.02
C ASN E 49 0.67 9.47 -8.12
N LYS E 50 0.07 10.24 -9.03
CA LYS E 50 -1.34 10.10 -9.33
C LYS E 50 -1.58 9.25 -10.57
N THR E 51 -0.51 8.72 -11.16
CA THR E 51 -0.59 7.94 -12.38
C THR E 51 -0.72 6.47 -12.03
N THR E 52 -0.75 5.64 -13.07
CA THR E 52 -0.71 4.20 -12.93
C THR E 52 0.68 3.63 -13.15
N LEU E 53 1.67 4.47 -13.39
CA LEU E 53 3.04 4.04 -13.56
C LEU E 53 3.69 3.83 -12.21
N PRO E 54 4.82 3.13 -12.15
CA PRO E 54 5.60 3.08 -10.92
C PRO E 54 6.07 4.47 -10.52
N VAL E 55 6.37 4.63 -9.24
CA VAL E 55 6.60 5.96 -8.68
C VAL E 55 7.79 6.62 -9.37
N ASN E 56 8.91 5.91 -9.46
CA ASN E 56 10.10 6.52 -10.00
C ASN E 56 9.98 6.78 -11.50
N VAL E 57 9.25 5.91 -12.21
CA VAL E 57 9.00 6.14 -13.62
C VAL E 57 8.18 7.40 -13.81
N ALA E 58 7.07 7.50 -13.07
CA ALA E 58 6.22 8.67 -13.17
C ALA E 58 6.93 9.92 -12.66
N PHE E 59 7.75 9.79 -11.62
CA PHE E 59 8.48 10.94 -11.12
C PHE E 59 9.45 11.46 -12.17
N GLU E 60 10.16 10.56 -12.84
CA GLU E 60 11.07 10.98 -13.89
C GLU E 60 10.32 11.63 -15.05
N LEU E 61 9.18 11.05 -15.43
CA LEU E 61 8.42 11.63 -16.53
C LEU E 61 7.88 13.01 -16.19
N TRP E 62 7.39 13.20 -14.97
CA TRP E 62 6.92 14.51 -14.57
C TRP E 62 8.08 15.51 -14.51
N ALA E 63 9.23 15.06 -14.03
CA ALA E 63 10.39 15.93 -14.00
C ALA E 63 10.79 16.35 -15.40
N LYS E 64 10.63 15.46 -16.38
CA LYS E 64 11.03 15.73 -17.75
C LYS E 64 9.87 16.18 -18.63
N ARG E 65 8.81 16.71 -18.05
CA ARG E 65 7.68 17.17 -18.83
C ARG E 65 8.07 18.41 -19.62
N ASN E 66 7.20 18.77 -20.56
CA ASN E 66 7.46 19.91 -21.40
C ASN E 66 7.01 21.19 -20.71
N ILE E 67 7.86 22.23 -20.75
CA ILE E 67 7.53 23.50 -20.13
C ILE E 67 7.20 24.59 -21.15
N LYS E 68 7.37 24.32 -22.43
CA LYS E 68 7.01 25.27 -23.45
C LYS E 68 5.52 25.11 -23.80
N PRO E 69 4.92 26.12 -24.42
CA PRO E 69 3.51 26.00 -24.80
C PRO E 69 3.26 24.92 -25.82
N VAL E 70 2.53 23.88 -25.44
CA VAL E 70 2.28 22.74 -26.30
C VAL E 70 0.81 22.75 -26.71
N PRO E 71 0.42 22.04 -27.76
CA PRO E 71 -1.00 21.95 -28.08
C PRO E 71 -1.75 21.24 -26.97
N GLU E 72 -3.03 21.55 -26.85
CA GLU E 72 -3.86 20.89 -25.86
C GLU E 72 -4.05 19.43 -26.20
N VAL E 73 -4.27 18.63 -25.17
CA VAL E 73 -4.24 17.19 -25.32
C VAL E 73 -5.34 16.71 -26.26
N LYS E 74 -6.50 17.37 -26.23
CA LYS E 74 -7.57 16.96 -27.13
C LYS E 74 -7.20 17.15 -28.58
N ILE E 75 -6.44 18.20 -28.91
CA ILE E 75 -6.02 18.39 -30.28
C ILE E 75 -5.11 17.24 -30.73
N LEU E 76 -4.18 16.85 -29.86
CA LEU E 76 -3.29 15.74 -30.19
C LEU E 76 -4.05 14.43 -30.33
N ASN E 77 -5.01 14.19 -29.43
CA ASN E 77 -5.78 12.96 -29.51
C ASN E 77 -6.62 12.91 -30.78
N ASN E 78 -7.25 14.02 -31.16
CA ASN E 78 -8.04 14.05 -32.38
C ASN E 78 -7.15 13.91 -33.61
N LEU E 79 -5.95 14.46 -33.55
CA LEU E 79 -4.97 14.25 -34.60
C LEU E 79 -4.38 12.85 -34.57
N GLY E 80 -4.71 12.06 -33.56
CA GLY E 80 -4.27 10.68 -33.51
C GLY E 80 -2.84 10.48 -33.10
N VAL E 81 -2.25 11.44 -32.41
CA VAL E 81 -0.87 11.30 -31.96
C VAL E 81 -0.79 10.18 -30.94
N ASP E 82 0.09 9.21 -31.18
CA ASP E 82 0.28 8.08 -30.29
C ASP E 82 1.46 8.26 -29.37
N ILE E 83 2.44 9.08 -29.74
CA ILE E 83 3.69 9.19 -29.02
C ILE E 83 4.36 10.48 -29.43
N ALA E 84 5.31 10.94 -28.64
CA ALA E 84 6.01 12.19 -28.91
C ALA E 84 7.48 11.92 -29.06
N ALA E 85 8.15 12.76 -29.85
CA ALA E 85 9.55 12.57 -30.21
C ALA E 85 10.43 13.32 -29.22
N ASN E 86 11.17 12.58 -28.40
CA ASN E 86 12.18 13.13 -27.50
C ASN E 86 11.59 14.12 -26.51
N THR E 87 10.33 13.95 -26.14
CA THR E 87 9.72 14.84 -25.17
C THR E 87 8.57 14.13 -24.48
N VAL E 88 8.15 14.70 -23.36
CA VAL E 88 7.06 14.16 -22.56
C VAL E 88 6.00 15.25 -22.46
N ILE E 89 4.76 14.90 -22.77
CA ILE E 89 3.65 15.83 -22.70
C ILE E 89 2.76 15.42 -21.54
N TRP E 90 2.51 16.34 -20.63
CA TRP E 90 1.81 16.06 -19.40
C TRP E 90 0.34 16.43 -19.53
N ASP E 91 -0.54 15.50 -19.15
CA ASP E 91 -1.97 15.77 -19.08
C ASP E 91 -2.29 16.23 -17.67
N TYR E 92 -2.40 17.54 -17.49
CA TYR E 92 -2.62 18.06 -16.16
C TYR E 92 -4.03 17.80 -15.66
N LYS E 93 -4.96 17.45 -16.54
CA LYS E 93 -6.30 17.08 -16.11
C LYS E 93 -6.28 15.83 -15.25
N ARG E 94 -5.49 14.84 -15.63
CA ARG E 94 -5.41 13.60 -14.86
C ARG E 94 -4.06 13.39 -14.20
N ASP E 95 -3.17 14.39 -14.23
CA ASP E 95 -1.88 14.34 -13.54
C ASP E 95 -1.07 13.11 -13.94
N ALA E 96 -1.11 12.77 -15.22
CA ALA E 96 -0.44 11.60 -15.76
C ALA E 96 0.07 11.97 -17.14
N PRO E 97 1.08 11.26 -17.65
CA PRO E 97 1.58 11.58 -18.98
C PRO E 97 0.51 11.37 -20.04
N ALA E 98 0.57 12.18 -21.09
CA ALA E 98 -0.46 12.11 -22.11
C ALA E 98 -0.36 10.86 -22.96
N HIS E 99 0.81 10.22 -23.01
CA HIS E 99 1.01 9.08 -23.87
C HIS E 99 1.65 7.94 -23.09
N ILE E 100 1.33 6.72 -23.50
CA ILE E 100 1.69 5.54 -22.71
C ILE E 100 3.20 5.29 -22.76
N SER E 101 3.82 5.44 -23.92
CA SER E 101 5.24 5.20 -24.09
C SER E 101 5.94 6.48 -24.53
N THR E 102 7.26 6.46 -24.49
CA THR E 102 8.08 7.60 -24.87
C THR E 102 9.09 7.18 -25.92
N ILE E 103 9.81 8.16 -26.45
CA ILE E 103 10.90 7.95 -27.39
C ILE E 103 12.10 8.72 -26.84
N GLY E 104 13.06 8.00 -26.28
CA GLY E 104 14.30 8.63 -25.84
C GLY E 104 14.16 9.57 -24.67
N VAL E 105 13.37 9.20 -23.67
CA VAL E 105 13.29 9.98 -22.44
C VAL E 105 13.59 9.11 -21.24
N CYS E 106 12.78 8.07 -21.02
CA CYS E 106 12.88 7.23 -19.84
C CYS E 106 13.20 5.81 -20.28
N SER E 107 14.16 5.19 -19.61
CA SER E 107 14.55 3.83 -19.99
C SER E 107 13.41 2.85 -19.83
N MET E 108 12.52 3.09 -18.87
CA MET E 108 11.44 2.13 -18.63
C MET E 108 10.34 2.24 -19.66
N THR E 109 10.02 3.45 -20.11
CA THR E 109 8.95 3.64 -21.08
C THR E 109 9.44 3.74 -22.52
N ASP E 110 10.74 3.70 -22.75
CA ASP E 110 11.26 3.88 -24.10
C ASP E 110 10.91 2.68 -24.97
N ILE E 111 10.22 2.94 -26.08
CA ILE E 111 10.17 1.95 -27.15
C ILE E 111 11.29 2.15 -28.16
N ALA E 112 11.94 3.32 -28.15
CA ALA E 112 13.04 3.63 -29.04
C ALA E 112 13.80 4.79 -28.45
N LYS E 113 14.98 5.03 -28.99
CA LYS E 113 15.77 6.20 -28.60
C LYS E 113 15.70 7.33 -29.60
N LYS E 114 15.36 7.05 -30.84
CA LYS E 114 15.16 8.05 -31.87
C LYS E 114 13.86 7.73 -32.61
N PRO E 115 13.13 8.75 -33.07
CA PRO E 115 11.84 8.48 -33.70
C PRO E 115 11.93 7.84 -35.07
N THR E 116 13.13 7.67 -35.62
CA THR E 116 13.32 7.07 -36.93
C THR E 116 13.55 5.58 -36.88
N GLU E 117 13.51 4.96 -35.71
CA GLU E 117 13.66 3.52 -35.64
C GLU E 117 12.44 2.83 -36.23
N THR E 118 12.62 1.57 -36.62
CA THR E 118 11.57 0.86 -37.33
C THR E 118 10.38 0.55 -36.43
N ILE E 119 10.57 0.54 -35.12
CA ILE E 119 9.45 0.29 -34.22
C ILE E 119 8.49 1.46 -34.21
N CYS E 120 8.98 2.67 -34.45
CA CYS E 120 8.15 3.86 -34.43
C CYS E 120 7.47 4.14 -35.75
N ALA E 121 7.72 3.32 -36.77
CA ALA E 121 7.15 3.61 -38.09
C ALA E 121 5.63 3.60 -38.12
N PRO E 122 4.90 2.60 -37.55
CA PRO E 122 3.44 2.65 -37.53
C PRO E 122 2.87 3.41 -36.33
N LEU E 123 3.45 4.56 -36.03
CA LEU E 123 2.98 5.40 -34.93
C LEU E 123 3.05 6.85 -35.37
N THR E 124 1.98 7.59 -35.10
CA THR E 124 1.97 9.03 -35.42
C THR E 124 2.75 9.73 -34.32
N VAL E 125 3.98 10.05 -34.62
CA VAL E 125 4.86 10.73 -33.67
C VAL E 125 4.52 12.20 -33.68
N PHE E 126 4.73 12.86 -32.55
CA PHE E 126 4.54 14.30 -32.46
C PHE E 126 5.89 14.99 -32.51
N PHE E 127 6.13 15.74 -33.58
CA PHE E 127 7.36 16.49 -33.74
C PHE E 127 7.10 17.95 -33.43
N ASP E 128 7.98 18.55 -32.65
CA ASP E 128 7.85 19.94 -32.27
C ASP E 128 8.81 20.76 -33.12
N GLY E 129 8.28 21.58 -34.01
CA GLY E 129 9.12 22.36 -34.91
C GLY E 129 9.94 23.43 -34.21
N ARG E 130 9.60 23.77 -32.97
CA ARG E 130 10.39 24.76 -32.24
C ARG E 130 11.75 24.22 -31.84
N VAL E 131 11.93 22.91 -31.90
CA VAL E 131 13.21 22.28 -31.59
C VAL E 131 13.93 21.99 -32.90
N ASP E 132 15.22 22.29 -32.95
CA ASP E 132 15.98 22.13 -34.18
C ASP E 132 16.10 20.66 -34.56
N GLY E 133 16.08 20.39 -35.86
CA GLY E 133 16.21 19.05 -36.37
C GLY E 133 14.94 18.23 -36.36
N GLN E 134 13.88 18.75 -35.74
CA GLN E 134 12.62 18.02 -35.70
C GLN E 134 11.87 18.11 -37.01
N VAL E 135 12.04 19.19 -37.76
CA VAL E 135 11.36 19.30 -39.05
C VAL E 135 11.93 18.29 -40.04
N ASP E 136 13.24 18.08 -40.00
CA ASP E 136 13.85 17.07 -40.85
C ASP E 136 13.39 15.68 -40.44
N LEU E 137 13.24 15.44 -39.14
CA LEU E 137 12.69 14.16 -38.68
C LEU E 137 11.27 13.98 -39.18
N PHE E 138 10.47 15.04 -39.16
CA PHE E 138 9.11 14.93 -39.65
C PHE E 138 9.08 14.62 -41.14
N ARG E 139 10.01 15.21 -41.90
CA ARG E 139 10.10 14.88 -43.31
C ARG E 139 10.52 13.43 -43.51
N ASN E 140 11.45 12.95 -42.70
CA ASN E 140 11.91 11.57 -42.81
C ASN E 140 10.99 10.58 -42.11
N ALA E 141 9.98 11.05 -41.38
CA ALA E 141 9.06 10.17 -40.70
C ALA E 141 8.06 9.56 -41.68
N ARG E 142 7.45 8.45 -41.26
CA ARG E 142 6.42 7.81 -42.06
C ARG E 142 5.05 8.35 -41.68
N ASN E 143 4.68 8.25 -40.41
CA ASN E 143 3.49 8.89 -39.87
C ASN E 143 3.92 9.85 -38.78
N GLY E 144 3.50 11.11 -38.90
CA GLY E 144 3.91 12.10 -37.94
C GLY E 144 3.02 13.32 -37.99
N VAL E 145 3.03 14.08 -36.90
CA VAL E 145 2.34 15.35 -36.77
C VAL E 145 3.36 16.39 -36.33
N LEU E 146 3.38 17.53 -36.99
CA LEU E 146 4.34 18.59 -36.72
C LEU E 146 3.62 19.88 -36.45
N ILE E 147 4.13 20.66 -35.50
CA ILE E 147 3.66 22.01 -35.26
C ILE E 147 4.84 22.97 -35.43
N THR E 148 4.54 24.16 -35.92
CA THR E 148 5.59 25.14 -36.19
C THR E 148 5.06 26.52 -35.84
N GLU E 149 5.89 27.34 -35.20
CA GLU E 149 5.52 28.73 -35.00
C GLU E 149 5.53 29.49 -36.32
N GLY E 150 6.45 29.14 -37.20
CA GLY E 150 6.59 29.80 -38.49
C GLY E 150 6.10 28.94 -39.64
N SER E 151 6.81 29.02 -40.76
CA SER E 151 6.44 28.30 -41.97
C SER E 151 7.55 27.34 -42.36
N VAL E 152 7.16 26.27 -43.04
CA VAL E 152 8.07 25.23 -43.49
C VAL E 152 7.97 25.13 -45.00
N LYS E 153 9.12 25.08 -45.67
CA LYS E 153 9.13 25.13 -47.13
C LYS E 153 8.51 23.88 -47.74
N GLY E 154 7.63 24.09 -48.71
CA GLY E 154 7.02 23.01 -49.45
C GLY E 154 5.85 22.34 -48.79
N LEU E 155 5.42 22.82 -47.62
CA LEU E 155 4.31 22.21 -46.88
C LEU E 155 3.19 23.23 -46.71
N GLN E 156 1.97 22.81 -47.01
CA GLN E 156 0.82 23.68 -46.82
C GLN E 156 0.43 23.68 -45.35
N PRO E 157 0.49 24.82 -44.66
CA PRO E 157 0.11 24.84 -43.25
C PRO E 157 -1.40 24.76 -43.06
N SER E 158 -1.78 24.27 -41.88
CA SER E 158 -3.15 24.39 -41.39
C SER E 158 -3.10 25.20 -40.11
N VAL E 159 -3.79 26.33 -40.10
CA VAL E 159 -3.72 27.22 -38.96
C VAL E 159 -4.47 26.61 -37.79
N GLY E 160 -3.79 26.45 -36.66
CA GLY E 160 -4.36 25.80 -35.52
C GLY E 160 -5.15 26.74 -34.65
N PRO E 161 -5.49 26.29 -33.44
CA PRO E 161 -6.29 27.14 -32.55
C PRO E 161 -5.46 28.26 -31.98
N LYS E 162 -6.16 29.29 -31.47
CA LYS E 162 -5.47 30.47 -30.97
C LYS E 162 -4.77 30.20 -29.64
N GLN E 163 -5.19 29.20 -28.88
CA GLN E 163 -4.63 28.97 -27.57
C GLN E 163 -3.86 27.66 -27.50
N ALA E 164 -2.97 27.59 -26.53
CA ALA E 164 -2.18 26.39 -26.28
C ALA E 164 -2.02 26.24 -24.77
N SER E 165 -1.58 25.06 -24.36
CA SER E 165 -1.40 24.76 -22.95
C SER E 165 0.01 25.11 -22.52
N LEU E 166 0.14 25.82 -21.41
CA LEU E 166 1.44 26.18 -20.84
C LEU E 166 1.43 25.81 -19.37
N ASN E 167 2.06 24.68 -19.03
CA ASN E 167 2.11 24.16 -17.66
C ASN E 167 0.70 24.01 -17.08
N GLY E 168 -0.20 23.45 -17.88
CA GLY E 168 -1.56 23.23 -17.45
C GLY E 168 -2.43 24.46 -17.48
N VAL E 169 -1.89 25.59 -17.91
CA VAL E 169 -2.64 26.83 -18.01
C VAL E 169 -2.85 27.10 -19.49
N THR E 170 -4.10 27.03 -19.93
CA THR E 170 -4.45 27.36 -21.30
C THR E 170 -4.53 28.86 -21.42
N LEU E 171 -3.90 29.42 -22.46
CA LEU E 171 -3.89 30.85 -22.64
C LEU E 171 -3.71 31.17 -24.12
N ILE E 172 -4.10 32.38 -24.49
CA ILE E 172 -3.71 32.94 -25.78
C ILE E 172 -2.47 33.79 -25.52
N GLY E 173 -1.32 33.27 -25.95
CA GLY E 173 -0.06 33.87 -25.57
C GLY E 173 0.14 35.23 -26.21
N GLU E 174 0.52 36.20 -25.38
CA GLU E 174 0.89 37.54 -25.83
C GLU E 174 2.39 37.70 -25.95
N ALA E 175 3.13 37.47 -24.86
CA ALA E 175 4.59 37.53 -24.91
C ALA E 175 5.20 36.36 -25.65
N VAL E 176 4.47 35.24 -25.75
CA VAL E 176 4.97 34.04 -26.41
C VAL E 176 3.92 33.58 -27.40
N LYS E 177 4.35 32.84 -28.41
CA LYS E 177 3.46 32.39 -29.47
C LYS E 177 2.74 31.11 -29.06
N THR E 178 1.42 31.11 -29.21
CA THR E 178 0.61 29.93 -28.95
C THR E 178 -0.24 29.54 -30.15
N GLN E 179 0.01 30.11 -31.31
CA GLN E 179 -0.72 29.75 -32.52
C GLN E 179 0.25 29.02 -33.44
N PHE E 180 0.01 27.73 -33.65
CA PHE E 180 0.93 26.89 -34.41
C PHE E 180 0.29 26.47 -35.72
N ASN E 181 1.13 26.08 -36.66
CA ASN E 181 0.68 25.52 -37.92
C ASN E 181 0.91 24.03 -37.88
N TYR E 182 -0.16 23.26 -38.09
CA TYR E 182 -0.13 21.81 -37.94
C TYR E 182 0.06 21.16 -39.30
N TYR E 183 0.99 20.21 -39.38
CA TYR E 183 1.22 19.42 -40.57
C TYR E 183 1.11 17.95 -40.20
N LYS E 184 0.33 17.19 -40.97
CA LYS E 184 0.12 15.78 -40.69
C LYS E 184 0.56 14.96 -41.90
N LYS E 185 1.26 13.87 -41.63
CA LYS E 185 1.72 12.95 -42.67
C LYS E 185 1.26 11.55 -42.31
N VAL E 186 0.60 10.88 -43.26
CA VAL E 186 0.11 9.53 -43.04
C VAL E 186 0.67 8.62 -44.12
N ASP E 187 1.36 7.56 -43.71
CA ASP E 187 1.99 6.60 -44.63
C ASP E 187 2.93 7.30 -45.60
N GLY E 188 3.66 8.30 -45.11
CA GLY E 188 4.58 9.02 -45.94
C GLY E 188 3.97 10.02 -46.89
N VAL E 189 2.67 10.27 -46.78
CA VAL E 189 1.97 11.21 -47.65
C VAL E 189 1.42 12.34 -46.79
N VAL E 190 1.82 13.56 -47.12
CA VAL E 190 1.41 14.73 -46.35
C VAL E 190 -0.05 15.03 -46.67
N GLN E 191 -0.92 14.80 -45.70
CA GLN E 191 -2.34 15.04 -45.88
C GLN E 191 -2.72 16.43 -45.39
N GLN E 192 -3.71 17.01 -46.05
CA GLN E 192 -4.19 18.34 -45.70
C GLN E 192 -5.40 18.21 -44.78
N LEU E 193 -5.29 18.79 -43.60
CA LEU E 193 -6.35 18.69 -42.61
C LEU E 193 -7.53 19.55 -43.02
N PRO E 194 -8.75 19.20 -42.61
CA PRO E 194 -9.92 19.99 -43.02
C PRO E 194 -10.00 21.30 -42.24
N GLU E 195 -10.81 22.21 -42.77
CA GLU E 195 -11.12 23.43 -42.06
C GLU E 195 -12.01 23.12 -40.87
N THR E 196 -11.64 23.62 -39.70
CA THR E 196 -12.28 23.20 -38.46
C THR E 196 -12.65 24.40 -37.61
N TYR E 197 -13.53 24.14 -36.65
CA TYR E 197 -13.80 25.06 -35.56
C TYR E 197 -13.09 24.55 -34.31
N PHE E 198 -12.65 25.46 -33.48
CA PHE E 198 -11.86 25.11 -32.31
C PHE E 198 -12.61 25.49 -31.05
N THR E 199 -12.63 24.59 -30.08
CA THR E 199 -13.23 24.89 -28.80
C THR E 199 -12.35 25.86 -28.03
N GLN E 200 -12.99 26.81 -27.36
CA GLN E 200 -12.24 27.89 -26.72
C GLN E 200 -11.54 27.46 -25.45
N SER E 201 -11.90 26.31 -24.90
CA SER E 201 -11.26 25.75 -23.70
C SER E 201 -11.34 26.72 -22.52
N ARG E 202 -12.56 26.97 -22.07
CA ARG E 202 -12.80 27.83 -20.92
C ARG E 202 -13.41 27.00 -19.78
N ASN E 203 -13.71 27.69 -18.68
CA ASN E 203 -14.32 27.07 -17.53
C ASN E 203 -15.40 27.99 -16.98
N LEU E 204 -16.21 27.46 -16.06
CA LEU E 204 -17.33 28.24 -15.55
C LEU E 204 -16.87 29.37 -14.64
N GLN E 205 -15.98 29.07 -13.71
CA GLN E 205 -15.57 30.08 -12.74
C GLN E 205 -14.79 31.21 -13.39
N GLU E 206 -13.75 30.87 -14.14
CA GLU E 206 -12.91 31.87 -14.79
C GLU E 206 -13.34 32.08 -16.24
N PHE E 207 -14.58 32.52 -16.40
CA PHE E 207 -15.18 32.67 -17.72
C PHE E 207 -15.09 34.12 -18.15
N LYS E 208 -14.57 34.36 -19.35
CA LYS E 208 -14.50 35.68 -19.91
C LYS E 208 -15.00 35.63 -21.35
N PRO E 209 -15.89 36.53 -21.75
CA PRO E 209 -16.36 36.54 -23.13
C PRO E 209 -15.23 36.89 -24.10
N ARG E 210 -15.33 36.35 -25.31
CA ARG E 210 -14.31 36.55 -26.32
C ARG E 210 -14.86 37.15 -27.60
N SER E 211 -16.11 37.63 -27.59
CA SER E 211 -16.70 38.28 -28.75
C SER E 211 -17.78 39.22 -28.26
N GLN E 212 -18.24 40.08 -29.16
CA GLN E 212 -19.32 41.00 -28.82
C GLN E 212 -20.60 40.25 -28.46
N MET E 213 -20.89 39.17 -29.20
CA MET E 213 -22.13 38.43 -28.97
C MET E 213 -22.14 37.78 -27.59
N GLU E 214 -20.99 37.28 -27.14
CA GLU E 214 -20.92 36.68 -25.82
C GLU E 214 -21.07 37.74 -24.73
N ILE E 215 -20.55 38.94 -24.97
CA ILE E 215 -20.74 40.03 -24.02
C ILE E 215 -22.22 40.37 -23.91
N ASP E 216 -22.93 40.38 -25.05
CA ASP E 216 -24.37 40.59 -25.01
C ASP E 216 -25.07 39.46 -24.27
N PHE E 217 -24.62 38.23 -24.47
CA PHE E 217 -25.23 37.09 -23.79
C PHE E 217 -25.08 37.20 -22.28
N LEU E 218 -23.89 37.59 -21.81
CA LEU E 218 -23.66 37.70 -20.38
C LEU E 218 -24.34 38.91 -19.76
N GLU E 219 -24.65 39.93 -20.55
CA GLU E 219 -25.21 41.17 -20.04
C GLU E 219 -26.70 41.32 -20.33
N LEU E 220 -27.12 41.17 -21.58
CA LEU E 220 -28.52 41.31 -21.91
C LEU E 220 -29.31 40.12 -21.37
N ALA E 221 -30.63 40.33 -21.24
CA ALA E 221 -31.52 39.27 -20.82
C ALA E 221 -31.74 38.29 -21.97
N MET E 222 -32.46 37.21 -21.67
CA MET E 222 -32.68 36.18 -22.68
C MET E 222 -33.50 36.70 -23.85
N ASP E 223 -34.62 37.38 -23.55
CA ASP E 223 -35.46 37.92 -24.62
C ASP E 223 -34.73 38.98 -25.42
N GLU E 224 -34.02 39.88 -24.74
CA GLU E 224 -33.27 40.92 -25.44
C GLU E 224 -32.20 40.32 -26.34
N PHE E 225 -31.48 39.32 -25.84
CA PHE E 225 -30.43 38.70 -26.64
C PHE E 225 -31.02 37.96 -27.85
N ILE E 226 -32.14 37.25 -27.64
CA ILE E 226 -32.76 36.53 -28.74
C ILE E 226 -33.26 37.48 -29.81
N GLU E 227 -33.91 38.58 -29.39
CA GLU E 227 -34.44 39.54 -30.35
C GLU E 227 -33.34 40.27 -31.09
N ARG E 228 -32.27 40.66 -30.38
CA ARG E 228 -31.22 41.46 -31.01
C ARG E 228 -30.50 40.68 -32.12
N TYR E 229 -30.24 39.40 -31.89
CA TYR E 229 -29.50 38.60 -32.87
C TYR E 229 -30.40 37.74 -33.75
N LYS E 230 -31.71 37.96 -33.69
CA LYS E 230 -32.67 37.27 -34.56
C LYS E 230 -32.54 35.75 -34.40
N LEU E 231 -32.39 35.30 -33.16
CA LEU E 231 -32.24 33.89 -32.86
C LEU E 231 -33.57 33.21 -32.58
N GLU E 232 -34.68 33.81 -33.02
CA GLU E 232 -35.97 33.18 -32.86
C GLU E 232 -36.10 31.99 -33.81
N GLY E 233 -36.79 30.95 -33.34
CA GLY E 233 -36.91 29.73 -34.12
C GLY E 233 -35.73 28.79 -34.02
N TYR E 234 -34.84 29.00 -33.04
CA TYR E 234 -33.68 28.13 -32.87
C TYR E 234 -33.54 27.60 -31.45
N ALA E 235 -34.59 27.71 -30.64
CA ALA E 235 -34.66 27.10 -29.31
C ALA E 235 -33.52 27.53 -28.40
N PHE E 236 -33.12 28.80 -28.51
CA PHE E 236 -32.02 29.29 -27.70
C PHE E 236 -32.37 29.40 -26.23
N GLU E 237 -33.66 29.34 -25.88
CA GLU E 237 -34.05 29.40 -24.47
C GLU E 237 -33.62 28.15 -23.72
N ALA E 238 -33.79 26.98 -24.32
CA ALA E 238 -33.47 25.73 -23.65
C ALA E 238 -32.10 25.19 -24.02
N ILE E 239 -31.68 25.37 -25.28
CA ILE E 239 -30.39 24.85 -25.72
C ILE E 239 -29.25 25.48 -24.95
N VAL E 240 -29.31 26.79 -24.74
CA VAL E 240 -28.19 27.57 -24.23
C VAL E 240 -28.41 28.00 -22.79
N TYR E 241 -29.59 28.54 -22.48
CA TYR E 241 -29.83 29.04 -21.12
C TYR E 241 -30.18 27.93 -20.14
N GLY E 242 -30.85 26.89 -20.59
CA GLY E 242 -31.25 25.80 -19.72
C GLY E 242 -32.68 25.92 -19.24
N ASP E 243 -33.17 24.86 -18.60
CA ASP E 243 -34.53 24.78 -18.10
C ASP E 243 -34.49 24.24 -16.67
N PHE E 244 -34.44 25.14 -15.70
CA PHE E 244 -34.36 24.77 -14.28
C PHE E 244 -35.75 24.79 -13.65
N SER E 245 -36.67 24.03 -14.25
CA SER E 245 -38.06 24.02 -13.81
C SER E 245 -38.61 22.63 -13.59
N HIS E 246 -37.98 21.59 -14.10
CA HIS E 246 -38.41 20.22 -13.90
C HIS E 246 -37.45 19.50 -12.98
N SER E 247 -37.73 18.22 -12.73
CA SER E 247 -36.83 17.42 -11.92
C SER E 247 -35.57 17.06 -12.70
N GLN E 248 -35.60 17.19 -14.01
CA GLN E 248 -34.45 16.96 -14.87
C GLN E 248 -34.13 18.23 -15.64
N LEU E 249 -32.86 18.62 -15.65
CA LEU E 249 -32.44 19.82 -16.35
C LEU E 249 -32.58 19.63 -17.86
N GLY E 250 -32.96 20.71 -18.54
CA GLY E 250 -33.20 20.68 -19.97
C GLY E 250 -32.15 21.49 -20.71
N GLY E 251 -31.59 20.88 -21.76
CA GLY E 251 -30.67 21.59 -22.64
C GLY E 251 -29.36 21.90 -21.95
N LEU E 252 -28.89 23.15 -22.12
CA LEU E 252 -27.67 23.66 -21.50
C LEU E 252 -26.44 22.89 -21.99
N HIS E 253 -26.17 23.02 -23.30
CA HIS E 253 -25.13 22.25 -23.96
C HIS E 253 -23.99 23.11 -24.48
N LEU E 254 -23.88 24.34 -24.02
CA LEU E 254 -22.73 25.19 -24.32
C LEU E 254 -22.21 25.77 -23.01
N LEU E 255 -20.90 25.94 -22.93
CA LEU E 255 -20.31 26.38 -21.67
C LEU E 255 -20.69 27.82 -21.33
N ILE E 256 -21.11 28.60 -22.33
CA ILE E 256 -21.43 30.00 -22.06
C ILE E 256 -22.68 30.14 -21.21
N GLY E 257 -23.74 29.37 -21.55
CA GLY E 257 -24.96 29.45 -20.76
C GLY E 257 -24.76 28.91 -19.36
N LEU E 258 -23.95 27.85 -19.22
CA LEU E 258 -23.59 27.36 -17.91
C LEU E 258 -22.90 28.44 -17.09
N ALA E 259 -22.03 29.23 -17.72
CA ALA E 259 -21.36 30.30 -17.01
C ALA E 259 -22.34 31.39 -16.60
N LYS E 260 -23.31 31.71 -17.45
CA LYS E 260 -24.32 32.69 -17.08
C LYS E 260 -25.11 32.23 -15.87
N ARG E 261 -25.53 30.95 -15.88
CA ARG E 261 -26.25 30.41 -14.73
C ARG E 261 -25.39 30.41 -13.49
N PHE E 262 -24.12 30.06 -13.62
CA PHE E 262 -23.21 30.04 -12.48
C PHE E 262 -23.06 31.42 -11.88
N LYS E 263 -23.00 32.45 -12.72
CA LYS E 263 -22.98 33.82 -12.22
C LYS E 263 -24.29 34.16 -11.53
N GLU E 264 -25.41 33.63 -12.05
CA GLU E 264 -26.68 33.80 -11.36
C GLU E 264 -26.72 33.01 -10.06
N SER E 265 -26.35 31.74 -10.11
CA SER E 265 -26.52 30.84 -8.98
C SER E 265 -25.52 29.69 -9.05
N PRO E 266 -24.70 29.51 -8.02
CA PRO E 266 -23.72 28.42 -8.04
C PRO E 266 -24.37 27.05 -7.95
N PHE E 267 -23.71 26.07 -8.56
CA PHE E 267 -24.17 24.69 -8.56
C PHE E 267 -22.97 23.76 -8.66
N GLU E 268 -23.22 22.50 -8.97
CA GLU E 268 -22.21 21.45 -8.92
C GLU E 268 -22.00 20.85 -10.30
N LEU E 269 -20.74 20.69 -10.69
CA LEU E 269 -20.35 20.01 -11.92
C LEU E 269 -19.44 18.85 -11.56
N GLU E 270 -20.00 17.64 -11.54
CA GLU E 270 -19.22 16.44 -11.27
C GLU E 270 -18.79 15.86 -12.60
N ASP E 271 -17.51 16.01 -12.92
CA ASP E 271 -16.93 15.47 -14.14
C ASP E 271 -16.51 14.03 -13.85
N PHE E 272 -17.37 13.08 -14.21
CA PHE E 272 -17.10 11.70 -13.81
C PHE E 272 -16.02 11.04 -14.66
N ILE E 273 -15.62 11.64 -15.77
CA ILE E 273 -14.49 11.16 -16.55
C ILE E 273 -13.51 12.32 -16.66
N PRO E 274 -12.62 12.48 -15.71
CA PRO E 274 -11.75 13.67 -15.70
C PRO E 274 -10.65 13.60 -16.73
N MET E 275 -10.99 13.83 -18.00
CA MET E 275 -10.00 13.89 -19.05
C MET E 275 -10.37 15.00 -20.02
N ASP E 276 -9.41 15.42 -20.82
CA ASP E 276 -9.61 16.50 -21.75
C ASP E 276 -10.14 15.94 -23.07
N SER E 277 -11.29 16.46 -23.51
CA SER E 277 -11.86 16.05 -24.78
C SER E 277 -12.70 17.20 -25.32
N THR E 278 -13.01 17.12 -26.61
CA THR E 278 -13.76 18.20 -27.26
C THR E 278 -15.15 18.34 -26.66
N VAL E 279 -15.83 17.23 -26.44
CA VAL E 279 -17.17 17.19 -25.86
C VAL E 279 -17.07 16.54 -24.48
N LYS E 280 -17.58 17.22 -23.47
CA LYS E 280 -17.47 16.78 -22.09
C LYS E 280 -18.85 16.48 -21.53
N ASN E 281 -18.96 15.39 -20.76
CA ASN E 281 -20.18 15.04 -20.06
C ASN E 281 -20.02 15.35 -18.58
N TYR E 282 -21.00 16.05 -18.02
CA TYR E 282 -20.98 16.45 -16.62
C TYR E 282 -22.23 15.98 -15.93
N PHE E 283 -22.13 15.80 -14.61
CA PHE E 283 -23.26 15.43 -13.77
C PHE E 283 -23.70 16.70 -13.06
N ILE E 284 -24.63 17.42 -13.68
CA ILE E 284 -25.06 18.72 -13.18
C ILE E 284 -26.08 18.52 -12.06
N THR E 285 -25.96 19.34 -11.02
CA THR E 285 -26.94 19.38 -9.94
C THR E 285 -27.14 20.84 -9.56
N ASP E 286 -28.23 21.43 -10.01
CA ASP E 286 -28.52 22.82 -9.70
C ASP E 286 -28.94 22.95 -8.25
N ALA E 287 -28.16 23.68 -7.46
CA ALA E 287 -28.37 23.77 -6.03
C ALA E 287 -29.55 24.65 -5.65
N GLN E 288 -30.10 25.40 -6.59
CA GLN E 288 -31.22 26.29 -6.28
C GLN E 288 -32.56 25.61 -6.56
N THR E 289 -32.80 25.20 -7.81
CA THR E 289 -34.06 24.59 -8.17
C THR E 289 -34.11 23.10 -7.90
N GLY E 290 -32.99 22.50 -7.51
CA GLY E 290 -32.97 21.07 -7.28
C GLY E 290 -33.02 20.23 -8.54
N SER E 291 -32.87 20.85 -9.70
CA SER E 291 -32.94 20.14 -10.97
C SER E 291 -31.56 19.58 -11.30
N SER E 292 -31.50 18.28 -11.53
CA SER E 292 -30.25 17.61 -11.85
C SER E 292 -30.43 16.74 -13.08
N LYS E 293 -29.39 16.69 -13.90
CA LYS E 293 -29.35 15.83 -15.07
C LYS E 293 -28.10 14.98 -14.97
N CYS E 294 -28.25 13.67 -15.15
CA CYS E 294 -27.14 12.76 -14.92
C CYS E 294 -26.03 12.96 -15.93
N VAL E 295 -26.38 13.05 -17.20
CA VAL E 295 -25.41 13.23 -18.28
C VAL E 295 -25.82 14.43 -19.11
N CYS E 296 -24.89 15.35 -19.34
CA CYS E 296 -25.16 16.56 -20.10
C CYS E 296 -23.89 16.90 -20.89
N SER E 297 -23.98 16.76 -22.22
CA SER E 297 -22.83 17.06 -23.08
C SER E 297 -22.64 18.56 -23.19
N VAL E 298 -21.39 19.00 -22.99
CA VAL E 298 -21.03 20.41 -23.10
C VAL E 298 -19.88 20.54 -24.09
N ILE E 299 -20.03 21.40 -25.07
CA ILE E 299 -18.99 21.69 -26.05
C ILE E 299 -18.75 23.18 -26.07
N ASP E 300 -17.54 23.60 -25.72
CA ASP E 300 -17.25 25.02 -25.47
C ASP E 300 -16.82 25.72 -26.76
N LEU E 301 -17.79 25.87 -27.66
CA LEU E 301 -17.56 26.58 -28.90
C LEU E 301 -17.61 28.08 -28.69
N LEU E 302 -17.07 28.81 -29.66
CA LEU E 302 -17.33 30.23 -29.75
C LEU E 302 -18.76 30.45 -30.21
N LEU E 303 -19.45 31.39 -29.55
CA LEU E 303 -20.88 31.56 -29.78
C LEU E 303 -21.15 32.01 -31.22
N ASP E 304 -20.26 32.81 -31.80
CA ASP E 304 -20.42 33.22 -33.19
C ASP E 304 -20.35 32.01 -34.12
N ASP E 305 -19.40 31.11 -33.88
CA ASP E 305 -19.27 29.93 -34.73
C ASP E 305 -20.46 29.00 -34.55
N PHE E 306 -20.94 28.83 -33.32
CA PHE E 306 -22.12 28.01 -33.09
C PHE E 306 -23.33 28.60 -33.78
N VAL E 307 -23.48 29.92 -33.74
CA VAL E 307 -24.59 30.58 -34.44
C VAL E 307 -24.47 30.34 -35.94
N GLU E 308 -23.26 30.46 -36.47
CA GLU E 308 -23.05 30.20 -37.89
C GLU E 308 -23.43 28.77 -38.27
N ILE E 309 -23.02 27.81 -37.42
CA ILE E 309 -23.31 26.40 -37.70
C ILE E 309 -24.82 26.17 -37.67
N ILE E 310 -25.50 26.68 -36.64
CA ILE E 310 -26.92 26.40 -36.50
C ILE E 310 -27.75 27.15 -37.53
N LYS E 311 -27.28 28.31 -38.00
CA LYS E 311 -27.96 28.99 -39.09
C LYS E 311 -27.57 28.45 -40.46
N SER E 312 -26.57 27.57 -40.52
CA SER E 312 -26.27 26.85 -41.74
C SER E 312 -27.09 25.58 -41.88
N GLN E 313 -28.02 25.32 -40.97
CA GLN E 313 -28.84 24.13 -41.00
C GLN E 313 -30.12 24.37 -41.78
N ASP E 314 -30.91 23.30 -41.92
CA ASP E 314 -32.21 23.36 -42.55
C ASP E 314 -33.26 22.85 -41.56
N LEU E 315 -34.29 23.66 -41.32
CA LEU E 315 -35.38 23.29 -40.42
C LEU E 315 -36.52 22.67 -41.22
N SER E 316 -36.25 21.48 -41.77
CA SER E 316 -37.21 20.84 -42.64
C SER E 316 -37.54 19.42 -42.17
N VAL E 317 -36.52 18.68 -41.76
CA VAL E 317 -36.69 17.29 -41.37
C VAL E 317 -37.07 17.24 -39.90
N VAL E 318 -37.65 16.10 -39.49
CA VAL E 318 -38.00 15.92 -38.08
C VAL E 318 -36.75 15.82 -37.23
N SER E 319 -35.80 14.98 -37.65
CA SER E 319 -34.54 14.84 -36.93
C SER E 319 -33.43 14.62 -37.95
N LYS E 320 -32.21 15.00 -37.55
CA LYS E 320 -31.07 14.88 -38.44
C LYS E 320 -29.79 14.81 -37.61
N VAL E 321 -28.83 14.03 -38.10
CA VAL E 321 -27.50 13.96 -37.50
C VAL E 321 -26.58 14.84 -38.33
N VAL E 322 -25.89 15.77 -37.68
CA VAL E 322 -25.09 16.78 -38.36
C VAL E 322 -23.61 16.49 -38.11
N LYS E 323 -22.83 16.52 -39.18
CA LYS E 323 -21.38 16.30 -39.12
C LYS E 323 -20.68 17.64 -39.24
N VAL E 324 -19.95 18.02 -38.20
CA VAL E 324 -19.16 19.24 -38.16
C VAL E 324 -17.74 18.87 -37.78
N THR E 325 -16.76 19.38 -38.53
CA THR E 325 -15.37 19.16 -38.19
C THR E 325 -14.98 20.13 -37.09
N ILE E 326 -14.76 19.63 -35.88
CA ILE E 326 -14.38 20.44 -34.73
C ILE E 326 -13.12 19.84 -34.13
N ASP E 327 -12.09 20.67 -33.97
CA ASP E 327 -10.79 20.23 -33.45
C ASP E 327 -10.22 19.08 -34.28
N TYR E 328 -10.23 19.23 -35.60
CA TYR E 328 -9.69 18.25 -36.54
C TYR E 328 -10.39 16.89 -36.44
N THR E 329 -11.65 16.87 -36.05
CA THR E 329 -12.39 15.63 -36.03
C THR E 329 -13.87 15.91 -36.20
N GLU E 330 -14.59 14.88 -36.62
CA GLU E 330 -16.02 15.02 -36.92
C GLU E 330 -16.83 14.88 -35.64
N ILE E 331 -17.78 15.79 -35.45
CA ILE E 331 -18.67 15.77 -34.30
C ILE E 331 -20.09 15.55 -34.81
N SER E 332 -20.78 14.56 -34.24
CA SER E 332 -22.13 14.21 -34.64
C SER E 332 -23.13 14.94 -33.75
N PHE E 333 -23.95 15.79 -34.37
CA PHE E 333 -24.92 16.60 -33.65
C PHE E 333 -26.32 16.04 -33.86
N MET E 334 -27.03 15.80 -32.76
CA MET E 334 -28.42 15.37 -32.82
C MET E 334 -29.31 16.60 -32.88
N LEU E 335 -29.94 16.83 -34.02
CA LEU E 335 -30.80 17.99 -34.24
C LEU E 335 -32.24 17.51 -34.37
N TRP E 336 -33.01 17.68 -33.31
CA TRP E 336 -34.46 17.45 -33.33
C TRP E 336 -35.12 18.80 -33.55
N CYS E 337 -35.52 19.05 -34.78
CA CYS E 337 -36.19 20.30 -35.13
C CYS E 337 -37.57 19.99 -35.68
N LYS E 338 -38.56 20.76 -35.23
CA LYS E 338 -39.92 20.61 -35.71
C LYS E 338 -40.09 21.43 -36.99
N ASP E 339 -41.34 21.59 -37.43
CA ASP E 339 -41.62 22.33 -38.66
C ASP E 339 -41.33 23.82 -38.43
N GLY E 340 -40.18 24.27 -38.90
CA GLY E 340 -39.80 25.66 -38.78
C GLY E 340 -39.20 26.07 -37.45
N HIS E 341 -39.08 25.15 -36.51
CA HIS E 341 -38.53 25.45 -35.20
C HIS E 341 -37.69 24.27 -34.74
N VAL E 342 -37.02 24.45 -33.61
CA VAL E 342 -36.10 23.46 -33.05
C VAL E 342 -36.70 22.93 -31.75
N GLU E 343 -36.80 21.60 -31.64
CA GLU E 343 -37.20 21.00 -30.39
C GLU E 343 -36.02 20.96 -29.42
N THR E 344 -34.93 20.33 -29.83
CA THR E 344 -33.73 20.27 -29.00
C THR E 344 -32.52 20.02 -29.91
N PHE E 345 -31.33 20.28 -29.37
CA PHE E 345 -30.09 20.17 -30.13
C PHE E 345 -28.97 19.91 -29.13
N TYR E 346 -28.55 18.65 -29.03
CA TYR E 346 -27.49 18.27 -28.12
C TYR E 346 -26.44 17.46 -28.87
N PRO E 347 -25.16 17.70 -28.61
CA PRO E 347 -24.11 16.93 -29.27
C PRO E 347 -24.12 15.47 -28.83
N LYS E 348 -23.77 14.59 -29.76
CA LYS E 348 -23.69 13.16 -29.49
C LYS E 348 -22.23 12.71 -29.36
CA LEU F 2 0.09 7.30 32.74
C LEU F 2 0.00 6.15 31.75
N GLU F 3 -0.97 6.24 30.84
CA GLU F 3 -1.19 5.24 29.81
C GLU F 3 -0.76 5.78 28.46
N MET F 4 0.15 5.07 27.80
CA MET F 4 0.65 5.47 26.50
C MET F 4 0.14 4.46 25.47
N SER F 5 -0.96 4.79 24.81
CA SER F 5 -1.60 3.85 23.92
C SER F 5 -2.29 4.59 22.80
N LEU F 6 -2.52 3.88 21.70
CA LEU F 6 -3.22 4.44 20.56
C LEU F 6 -4.68 4.71 20.88
N GLU F 7 -5.30 3.84 21.67
CA GLU F 7 -6.70 4.02 21.98
C GLU F 7 -6.93 5.19 22.93
N ASN F 8 -6.04 5.40 23.89
CA ASN F 8 -6.17 6.57 24.76
C ASN F 8 -5.95 7.86 23.98
N VAL F 9 -4.98 7.86 23.07
CA VAL F 9 -4.72 9.04 22.26
C VAL F 9 -5.95 9.38 21.43
N ALA F 10 -6.55 8.38 20.81
CA ALA F 10 -7.73 8.63 19.98
C ALA F 10 -8.92 9.02 20.82
N PHE F 11 -9.01 8.52 22.05
CA PHE F 11 -10.07 8.98 22.95
C PHE F 11 -9.91 10.46 23.26
N ASN F 12 -8.68 10.89 23.56
CA ASN F 12 -8.43 12.30 23.82
C ASN F 12 -8.72 13.14 22.59
N VAL F 13 -8.35 12.63 21.41
CA VAL F 13 -8.58 13.37 20.17
C VAL F 13 -10.07 13.52 19.90
N VAL F 14 -10.84 12.46 20.13
CA VAL F 14 -12.27 12.53 19.87
C VAL F 14 -12.97 13.45 20.87
N ASN F 15 -12.61 13.35 22.14
CA ASN F 15 -13.32 14.14 23.15
C ASN F 15 -12.87 15.58 23.21
N LYS F 16 -11.61 15.87 22.90
CA LYS F 16 -11.03 17.18 23.16
C LYS F 16 -10.31 17.80 21.97
N GLY F 17 -10.08 17.07 20.89
CA GLY F 17 -9.43 17.61 19.72
C GLY F 17 -7.92 17.54 19.75
N HIS F 18 -7.32 17.28 20.91
CA HIS F 18 -5.88 17.13 21.03
C HIS F 18 -5.62 16.26 22.25
N PHE F 19 -4.44 15.69 22.32
CA PHE F 19 -4.12 14.83 23.46
C PHE F 19 -3.95 15.69 24.69
N ASP F 20 -4.98 15.73 25.53
CA ASP F 20 -4.93 16.50 26.75
C ASP F 20 -4.33 15.75 27.92
N GLY F 21 -4.50 14.44 27.97
CA GLY F 21 -4.03 13.64 29.08
C GLY F 21 -5.11 12.96 29.90
N GLN F 22 -6.29 12.74 29.32
CA GLN F 22 -7.39 12.12 30.05
C GLN F 22 -7.24 10.60 30.06
N GLN F 23 -8.26 9.92 30.55
CA GLN F 23 -8.28 8.48 30.65
C GLN F 23 -9.50 7.93 29.93
N GLY F 24 -9.29 6.89 29.14
CA GLY F 24 -10.34 6.28 28.35
C GLY F 24 -9.75 5.67 27.10
N GLU F 25 -10.59 4.92 26.38
CA GLU F 25 -10.19 4.27 25.15
C GLU F 25 -11.35 4.27 24.17
N VAL F 26 -11.04 4.22 22.88
CA VAL F 26 -12.06 4.12 21.85
C VAL F 26 -11.66 3.07 20.82
N PRO F 27 -12.61 2.46 20.11
CA PRO F 27 -12.25 1.58 19.00
C PRO F 27 -11.49 2.32 17.91
N VAL F 28 -10.45 1.70 17.39
CA VAL F 28 -9.56 2.33 16.42
C VAL F 28 -9.25 1.32 15.33
N SER F 29 -9.23 1.80 14.08
CA SER F 29 -8.81 0.99 12.93
C SER F 29 -7.71 1.74 12.20
N ILE F 30 -6.74 0.99 11.67
CA ILE F 30 -5.65 1.57 10.91
C ILE F 30 -5.62 0.88 9.56
N ILE F 31 -6.06 1.60 8.53
CA ILE F 31 -6.05 1.09 7.16
C ILE F 31 -5.25 2.06 6.31
N ASN F 32 -4.28 1.54 5.57
CA ASN F 32 -3.34 2.33 4.78
C ASN F 32 -2.61 3.24 5.75
N ASN F 33 -2.47 4.53 5.46
CA ASN F 33 -1.90 5.49 6.39
C ASN F 33 -2.97 6.33 7.07
N THR F 34 -4.12 5.74 7.35
CA THR F 34 -5.25 6.47 7.90
C THR F 34 -5.70 5.78 9.18
N VAL F 35 -6.09 6.59 10.16
CA VAL F 35 -6.62 6.11 11.42
C VAL F 35 -8.11 6.42 11.43
N TYR F 36 -8.93 5.40 11.65
CA TYR F 36 -10.36 5.56 11.73
C TYR F 36 -10.86 5.28 13.13
N THR F 37 -12.04 5.78 13.44
CA THR F 37 -12.69 5.47 14.70
C THR F 37 -14.16 5.16 14.43
N LYS F 38 -14.76 4.38 15.30
CA LYS F 38 -16.11 3.89 15.09
C LYS F 38 -17.07 4.76 15.89
N VAL F 39 -17.70 5.72 15.22
CA VAL F 39 -18.67 6.61 15.83
C VAL F 39 -20.03 6.25 15.27
N ASP F 40 -20.97 5.90 16.15
CA ASP F 40 -22.32 5.51 15.77
C ASP F 40 -22.30 4.33 14.81
N GLY F 41 -21.36 3.42 15.02
CA GLY F 41 -21.32 2.19 14.26
C GLY F 41 -20.65 2.28 12.90
N VAL F 42 -20.16 3.44 12.51
CA VAL F 42 -19.49 3.61 11.23
C VAL F 42 -18.12 4.22 11.47
N ASP F 43 -17.20 3.96 10.55
CA ASP F 43 -15.83 4.37 10.72
C ASP F 43 -15.65 5.80 10.24
N VAL F 44 -15.12 6.64 11.11
CA VAL F 44 -14.87 8.04 10.84
C VAL F 44 -13.37 8.27 10.87
N GLU F 45 -12.84 8.84 9.80
CA GLU F 45 -11.40 9.08 9.74
C GLU F 45 -10.99 10.18 10.71
N LEU F 46 -9.96 9.92 11.50
CA LEU F 46 -9.43 10.90 12.43
C LEU F 46 -8.14 11.55 11.95
N PHE F 47 -7.31 10.83 11.22
CA PHE F 47 -5.99 11.34 10.88
C PHE F 47 -5.47 10.59 9.65
N GLU F 48 -4.91 11.32 8.71
CA GLU F 48 -4.27 10.73 7.54
C GLU F 48 -2.79 11.09 7.55
N ASN F 49 -1.95 10.07 7.56
CA ASN F 49 -0.51 10.25 7.74
C ASN F 49 0.10 10.78 6.46
N LYS F 50 0.44 12.06 6.43
CA LYS F 50 1.15 12.66 5.31
C LYS F 50 2.65 12.70 5.54
N THR F 51 3.15 11.98 6.53
CA THR F 51 4.54 12.01 6.92
C THR F 51 5.27 10.78 6.38
N THR F 52 6.52 10.64 6.79
CA THR F 52 7.31 9.45 6.53
C THR F 52 7.35 8.50 7.72
N LEU F 53 6.81 8.89 8.85
CA LEU F 53 6.76 8.06 10.03
C LEU F 53 5.65 7.02 9.90
N PRO F 54 5.64 5.99 10.74
CA PRO F 54 4.51 5.07 10.77
C PRO F 54 3.21 5.78 11.17
N VAL F 55 2.10 5.09 10.93
CA VAL F 55 0.80 5.72 11.12
C VAL F 55 0.57 6.07 12.59
N ASN F 56 0.79 5.10 13.48
CA ASN F 56 0.47 5.35 14.88
C ASN F 56 1.45 6.33 15.51
N VAL F 57 2.70 6.31 15.05
CA VAL F 57 3.68 7.28 15.55
C VAL F 57 3.29 8.69 15.14
N ALA F 58 2.95 8.86 13.87
CA ALA F 58 2.53 10.16 13.38
C ALA F 58 1.26 10.62 14.06
N PHE F 59 0.34 9.70 14.33
CA PHE F 59 -0.89 10.08 15.01
C PHE F 59 -0.62 10.54 16.43
N GLU F 60 0.25 9.84 17.14
CA GLU F 60 0.56 10.24 18.50
C GLU F 60 1.27 11.58 18.53
N LEU F 61 2.15 11.83 17.57
CA LEU F 61 2.80 13.13 17.51
C LEU F 61 1.82 14.24 17.17
N TRP F 62 0.96 14.03 16.18
CA TRP F 62 0.00 15.05 15.80
C TRP F 62 -0.97 15.34 16.93
N ALA F 63 -1.34 14.33 17.71
CA ALA F 63 -2.20 14.57 18.86
C ALA F 63 -1.50 15.39 19.93
N LYS F 64 -0.21 15.14 20.14
CA LYS F 64 0.57 15.81 21.18
C LYS F 64 1.25 17.08 20.69
N ARG F 65 0.79 17.65 19.58
CA ARG F 65 1.35 18.89 19.09
C ARG F 65 1.05 20.03 20.04
N ASN F 66 1.79 21.12 19.88
CA ASN F 66 1.62 22.28 20.75
C ASN F 66 0.51 23.17 20.21
N ILE F 67 -0.47 23.47 21.07
CA ILE F 67 -1.58 24.35 20.68
C ILE F 67 -1.47 25.75 21.27
N LYS F 68 -0.36 26.08 21.92
CA LYS F 68 -0.08 27.44 22.29
C LYS F 68 0.64 28.14 21.16
N PRO F 69 0.69 29.47 21.16
CA PRO F 69 1.48 30.17 20.15
C PRO F 69 2.96 29.84 20.28
N VAL F 70 3.50 29.16 19.27
CA VAL F 70 4.89 28.75 19.26
C VAL F 70 5.60 29.54 18.16
N PRO F 71 6.92 29.68 18.21
CA PRO F 71 7.63 30.39 17.14
C PRO F 71 7.45 29.68 15.81
N GLU F 72 7.54 30.45 14.74
CA GLU F 72 7.44 29.87 13.41
C GLU F 72 8.60 28.92 13.18
N VAL F 73 8.43 28.01 12.23
CA VAL F 73 9.40 26.93 12.05
C VAL F 73 10.74 27.49 11.60
N LYS F 74 10.72 28.42 10.65
CA LYS F 74 11.97 28.91 10.06
C LYS F 74 12.86 29.57 11.10
N ILE F 75 12.29 30.21 12.11
CA ILE F 75 13.09 30.79 13.18
C ILE F 75 13.84 29.70 13.92
N LEU F 76 13.18 28.58 14.19
CA LEU F 76 13.82 27.48 14.89
C LEU F 76 14.94 26.87 14.06
N ASN F 77 14.74 26.78 12.73
CA ASN F 77 15.81 26.28 11.88
C ASN F 77 17.00 27.23 11.87
N ASN F 78 16.76 28.53 11.77
CA ASN F 78 17.84 29.49 11.72
C ASN F 78 18.60 29.54 13.05
N LEU F 79 17.88 29.40 14.16
CA LEU F 79 18.54 29.30 15.45
C LEU F 79 19.25 27.97 15.65
N GLY F 80 19.05 27.02 14.77
CA GLY F 80 19.72 25.74 14.86
C GLY F 80 19.06 24.73 15.75
N VAL F 81 17.77 24.87 16.02
CA VAL F 81 17.07 23.93 16.91
C VAL F 81 17.01 22.57 16.26
N ASP F 82 17.46 21.54 16.98
CA ASP F 82 17.43 20.17 16.51
C ASP F 82 16.37 19.32 17.20
N ILE F 83 15.86 19.76 18.35
CA ILE F 83 14.88 18.98 19.09
C ILE F 83 14.12 19.94 20.00
N ALA F 84 12.97 19.50 20.50
CA ALA F 84 12.17 20.26 21.43
C ALA F 84 11.95 19.45 22.70
N ALA F 85 11.98 20.13 23.84
CA ALA F 85 11.92 19.48 25.14
C ALA F 85 10.47 19.34 25.57
N ASN F 86 10.01 18.10 25.75
CA ASN F 86 8.69 17.80 26.29
C ASN F 86 7.56 18.44 25.50
N THR F 87 7.69 18.50 24.18
CA THR F 87 6.64 19.03 23.34
C THR F 87 6.89 18.62 21.89
N VAL F 88 5.90 18.87 21.04
CA VAL F 88 5.98 18.58 19.62
C VAL F 88 5.60 19.85 18.87
N ILE F 89 6.44 20.24 17.93
CA ILE F 89 6.20 21.42 17.11
C ILE F 89 5.82 20.93 15.72
N TRP F 90 4.60 21.20 15.30
CA TRP F 90 4.06 20.66 14.07
C TRP F 90 4.34 21.62 12.92
N ASP F 91 4.94 21.12 11.86
CA ASP F 91 5.25 21.90 10.68
C ASP F 91 4.08 21.76 9.70
N TYR F 92 3.15 22.69 9.76
CA TYR F 92 1.91 22.55 9.00
C TYR F 92 2.11 22.72 7.50
N LYS F 93 3.24 23.31 7.08
CA LYS F 93 3.48 23.44 5.65
C LYS F 93 3.70 22.08 5.02
N ARG F 94 4.36 21.17 5.72
CA ARG F 94 4.60 19.83 5.21
C ARG F 94 3.88 18.76 6.02
N ASP F 95 2.99 19.15 6.93
CA ASP F 95 2.09 18.22 7.62
C ASP F 95 2.83 17.16 8.41
N ALA F 96 4.00 17.49 8.90
CA ALA F 96 4.88 16.55 9.57
C ALA F 96 5.52 17.26 10.74
N PRO F 97 6.04 16.53 11.72
CA PRO F 97 6.74 17.20 12.82
C PRO F 97 7.98 17.92 12.31
N ALA F 98 8.32 19.03 12.99
CA ALA F 98 9.44 19.83 12.53
C ALA F 98 10.77 19.24 12.94
N HIS F 99 10.78 18.31 13.88
CA HIS F 99 12.01 17.69 14.35
C HIS F 99 11.82 16.18 14.36
N ILE F 100 12.89 15.47 14.01
CA ILE F 100 12.78 14.05 13.75
C ILE F 100 12.56 13.26 15.04
N SER F 101 13.25 13.64 16.12
CA SER F 101 13.14 12.96 17.40
C SER F 101 12.42 13.86 18.40
N THR F 102 12.06 13.27 19.54
CA THR F 102 11.38 14.00 20.61
C THR F 102 12.02 13.65 21.94
N ILE F 103 11.65 14.40 22.98
CA ILE F 103 12.08 14.13 24.34
C ILE F 103 10.84 14.01 25.21
N GLY F 104 10.63 12.83 25.78
CA GLY F 104 9.51 12.64 26.69
C GLY F 104 8.14 12.80 26.06
N VAL F 105 7.97 12.33 24.84
CA VAL F 105 6.69 12.46 24.14
C VAL F 105 6.18 11.09 23.71
N CYS F 106 6.94 10.41 22.85
CA CYS F 106 6.51 9.16 22.24
C CYS F 106 7.65 8.16 22.32
N SER F 107 7.37 6.96 22.81
CA SER F 107 8.43 5.96 22.98
C SER F 107 9.08 5.58 21.68
N MET F 108 8.37 5.72 20.56
CA MET F 108 8.93 5.32 19.28
C MET F 108 9.95 6.32 18.76
N THR F 109 9.87 7.58 19.17
CA THR F 109 10.78 8.61 18.68
C THR F 109 11.67 9.19 19.77
N ASP F 110 11.38 8.94 21.04
CA ASP F 110 12.13 9.55 22.13
C ASP F 110 13.57 9.07 22.11
N ILE F 111 14.50 10.02 22.09
CA ILE F 111 15.89 9.70 22.36
C ILE F 111 16.22 9.85 23.84
N ALA F 112 15.35 10.50 24.61
CA ALA F 112 15.52 10.63 26.05
C ALA F 112 14.18 10.98 26.65
N LYS F 113 14.08 10.78 27.96
CA LYS F 113 12.85 11.11 28.69
C LYS F 113 12.86 12.52 29.26
N LYS F 114 14.02 13.06 29.58
CA LYS F 114 14.19 14.43 30.01
C LYS F 114 15.32 15.06 29.21
N PRO F 115 15.28 16.38 28.99
CA PRO F 115 16.32 17.02 28.17
C PRO F 115 17.68 17.07 28.82
N THR F 116 17.82 16.61 30.06
CA THR F 116 19.06 16.67 30.80
C THR F 116 19.92 15.42 30.64
N GLU F 117 19.49 14.47 29.82
CA GLU F 117 20.27 13.26 29.65
C GLU F 117 21.52 13.54 28.82
N THR F 118 22.44 12.59 28.83
CA THR F 118 23.74 12.81 28.22
C THR F 118 23.65 12.88 26.70
N ILE F 119 22.66 12.22 26.10
CA ILE F 119 22.56 12.23 24.65
C ILE F 119 22.04 13.58 24.17
N CYS F 120 21.35 14.32 25.03
CA CYS F 120 20.80 15.61 24.65
C CYS F 120 21.85 16.72 24.68
N ALA F 121 23.02 16.46 25.24
CA ALA F 121 24.03 17.51 25.36
C ALA F 121 24.50 18.06 24.02
N PRO F 122 24.88 17.26 23.00
CA PRO F 122 25.33 17.83 21.72
C PRO F 122 24.18 18.13 20.76
N LEU F 123 23.11 18.72 21.29
CA LEU F 123 21.94 19.08 20.50
C LEU F 123 21.35 20.35 21.06
N THR F 124 20.92 21.24 20.18
CA THR F 124 20.30 22.49 20.61
C THR F 124 18.83 22.23 20.86
N VAL F 125 18.47 22.11 22.13
CA VAL F 125 17.12 21.80 22.55
C VAL F 125 16.33 23.09 22.69
N PHE F 126 15.10 23.09 22.21
CA PHE F 126 14.23 24.27 22.30
C PHE F 126 13.41 24.20 23.58
N PHE F 127 13.61 25.18 24.47
CA PHE F 127 12.90 25.25 25.72
C PHE F 127 11.91 26.41 25.68
N ASP F 128 10.71 26.16 26.17
CA ASP F 128 9.68 27.19 26.25
C ASP F 128 9.61 27.67 27.70
N GLY F 129 9.83 28.97 27.90
CA GLY F 129 9.77 29.52 29.23
C GLY F 129 8.38 29.59 29.82
N ARG F 130 7.34 29.52 28.97
CA ARG F 130 5.98 29.54 29.48
C ARG F 130 5.65 28.30 30.29
N VAL F 131 6.28 27.18 29.97
CA VAL F 131 6.13 25.96 30.75
C VAL F 131 7.00 26.08 31.99
N ASP F 132 6.39 25.88 33.16
CA ASP F 132 7.12 26.08 34.41
C ASP F 132 8.22 25.05 34.56
N GLY F 133 9.36 25.49 35.10
CA GLY F 133 10.50 24.64 35.32
C GLY F 133 11.44 24.49 34.15
N GLN F 134 11.16 25.13 33.01
CA GLN F 134 12.00 24.97 31.84
C GLN F 134 13.17 25.95 31.82
N VAL F 135 13.05 27.09 32.50
CA VAL F 135 14.15 28.04 32.52
C VAL F 135 15.33 27.47 33.29
N ASP F 136 15.06 26.78 34.39
CA ASP F 136 16.12 26.11 35.13
C ASP F 136 16.80 25.06 34.26
N LEU F 137 16.03 24.38 33.40
CA LEU F 137 16.62 23.43 32.46
C LEU F 137 17.50 24.13 31.45
N PHE F 138 17.07 25.29 30.94
CA PHE F 138 17.86 26.01 29.96
C PHE F 138 19.18 26.47 30.56
N ARG F 139 19.16 26.90 31.82
CA ARG F 139 20.40 27.35 32.45
C ARG F 139 21.41 26.22 32.55
N ASN F 140 20.97 25.02 32.91
CA ASN F 140 21.88 23.90 33.07
C ASN F 140 22.08 23.11 31.79
N ALA F 141 21.33 23.41 30.73
CA ALA F 141 21.58 22.75 29.46
C ALA F 141 22.87 23.26 28.84
N ARG F 142 23.41 22.47 27.93
CA ARG F 142 24.66 22.84 27.26
C ARG F 142 24.39 23.66 26.00
N ASN F 143 23.62 23.11 25.07
CA ASN F 143 23.13 23.83 23.90
C ASN F 143 21.62 23.93 23.99
N GLY F 144 21.09 25.13 23.73
CA GLY F 144 19.65 25.30 23.79
C GLY F 144 19.22 26.65 23.27
N VAL F 145 17.91 26.78 23.09
CA VAL F 145 17.24 28.02 22.74
C VAL F 145 16.05 28.18 23.67
N LEU F 146 15.88 29.37 24.23
CA LEU F 146 14.78 29.63 25.14
C LEU F 146 13.95 30.81 24.66
N ILE F 147 12.64 30.68 24.74
CA ILE F 147 11.72 31.78 24.49
C ILE F 147 10.99 32.09 25.79
N THR F 148 10.63 33.35 25.97
CA THR F 148 9.87 33.75 27.14
C THR F 148 8.97 34.92 26.77
N GLU F 149 7.77 34.93 27.34
CA GLU F 149 6.90 36.10 27.19
C GLU F 149 7.53 37.33 27.84
N GLY F 150 8.07 37.17 29.04
CA GLY F 150 8.65 38.25 29.81
C GLY F 150 10.16 38.29 29.67
N SER F 151 10.83 38.41 30.81
CA SER F 151 12.28 38.53 30.86
C SER F 151 12.85 37.55 31.85
N VAL F 152 14.13 37.23 31.68
CA VAL F 152 14.84 36.28 32.52
C VAL F 152 15.97 37.02 33.21
N LYS F 153 16.16 36.75 34.50
CA LYS F 153 17.22 37.39 35.26
C LYS F 153 18.59 36.89 34.79
N GLY F 154 19.52 37.83 34.64
CA GLY F 154 20.88 37.48 34.29
C GLY F 154 21.13 37.19 32.84
N LEU F 155 20.13 37.34 31.98
CA LEU F 155 20.26 37.06 30.55
C LEU F 155 19.78 38.25 29.75
N GLN F 156 20.58 38.68 28.78
CA GLN F 156 20.18 39.81 27.94
C GLN F 156 19.27 39.32 26.82
N PRO F 157 18.03 39.77 26.77
CA PRO F 157 17.09 39.23 25.78
C PRO F 157 17.30 39.78 24.38
N SER F 158 16.84 39.02 23.40
CA SER F 158 16.73 39.47 22.03
C SER F 158 15.25 39.51 21.67
N VAL F 159 14.76 40.67 21.26
CA VAL F 159 13.34 40.81 21.00
C VAL F 159 12.99 40.08 19.71
N GLY F 160 12.03 39.18 19.81
CA GLY F 160 11.66 38.35 18.68
C GLY F 160 10.63 38.99 17.78
N PRO F 161 10.27 38.29 16.71
CA PRO F 161 9.28 38.83 15.78
C PRO F 161 7.91 38.92 16.42
N LYS F 162 7.10 39.84 15.89
CA LYS F 162 5.81 40.12 16.48
C LYS F 162 4.78 39.04 16.18
N GLN F 163 5.07 38.14 15.24
CA GLN F 163 4.14 37.09 14.89
C GLN F 163 4.66 35.73 15.34
N ALA F 164 3.75 34.91 15.87
CA ALA F 164 4.06 33.54 16.23
C ALA F 164 2.94 32.66 15.72
N SER F 165 3.31 31.44 15.32
CA SER F 165 2.37 30.50 14.75
C SER F 165 1.53 29.88 15.84
N LEU F 166 0.20 29.93 15.68
CA LEU F 166 -0.74 29.32 16.60
C LEU F 166 -1.65 28.42 15.77
N ASN F 167 -1.52 27.10 15.95
CA ASN F 167 -2.34 26.12 15.25
C ASN F 167 -2.28 26.30 13.74
N GLY F 168 -1.10 26.65 13.24
CA GLY F 168 -0.93 26.88 11.82
C GLY F 168 -1.36 28.24 11.35
N VAL F 169 -1.78 29.11 12.25
CA VAL F 169 -2.20 30.46 11.93
C VAL F 169 -1.10 31.40 12.38
N THR F 170 -0.45 32.05 11.42
CA THR F 170 0.56 33.06 11.74
C THR F 170 -0.15 34.37 12.04
N LEU F 171 -0.06 34.83 13.28
CA LEU F 171 -0.83 35.99 13.71
C LEU F 171 -0.01 36.84 14.66
N ILE F 172 -0.35 38.12 14.72
CA ILE F 172 0.16 39.01 15.74
C ILE F 172 -0.85 39.02 16.88
N GLY F 173 -0.46 38.49 18.03
CA GLY F 173 -1.43 38.23 19.07
C GLY F 173 -1.93 39.51 19.73
N GLU F 174 -3.25 39.59 19.84
CA GLU F 174 -3.91 40.67 20.59
C GLU F 174 -4.41 40.19 21.94
N ALA F 175 -5.17 39.10 21.98
CA ALA F 175 -5.61 38.52 23.23
C ALA F 175 -4.51 37.74 23.94
N VAL F 176 -3.48 37.30 23.22
CA VAL F 176 -2.39 36.53 23.80
C VAL F 176 -1.07 37.06 23.24
N LYS F 177 0.01 36.74 23.93
CA LYS F 177 1.33 37.23 23.53
C LYS F 177 1.94 36.34 22.46
N THR F 178 2.29 36.94 21.33
CA THR F 178 3.00 36.25 20.26
C THR F 178 4.38 36.82 20.02
N GLN F 179 4.94 37.55 20.98
CA GLN F 179 6.28 38.09 20.86
C GLN F 179 7.09 37.60 22.06
N PHE F 180 8.12 36.82 21.78
CA PHE F 180 8.95 36.24 22.83
C PHE F 180 10.33 36.87 22.80
N ASN F 181 11.07 36.66 23.88
CA ASN F 181 12.47 37.02 23.95
C ASN F 181 13.28 35.75 23.75
N TYR F 182 14.19 35.77 22.78
CA TYR F 182 15.00 34.61 22.45
C TYR F 182 16.33 34.67 23.19
N TYR F 183 16.66 33.60 23.90
CA TYR F 183 17.96 33.42 24.52
C TYR F 183 18.58 32.15 23.96
N LYS F 184 19.80 32.25 23.44
CA LYS F 184 20.49 31.12 22.84
C LYS F 184 21.77 30.84 23.60
N LYS F 185 22.02 29.57 23.89
CA LYS F 185 23.22 29.12 24.55
C LYS F 185 23.93 28.13 23.64
N VAL F 186 25.25 28.26 23.52
CA VAL F 186 26.07 27.34 22.73
C VAL F 186 27.21 26.86 23.59
N ASP F 187 27.34 25.54 23.75
CA ASP F 187 28.42 24.91 24.50
C ASP F 187 28.51 25.46 25.92
N GLY F 188 27.37 25.72 26.54
CA GLY F 188 27.33 26.26 27.87
C GLY F 188 27.56 27.75 27.95
N VAL F 189 27.71 28.42 26.82
CA VAL F 189 28.08 29.84 26.77
C VAL F 189 26.89 30.61 26.22
N VAL F 190 26.44 31.61 26.97
CA VAL F 190 25.27 32.39 26.59
C VAL F 190 25.67 33.30 25.43
N GLN F 191 25.31 32.92 24.21
CA GLN F 191 25.60 33.72 23.05
C GLN F 191 24.54 34.81 22.88
N GLN F 192 24.94 35.93 22.31
CA GLN F 192 24.05 37.04 22.06
C GLN F 192 23.64 37.03 20.59
N LEU F 193 22.34 37.02 20.36
CA LEU F 193 21.85 36.92 19.00
C LEU F 193 22.00 38.27 18.29
N PRO F 194 22.30 38.27 17.00
CA PRO F 194 22.50 39.54 16.29
C PRO F 194 21.20 40.27 16.06
N GLU F 195 21.32 41.57 15.84
CA GLU F 195 20.17 42.36 15.42
C GLU F 195 19.76 41.96 14.02
N THR F 196 18.47 41.68 13.83
CA THR F 196 17.97 41.12 12.59
C THR F 196 16.71 41.82 12.15
N TYR F 197 16.42 41.72 10.87
CA TYR F 197 15.14 42.11 10.32
C TYR F 197 14.27 40.88 10.15
N PHE F 198 13.01 40.99 10.54
CA PHE F 198 12.11 39.85 10.62
C PHE F 198 11.12 39.88 9.46
N THR F 199 11.02 38.76 8.75
CA THR F 199 10.05 38.63 7.68
C THR F 199 8.63 38.55 8.26
N GLN F 200 7.66 38.96 7.46
CA GLN F 200 6.30 39.12 7.96
C GLN F 200 5.46 37.86 7.84
N SER F 201 5.81 36.95 6.94
CA SER F 201 5.08 35.70 6.73
C SER F 201 3.63 35.96 6.35
N ARG F 202 3.44 36.54 5.18
CA ARG F 202 2.13 36.78 4.61
C ARG F 202 1.95 35.92 3.37
N ASN F 203 0.81 36.09 2.69
CA ASN F 203 0.49 35.32 1.50
C ASN F 203 -0.18 36.23 0.48
N LEU F 204 -0.28 35.73 -0.75
CA LEU F 204 -0.85 36.52 -1.84
C LEU F 204 -2.32 36.82 -1.62
N GLN F 205 -3.10 35.80 -1.34
CA GLN F 205 -4.55 35.98 -1.21
C GLN F 205 -4.89 36.83 0.01
N GLU F 206 -4.35 36.46 1.17
CA GLU F 206 -4.62 37.18 2.41
C GLU F 206 -3.51 38.18 2.71
N PHE F 207 -3.37 39.15 1.80
CA PHE F 207 -2.32 40.15 1.91
C PHE F 207 -2.90 41.44 2.48
N LYS F 208 -2.39 41.87 3.62
CA LYS F 208 -2.82 43.10 4.26
C LYS F 208 -1.58 43.94 4.56
N PRO F 209 -1.53 45.18 4.08
CA PRO F 209 -0.37 46.03 4.37
C PRO F 209 -0.23 46.34 5.85
N ARG F 210 1.02 46.40 6.30
CA ARG F 210 1.33 46.68 7.70
C ARG F 210 2.06 48.00 7.88
N SER F 211 2.16 48.80 6.83
CA SER F 211 2.74 50.13 6.92
C SER F 211 2.11 51.02 5.87
N GLN F 212 2.20 52.33 6.09
CA GLN F 212 1.65 53.28 5.12
C GLN F 212 2.33 53.14 3.77
N MET F 213 3.63 52.85 3.77
CA MET F 213 4.36 52.67 2.52
C MET F 213 3.80 51.49 1.73
N GLU F 214 3.46 50.40 2.43
CA GLU F 214 2.83 49.26 1.77
C GLU F 214 1.45 49.64 1.24
N ILE F 215 0.72 50.47 1.98
CA ILE F 215 -0.58 50.95 1.50
C ILE F 215 -0.41 51.74 0.21
N ASP F 216 0.61 52.59 0.15
CA ASP F 216 0.88 53.36 -1.06
C ASP F 216 1.27 52.44 -2.21
N PHE F 217 2.05 51.39 -1.91
CA PHE F 217 2.42 50.44 -2.95
C PHE F 217 1.21 49.72 -3.52
N LEU F 218 0.27 49.33 -2.65
CA LEU F 218 -0.92 48.63 -3.09
C LEU F 218 -1.97 49.56 -3.69
N GLU F 219 -1.75 50.88 -3.60
CA GLU F 219 -2.71 51.87 -4.10
C GLU F 219 -2.16 52.70 -5.25
N LEU F 220 -1.01 53.34 -5.06
CA LEU F 220 -0.47 54.21 -6.09
C LEU F 220 0.11 53.40 -7.23
N ALA F 221 0.25 54.05 -8.38
CA ALA F 221 0.86 53.42 -9.55
C ALA F 221 2.36 53.31 -9.36
N MET F 222 3.04 52.69 -10.32
CA MET F 222 4.48 52.48 -10.21
C MET F 222 5.22 53.80 -10.20
N ASP F 223 4.96 54.67 -11.18
CA ASP F 223 5.67 55.94 -11.26
C ASP F 223 5.35 56.84 -10.07
N GLU F 224 4.09 56.86 -9.65
CA GLU F 224 3.71 57.67 -8.49
C GLU F 224 4.38 57.19 -7.22
N PHE F 225 4.41 55.87 -7.01
CA PHE F 225 5.05 55.34 -5.81
C PHE F 225 6.55 55.60 -5.83
N ILE F 226 7.19 55.48 -7.00
CA ILE F 226 8.62 55.76 -7.11
C ILE F 226 8.88 57.23 -6.82
N GLU F 227 8.06 58.12 -7.39
CA GLU F 227 8.28 59.55 -7.24
C GLU F 227 8.05 60.00 -5.80
N ARG F 228 7.01 59.47 -5.14
CA ARG F 228 6.68 59.94 -3.80
C ARG F 228 7.79 59.60 -2.80
N TYR F 229 8.33 58.38 -2.87
CA TYR F 229 9.31 57.94 -1.91
C TYR F 229 10.74 58.09 -2.42
N LYS F 230 10.92 58.77 -3.55
CA LYS F 230 12.25 59.08 -4.10
C LYS F 230 13.07 57.81 -4.32
N LEU F 231 12.40 56.75 -4.80
CA LEU F 231 13.05 55.47 -5.01
C LEU F 231 13.77 55.39 -6.36
N GLU F 232 14.09 56.54 -6.96
CA GLU F 232 14.84 56.55 -8.20
C GLU F 232 16.24 56.01 -7.99
N GLY F 233 16.75 55.30 -8.99
CA GLY F 233 18.08 54.74 -8.91
C GLY F 233 18.19 53.45 -8.14
N TYR F 234 17.08 52.76 -7.88
CA TYR F 234 17.11 51.49 -7.17
C TYR F 234 16.37 50.39 -7.93
N ALA F 235 15.97 50.64 -9.17
CA ALA F 235 15.38 49.63 -10.06
C ALA F 235 14.17 48.96 -9.45
N PHE F 236 13.32 49.74 -8.77
CA PHE F 236 12.11 49.18 -8.19
C PHE F 236 11.11 48.72 -9.24
N GLU F 237 11.31 49.11 -10.50
CA GLU F 237 10.41 48.66 -11.57
C GLU F 237 10.50 47.16 -11.81
N ALA F 238 11.71 46.59 -11.72
CA ALA F 238 11.91 45.17 -11.95
C ALA F 238 12.10 44.38 -10.67
N ILE F 239 12.64 45.00 -9.62
CA ILE F 239 12.90 44.28 -8.37
C ILE F 239 11.60 43.84 -7.71
N VAL F 240 10.60 44.73 -7.67
CA VAL F 240 9.38 44.49 -6.93
C VAL F 240 8.17 44.36 -7.83
N TYR F 241 8.05 45.23 -8.84
CA TYR F 241 6.84 45.25 -9.64
C TYR F 241 6.75 44.08 -10.62
N GLY F 242 7.88 43.57 -11.09
CA GLY F 242 7.89 42.47 -12.03
C GLY F 242 7.93 42.93 -13.47
N ASP F 243 8.39 42.03 -14.35
CA ASP F 243 8.61 42.32 -15.76
C ASP F 243 7.91 41.25 -16.60
N PHE F 244 6.63 41.45 -16.89
CA PHE F 244 5.84 40.49 -17.66
C PHE F 244 5.80 40.89 -19.13
N SER F 245 6.98 41.07 -19.71
CA SER F 245 7.11 41.51 -21.09
C SER F 245 7.80 40.51 -22.00
N HIS F 246 8.61 39.62 -21.47
CA HIS F 246 9.32 38.62 -22.26
C HIS F 246 8.73 37.24 -21.97
N SER F 247 9.33 36.23 -22.60
CA SER F 247 8.90 34.85 -22.34
C SER F 247 9.28 34.42 -20.93
N GLN F 248 10.21 35.12 -20.29
CA GLN F 248 10.66 34.81 -18.94
C GLN F 248 10.39 35.99 -18.03
N LEU F 249 9.93 35.70 -16.82
CA LEU F 249 9.70 36.74 -15.83
C LEU F 249 11.04 37.32 -15.34
N GLY F 250 11.07 38.63 -15.14
CA GLY F 250 12.25 39.31 -14.65
C GLY F 250 12.01 39.88 -13.25
N GLY F 251 12.95 39.60 -12.36
CA GLY F 251 12.90 40.20 -11.03
C GLY F 251 11.78 39.64 -10.18
N LEU F 252 11.03 40.54 -9.55
CA LEU F 252 9.87 40.19 -8.72
C LEU F 252 10.28 39.28 -7.56
N HIS F 253 11.07 39.84 -6.64
CA HIS F 253 11.63 39.07 -5.54
C HIS F 253 11.13 39.53 -4.17
N LEU F 254 9.99 40.21 -4.12
CA LEU F 254 9.32 40.54 -2.87
C LEU F 254 7.88 40.12 -2.96
N LEU F 255 7.31 39.68 -1.84
CA LEU F 255 5.95 39.16 -1.85
C LEU F 255 4.93 40.26 -2.15
N ILE F 256 5.26 41.51 -1.85
CA ILE F 256 4.31 42.61 -2.02
C ILE F 256 3.98 42.81 -3.50
N GLY F 257 5.00 42.77 -4.36
CA GLY F 257 4.75 42.92 -5.79
C GLY F 257 3.97 41.75 -6.36
N LEU F 258 4.27 40.55 -5.87
CA LEU F 258 3.50 39.37 -6.29
C LEU F 258 2.04 39.51 -5.91
N ALA F 259 1.76 40.00 -4.70
CA ALA F 259 0.38 40.20 -4.27
C ALA F 259 -0.31 41.26 -5.12
N LYS F 260 0.42 42.33 -5.46
CA LYS F 260 -0.17 43.37 -6.31
C LYS F 260 -0.52 42.81 -7.69
N ARG F 261 0.38 42.02 -8.27
CA ARG F 261 0.09 41.41 -9.57
C ARG F 261 -1.07 40.43 -9.47
N PHE F 262 -1.13 39.66 -8.40
CA PHE F 262 -2.23 38.71 -8.21
C PHE F 262 -3.56 39.45 -8.10
N LYS F 263 -3.56 40.61 -7.46
CA LYS F 263 -4.74 41.47 -7.49
C LYS F 263 -5.04 41.92 -8.91
N GLU F 264 -4.01 42.28 -9.67
CA GLU F 264 -4.21 42.70 -11.06
C GLU F 264 -4.63 41.51 -11.93
N SER F 265 -3.91 40.39 -11.84
CA SER F 265 -4.21 39.21 -12.63
C SER F 265 -3.61 37.96 -11.98
N PRO F 266 -4.42 36.93 -11.73
CA PRO F 266 -3.91 35.75 -11.02
C PRO F 266 -2.92 34.96 -11.85
N PHE F 267 -2.05 34.24 -11.15
CA PHE F 267 -1.04 33.40 -11.78
C PHE F 267 -0.84 32.16 -10.91
N GLU F 268 0.17 31.36 -11.27
CA GLU F 268 0.44 30.08 -10.64
C GLU F 268 1.72 30.17 -9.82
N LEU F 269 1.68 29.61 -8.61
CA LEU F 269 2.86 29.46 -7.76
C LEU F 269 3.04 27.97 -7.49
N GLU F 270 3.87 27.31 -8.29
CA GLU F 270 4.16 25.90 -8.09
C GLU F 270 5.30 25.80 -7.08
N ASP F 271 4.94 25.71 -5.81
CA ASP F 271 5.93 25.56 -4.74
C ASP F 271 6.45 24.13 -4.78
N PHE F 272 7.50 23.92 -5.55
CA PHE F 272 8.03 22.56 -5.71
C PHE F 272 8.74 22.05 -4.47
N ILE F 273 9.07 22.92 -3.52
CA ILE F 273 9.58 22.48 -2.22
C ILE F 273 8.65 23.04 -1.16
N PRO F 274 7.62 22.32 -0.76
CA PRO F 274 6.64 22.87 0.17
C PRO F 274 7.13 22.89 1.61
N MET F 275 7.91 23.91 1.96
CA MET F 275 8.42 24.02 3.32
C MET F 275 8.63 25.48 3.65
N ASP F 276 8.75 25.75 4.95
CA ASP F 276 8.85 27.11 5.45
C ASP F 276 10.32 27.50 5.58
N SER F 277 10.69 28.61 4.96
CA SER F 277 12.05 29.13 5.06
C SER F 277 12.00 30.64 4.92
N THR F 278 13.11 31.29 5.28
CA THR F 278 13.17 32.74 5.19
C THR F 278 13.08 33.20 3.74
N VAL F 279 13.74 32.49 2.82
CA VAL F 279 13.65 32.76 1.40
C VAL F 279 12.97 31.58 0.74
N LYS F 280 11.93 31.85 -0.04
CA LYS F 280 11.15 30.84 -0.74
C LYS F 280 11.37 30.95 -2.23
N ASN F 281 11.32 29.82 -2.93
CA ASN F 281 11.39 29.80 -4.38
C ASN F 281 10.07 29.30 -4.93
N TYR F 282 9.53 30.00 -5.92
CA TYR F 282 8.26 29.63 -6.53
C TYR F 282 8.45 29.46 -8.04
N PHE F 283 7.67 28.56 -8.60
CA PHE F 283 7.66 28.29 -10.04
C PHE F 283 6.49 29.08 -10.61
N ILE F 284 6.78 30.26 -11.12
CA ILE F 284 5.73 31.17 -11.56
C ILE F 284 5.48 31.01 -13.04
N THR F 285 4.20 30.97 -13.42
CA THR F 285 3.77 30.93 -14.82
C THR F 285 2.60 31.88 -14.97
N ASP F 286 2.84 33.04 -15.55
CA ASP F 286 1.80 34.06 -15.70
C ASP F 286 0.76 33.58 -16.71
N ALA F 287 -0.50 33.54 -16.29
CA ALA F 287 -1.59 33.02 -17.11
C ALA F 287 -2.02 34.00 -18.19
N GLN F 288 -1.71 35.28 -18.05
CA GLN F 288 -2.19 36.28 -19.00
C GLN F 288 -1.23 36.45 -20.17
N THR F 289 0.03 36.79 -19.88
CA THR F 289 0.99 37.08 -20.92
C THR F 289 1.81 35.87 -21.36
N GLY F 290 1.70 34.76 -20.65
CA GLY F 290 2.52 33.60 -20.96
C GLY F 290 3.95 33.67 -20.49
N SER F 291 4.25 34.52 -19.51
CA SER F 291 5.60 34.65 -18.99
C SER F 291 5.78 33.73 -17.79
N SER F 292 6.73 32.81 -17.88
CA SER F 292 6.98 31.85 -16.82
C SER F 292 8.45 31.79 -16.47
N LYS F 293 8.72 31.68 -15.17
CA LYS F 293 10.08 31.57 -14.65
C LYS F 293 10.14 30.38 -13.71
N CYS F 294 11.19 29.55 -13.86
CA CYS F 294 11.27 28.33 -13.08
C CYS F 294 11.57 28.62 -11.60
N VAL F 295 12.56 29.45 -11.33
CA VAL F 295 12.97 29.76 -9.97
C VAL F 295 12.82 31.26 -9.75
N CYS F 296 12.14 31.63 -8.67
CA CYS F 296 11.92 33.03 -8.32
C CYS F 296 12.03 33.14 -6.80
N SER F 297 13.19 33.61 -6.34
CA SER F 297 13.46 33.65 -4.90
C SER F 297 12.75 34.85 -4.29
N VAL F 298 11.84 34.58 -3.34
CA VAL F 298 10.97 35.58 -2.77
C VAL F 298 11.20 35.63 -1.27
N ILE F 299 11.41 36.83 -0.74
CA ILE F 299 11.52 37.05 0.69
C ILE F 299 10.52 38.12 1.07
N ASP F 300 9.72 37.84 2.11
CA ASP F 300 8.63 38.75 2.50
C ASP F 300 9.10 39.67 3.64
N LEU F 301 9.96 40.61 3.28
CA LEU F 301 10.42 41.62 4.21
C LEU F 301 9.40 42.74 4.33
N LEU F 302 9.47 43.45 5.45
CA LEU F 302 8.72 44.69 5.59
C LEU F 302 9.27 45.73 4.64
N LEU F 303 8.37 46.46 3.97
CA LEU F 303 8.80 47.38 2.92
C LEU F 303 9.65 48.50 3.48
N ASP F 304 9.32 48.98 4.68
CA ASP F 304 10.17 49.97 5.34
C ASP F 304 11.55 49.40 5.63
N ASP F 305 11.61 48.17 6.13
CA ASP F 305 12.89 47.53 6.42
C ASP F 305 13.68 47.29 5.14
N PHE F 306 13.01 46.87 4.08
CA PHE F 306 13.70 46.65 2.81
C PHE F 306 14.23 47.96 2.25
N VAL F 307 13.46 49.04 2.37
CA VAL F 307 13.93 50.35 1.93
C VAL F 307 15.15 50.78 2.73
N GLU F 308 15.10 50.58 4.04
CA GLU F 308 16.24 50.92 4.89
C GLU F 308 17.48 50.14 4.50
N ILE F 309 17.31 48.85 4.19
CA ILE F 309 18.45 48.02 3.81
C ILE F 309 19.01 48.48 2.47
N ILE F 310 18.14 48.65 1.47
CA ILE F 310 18.60 48.93 0.12
C ILE F 310 19.17 50.34 0.00
N LYS F 311 18.76 51.27 0.85
CA LYS F 311 19.33 52.61 0.83
C LYS F 311 20.58 52.72 1.67
N SER F 312 21.03 51.64 2.29
CA SER F 312 22.33 51.59 2.95
C SER F 312 23.40 50.94 2.10
N GLN F 313 23.08 50.62 0.84
CA GLN F 313 24.04 50.00 -0.07
C GLN F 313 24.77 51.06 -0.89
N ASP F 314 25.83 50.63 -1.58
CA ASP F 314 26.64 51.51 -2.39
C ASP F 314 26.52 51.07 -3.86
N LEU F 315 26.06 51.99 -4.71
CA LEU F 315 25.86 51.71 -6.13
C LEU F 315 27.07 52.20 -6.92
N SER F 316 28.22 51.58 -6.62
CA SER F 316 29.47 52.00 -7.23
C SER F 316 30.23 50.82 -7.81
N VAL F 317 29.85 49.61 -7.42
CA VAL F 317 30.52 48.40 -7.87
C VAL F 317 29.68 47.76 -8.97
N VAL F 318 30.32 46.92 -9.77
CA VAL F 318 29.60 46.15 -10.79
C VAL F 318 28.76 45.06 -10.14
N SER F 319 29.32 44.38 -9.16
CA SER F 319 28.60 43.33 -8.43
C SER F 319 29.09 43.30 -6.99
N LYS F 320 28.24 42.83 -6.10
CA LYS F 320 28.57 42.73 -4.69
C LYS F 320 27.62 41.75 -4.01
N VAL F 321 28.13 41.04 -3.02
CA VAL F 321 27.34 40.13 -2.19
C VAL F 321 27.09 40.80 -0.85
N VAL F 322 25.83 40.91 -0.46
CA VAL F 322 25.43 41.65 0.73
C VAL F 322 25.01 40.65 1.81
N LYS F 323 25.56 40.81 3.01
CA LYS F 323 25.23 39.95 4.14
C LYS F 323 24.24 40.67 5.03
N VAL F 324 22.98 40.28 4.96
CA VAL F 324 21.92 40.86 5.78
C VAL F 324 21.42 39.78 6.73
N THR F 325 21.49 40.04 8.02
CA THR F 325 20.97 39.13 9.02
C THR F 325 19.45 39.26 9.05
N ILE F 326 18.76 38.29 8.47
CA ILE F 326 17.30 38.28 8.43
C ILE F 326 16.81 37.01 9.10
N ASP F 327 15.93 37.17 10.09
CA ASP F 327 15.40 36.05 10.87
C ASP F 327 16.52 35.20 11.48
N TYR F 328 17.49 35.88 12.10
CA TYR F 328 18.60 35.26 12.81
C TYR F 328 19.48 34.41 11.90
N THR F 329 19.55 34.75 10.62
CA THR F 329 20.42 34.02 9.72
C THR F 329 20.94 34.97 8.65
N GLU F 330 22.08 34.59 8.06
CA GLU F 330 22.70 35.41 7.03
C GLU F 330 22.06 35.11 5.68
N ILE F 331 21.71 36.16 4.95
CA ILE F 331 21.14 36.05 3.61
C ILE F 331 22.05 36.80 2.65
N SER F 332 22.44 36.14 1.56
CA SER F 332 23.34 36.73 0.57
C SER F 332 22.53 37.29 -0.58
N PHE F 333 22.72 38.58 -0.86
CA PHE F 333 22.03 39.26 -1.95
C PHE F 333 23.00 39.55 -3.08
N MET F 334 22.63 39.14 -4.29
CA MET F 334 23.46 39.36 -5.47
C MET F 334 22.98 40.64 -6.15
N LEU F 335 23.76 41.71 -5.99
CA LEU F 335 23.41 43.03 -6.52
C LEU F 335 24.27 43.31 -7.74
N TRP F 336 23.67 43.22 -8.92
CA TRP F 336 24.32 43.58 -10.18
C TRP F 336 23.83 44.97 -10.56
N CYS F 337 24.56 45.99 -10.08
CA CYS F 337 24.20 47.38 -10.34
C CYS F 337 25.24 48.01 -11.26
N LYS F 338 24.77 48.74 -12.25
CA LYS F 338 25.63 49.42 -13.21
C LYS F 338 26.02 50.79 -12.66
N ASP F 339 26.61 51.63 -13.50
CA ASP F 339 27.01 52.97 -13.08
C ASP F 339 25.79 53.86 -12.91
N GLY F 340 25.24 53.89 -11.69
CA GLY F 340 24.02 54.62 -11.42
C GLY F 340 22.75 53.87 -11.74
N HIS F 341 22.85 52.70 -12.36
CA HIS F 341 21.71 51.87 -12.70
C HIS F 341 21.90 50.49 -12.09
N VAL F 342 20.87 49.67 -12.18
CA VAL F 342 20.89 48.30 -11.65
C VAL F 342 20.48 47.34 -12.76
N GLU F 343 21.29 46.32 -12.98
CA GLU F 343 20.92 45.28 -13.94
C GLU F 343 19.92 44.30 -13.33
N THR F 344 20.31 43.65 -12.24
CA THR F 344 19.44 42.71 -11.55
C THR F 344 19.84 42.65 -10.08
N PHE F 345 18.88 42.26 -9.24
CA PHE F 345 19.11 42.15 -7.80
C PHE F 345 18.20 41.05 -7.27
N TYR F 346 18.72 39.82 -7.25
CA TYR F 346 17.95 38.66 -6.85
C TYR F 346 18.56 38.05 -5.60
N PRO F 347 17.78 37.82 -4.55
CA PRO F 347 18.34 37.21 -3.34
C PRO F 347 18.81 35.79 -3.59
N LYS F 348 19.90 35.43 -2.92
CA LYS F 348 20.46 34.09 -3.01
C LYS F 348 20.55 33.46 -1.62
#